data_4BNM
#
_entry.id   4BNM
#
_cell.length_a   89.110
_cell.length_b   94.800
_cell.length_c   94.570
_cell.angle_alpha   98.02
_cell.angle_beta   112.18
_cell.angle_gamma   97.44
#
_symmetry.space_group_name_H-M   'P 1'
#
loop_
_entity.id
_entity.type
_entity.pdbx_description
1 polymer 'ENOYL-[ACYL-CARRIER-PROTEIN] REDUCTASE [NADPH]'
2 non-polymer 5-HEXYL-2-(2-METHYLPHENOXY)PHENOL
3 non-polymer 'NADP NICOTINAMIDE-ADENINE-DINUCLEOTIDE PHOSPHATE'
4 non-polymer 'GLUTAMIC ACID'
5 water water
#
_entity_poly.entity_id   1
_entity_poly.type   'polypeptide(L)'
_entity_poly.pdbx_seq_one_letter_code
;MKHHHHHHPMSDYDIPTTENLYFQGAMVNLENKTYVIMGIANKRSIAFGVAKVLDQLGAKLVFTYRKERSRKELEKLLEQ
LNQPEAHLYQIDVQSDEEVINGFEQIGKDVGNIDGVYHSIAFANMEDLRGRFSETSREGFLLAQDISSYSLTIVAHEAKK
LMPEGGSIVATTYLGGEFAVQNYNVMGVAKASLEANVKYLALDLGPDNIRVNAISAGPIRTLSAKGVGGFNTILKEIEER
APLKRNVDQVEVGKTAAYLLSDLSSGVTGENIHVDSGFHAIK
;
_entity_poly.pdbx_strand_id   A,B,C,D,E,F,G,H
#
loop_
_chem_comp.id
_chem_comp.type
_chem_comp.name
_chem_comp.formula
NAP non-polymer 'NADP NICOTINAMIDE-ADENINE-DINUCLEOTIDE PHOSPHATE' 'C21 H28 N7 O17 P3'
TCU non-polymer 5-HEXYL-2-(2-METHYLPHENOXY)PHENOL 'C19 H24 O2'
#
# COMPACT_ATOMS: atom_id res chain seq x y z
N ASN A 29 -24.03 11.95 27.11
CA ASN A 29 -23.29 11.45 28.30
C ASN A 29 -23.35 9.93 28.52
N LEU A 30 -22.19 9.28 28.47
CA LEU A 30 -22.12 7.83 28.42
C LEU A 30 -21.54 7.16 29.69
N GLU A 31 -21.64 7.85 30.83
CA GLU A 31 -21.28 7.29 32.12
C GLU A 31 -22.02 5.99 32.41
N ASN A 32 -21.39 5.05 33.09
CA ASN A 32 -22.03 3.76 33.38
C ASN A 32 -22.53 3.06 32.09
N LYS A 33 -21.97 3.41 30.93
CA LYS A 33 -22.12 2.58 29.71
C LYS A 33 -20.84 1.83 29.36
N THR A 34 -20.98 0.64 28.78
CA THR A 34 -19.82 -0.11 28.33
C THR A 34 -19.88 -0.51 26.85
N TYR A 35 -18.86 -0.10 26.09
CA TYR A 35 -18.80 -0.43 24.69
C TYR A 35 -17.56 -1.23 24.36
N VAL A 36 -17.77 -2.17 23.46
CA VAL A 36 -16.67 -2.94 22.84
C VAL A 36 -16.35 -2.30 21.49
N ILE A 37 -15.08 -1.94 21.37
CA ILE A 37 -14.58 -1.34 20.14
C ILE A 37 -13.65 -2.33 19.48
N MET A 38 -14.05 -2.76 18.29
CA MET A 38 -13.31 -3.80 17.58
C MET A 38 -12.59 -3.18 16.40
N GLY A 39 -11.27 -3.31 16.41
CA GLY A 39 -10.48 -3.05 15.22
C GLY A 39 -9.64 -1.79 15.21
N ILE A 40 -9.12 -1.35 16.36
CA ILE A 40 -8.00 -0.43 16.39
C ILE A 40 -6.68 -1.12 16.06
N ALA A 41 -5.89 -0.55 15.14
CA ALA A 41 -4.51 -0.98 14.89
C ALA A 41 -3.51 0.09 15.34
N ASN A 42 -3.86 1.37 15.24
CA ASN A 42 -2.93 2.45 15.57
C ASN A 42 -3.70 3.75 15.74
N LYS A 43 -2.97 4.83 15.98
CA LYS A 43 -3.63 6.12 16.25
C LYS A 43 -4.46 6.64 15.07
N ARG A 44 -4.19 6.16 13.86
CA ARG A 44 -4.89 6.64 12.66
CA ARG A 44 -4.92 6.68 12.71
C ARG A 44 -6.19 5.86 12.43
N SER A 45 -6.37 4.76 13.17
CA SER A 45 -7.61 3.96 13.03
C SER A 45 -8.91 4.67 13.29
N ILE A 46 -9.89 4.38 12.44
CA ILE A 46 -11.18 5.07 12.57
C ILE A 46 -11.72 4.78 13.95
N ALA A 47 -11.52 3.56 14.42
CA ALA A 47 -12.09 3.14 15.69
C ALA A 47 -11.42 3.84 16.88
N PHE A 48 -10.19 4.35 16.71
CA PHE A 48 -9.58 5.13 17.79
C PHE A 48 -10.24 6.49 17.85
N GLY A 49 -10.71 6.97 16.69
CA GLY A 49 -11.59 8.14 16.62
C GLY A 49 -12.87 7.89 17.42
N VAL A 50 -13.48 6.74 17.18
CA VAL A 50 -14.58 6.31 18.02
C VAL A 50 -14.18 6.26 19.51
N ALA A 51 -13.06 5.59 19.80
CA ALA A 51 -12.58 5.43 21.17
C ALA A 51 -12.52 6.76 21.92
N LYS A 52 -11.73 7.72 21.43
CA LYS A 52 -11.62 9.03 22.09
C LYS A 52 -12.95 9.73 22.34
N VAL A 53 -13.88 9.60 21.42
CA VAL A 53 -15.15 10.27 21.61
C VAL A 53 -15.92 9.66 22.79
N LEU A 54 -16.02 8.33 22.80
CA LEU A 54 -16.82 7.66 23.81
C LEU A 54 -16.06 7.77 25.11
N ASP A 55 -14.74 7.87 25.01
CA ASP A 55 -13.95 8.01 26.22
C ASP A 55 -14.26 9.38 26.80
N GLN A 56 -14.36 10.41 25.95
CA GLN A 56 -14.59 11.75 26.47
C GLN A 56 -15.95 11.81 27.11
N LEU A 57 -16.90 11.07 26.53
CA LEU A 57 -18.28 11.08 26.96
C LEU A 57 -18.52 10.21 28.20
N GLY A 58 -17.49 9.56 28.73
CA GLY A 58 -17.60 8.88 30.03
C GLY A 58 -17.78 7.35 30.03
N ALA A 59 -17.84 6.73 28.85
CA ALA A 59 -18.01 5.28 28.71
C ALA A 59 -16.77 4.48 29.19
N LYS A 60 -17.07 3.30 29.74
CA LYS A 60 -16.09 2.25 29.95
C LYS A 60 -15.93 1.55 28.62
N LEU A 61 -14.69 1.26 28.24
CA LEU A 61 -14.35 0.74 26.92
C LEU A 61 -13.53 -0.55 26.99
N VAL A 62 -13.73 -1.43 26.02
CA VAL A 62 -13.12 -2.75 25.96
C VAL A 62 -12.67 -2.85 24.51
N PHE A 63 -11.44 -3.32 24.28
CA PHE A 63 -10.87 -3.23 22.93
C PHE A 63 -10.54 -4.62 22.48
N THR A 64 -10.80 -4.92 21.22
CA THR A 64 -10.37 -6.21 20.74
C THR A 64 -9.44 -6.03 19.56
N TYR A 65 -8.43 -6.89 19.43
CA TYR A 65 -7.43 -6.71 18.37
C TYR A 65 -7.15 -8.05 17.71
N ARG A 66 -6.43 -8.06 16.60
CA ARG A 66 -5.96 -9.31 16.03
C ARG A 66 -4.44 -9.45 16.19
N LYS A 67 -3.66 -8.51 15.65
CA LYS A 67 -2.20 -8.62 15.56
C LYS A 67 -1.52 -8.18 16.87
N GLU A 68 -0.44 -8.85 17.21
CA GLU A 68 0.41 -8.52 18.34
CA GLU A 68 0.27 -8.48 18.42
C GLU A 68 0.69 -7.01 18.37
N ARG A 69 1.13 -6.50 17.22
CA ARG A 69 1.49 -5.10 17.04
C ARG A 69 0.32 -4.19 17.46
N SER A 70 -0.90 -4.56 17.07
CA SER A 70 -2.09 -3.81 17.43
C SER A 70 -2.32 -3.72 18.94
N ARG A 71 -2.13 -4.84 19.65
CA ARG A 71 -2.19 -4.86 21.10
CA ARG A 71 -2.23 -4.81 21.11
C ARG A 71 -1.18 -3.86 21.68
N LYS A 72 0.02 -3.89 21.13
CA LYS A 72 1.09 -2.98 21.57
C LYS A 72 0.71 -1.51 21.39
N GLU A 73 0.18 -1.19 20.21
CA GLU A 73 -0.31 0.15 19.90
C GLU A 73 -1.48 0.52 20.81
N LEU A 74 -2.33 -0.44 21.11
CA LEU A 74 -3.47 -0.23 22.01
C LEU A 74 -2.99 0.10 23.40
N GLU A 75 -1.97 -0.61 23.88
CA GLU A 75 -1.50 -0.44 25.24
C GLU A 75 -1.02 0.99 25.47
N LYS A 76 -0.49 1.54 24.40
CA LYS A 76 0.20 2.82 24.38
C LYS A 76 -0.85 3.92 24.16
N LEU A 77 -1.82 3.67 23.28
CA LEU A 77 -2.89 4.61 22.99
C LEU A 77 -3.76 4.84 24.20
N LEU A 78 -3.94 3.80 25.00
CA LEU A 78 -4.70 3.87 26.25
C LEU A 78 -4.16 4.93 27.24
N GLU A 79 -2.90 5.34 27.10
CA GLU A 79 -2.40 6.41 27.97
C GLU A 79 -3.05 7.75 27.70
N GLN A 80 -3.58 7.91 26.50
CA GLN A 80 -4.31 9.10 26.10
C GLN A 80 -5.78 9.11 26.52
N LEU A 81 -6.29 7.98 27.03
CA LEU A 81 -7.69 7.91 27.36
C LEU A 81 -7.88 7.91 28.86
N ASN A 82 -9.11 8.10 29.30
CA ASN A 82 -9.38 8.10 30.72
C ASN A 82 -9.72 6.72 31.23
N GLN A 83 -9.66 5.68 30.40
CA GLN A 83 -9.95 4.34 30.93
C GLN A 83 -8.97 4.05 32.05
N PRO A 84 -9.44 3.77 33.29
CA PRO A 84 -8.42 3.40 34.26
C PRO A 84 -7.92 1.95 34.12
N GLU A 85 -8.62 1.12 33.34
CA GLU A 85 -8.26 -0.28 33.10
C GLU A 85 -8.12 -0.56 31.62
N ALA A 86 -7.11 -1.37 31.27
CA ALA A 86 -6.94 -1.96 29.93
C ALA A 86 -7.82 -3.21 29.80
N HIS A 87 -8.89 -3.12 29.02
CA HIS A 87 -9.64 -4.32 28.71
C HIS A 87 -9.30 -4.72 27.27
N LEU A 88 -8.27 -5.56 27.12
CA LEU A 88 -7.74 -5.94 25.81
C LEU A 88 -7.88 -7.43 25.50
N TYR A 89 -8.67 -7.77 24.48
CA TYR A 89 -8.92 -9.15 24.13
C TYR A 89 -8.47 -9.42 22.71
N GLN A 90 -7.79 -10.54 22.48
CA GLN A 90 -7.40 -10.92 21.14
C GLN A 90 -8.58 -11.62 20.51
N ILE A 91 -9.15 -11.07 19.44
CA ILE A 91 -10.21 -11.77 18.77
C ILE A 91 -10.00 -11.62 17.27
N ASP A 92 -9.52 -12.69 16.64
CA ASP A 92 -9.49 -12.75 15.18
C ASP A 92 -10.87 -13.19 14.71
N VAL A 93 -11.61 -12.30 14.07
CA VAL A 93 -12.96 -12.64 13.65
C VAL A 93 -13.03 -13.72 12.57
N GLN A 94 -11.89 -14.25 12.10
CA GLN A 94 -11.98 -15.43 11.22
C GLN A 94 -12.27 -16.72 12.00
N SER A 95 -12.09 -16.67 13.33
CA SER A 95 -12.38 -17.83 14.18
C SER A 95 -13.61 -17.63 15.07
N ASP A 96 -14.61 -18.46 14.84
CA ASP A 96 -15.76 -18.59 15.72
C ASP A 96 -15.41 -18.73 17.20
N GLU A 97 -14.52 -19.68 17.46
CA GLU A 97 -14.03 -19.98 18.80
CA GLU A 97 -14.05 -19.97 18.82
C GLU A 97 -13.57 -18.72 19.55
N GLU A 98 -12.74 -17.91 18.88
CA GLU A 98 -12.17 -16.71 19.47
C GLU A 98 -13.23 -15.63 19.70
N VAL A 99 -14.20 -15.54 18.79
CA VAL A 99 -15.25 -14.55 18.93
C VAL A 99 -16.12 -14.94 20.11
N ILE A 100 -16.56 -16.21 20.12
CA ILE A 100 -17.40 -16.73 21.18
C ILE A 100 -16.75 -16.62 22.56
N ASN A 101 -15.54 -17.16 22.68
CA ASN A 101 -14.76 -17.13 23.91
C ASN A 101 -14.40 -15.72 24.35
N GLY A 102 -14.06 -14.86 23.39
CA GLY A 102 -13.72 -13.47 23.66
C GLY A 102 -14.86 -12.73 24.32
N PHE A 103 -16.04 -12.82 23.70
CA PHE A 103 -17.23 -12.16 24.24
C PHE A 103 -17.67 -12.79 25.54
N GLU A 104 -17.39 -14.06 25.73
CA GLU A 104 -17.72 -14.66 26.98
C GLU A 104 -16.75 -14.15 28.06
N GLN A 105 -15.48 -14.08 27.72
CA GLN A 105 -14.51 -13.58 28.70
C GLN A 105 -14.92 -12.17 29.08
N ILE A 106 -15.39 -11.42 28.09
CA ILE A 106 -15.68 -10.00 28.23
C ILE A 106 -16.85 -9.86 29.19
N GLY A 107 -17.87 -10.71 29.02
CA GLY A 107 -18.95 -10.84 29.99
C GLY A 107 -18.49 -11.14 31.40
N LYS A 108 -17.56 -12.07 31.55
CA LYS A 108 -17.04 -12.42 32.87
C LYS A 108 -16.24 -11.26 33.48
N ASP A 109 -15.46 -10.54 32.67
CA ASP A 109 -14.60 -9.45 33.20
C ASP A 109 -15.33 -8.15 33.53
N VAL A 110 -16.22 -7.72 32.64
CA VAL A 110 -16.91 -6.43 32.80
C VAL A 110 -18.44 -6.52 32.90
N GLY A 111 -19.02 -7.69 32.67
CA GLY A 111 -20.48 -7.81 32.75
C GLY A 111 -21.16 -7.49 31.43
N ASN A 112 -22.44 -7.14 31.53
CA ASN A 112 -23.28 -6.73 30.40
C ASN A 112 -22.75 -5.45 29.77
N ILE A 113 -22.90 -5.32 28.47
CA ILE A 113 -22.43 -4.17 27.71
C ILE A 113 -23.63 -3.45 27.09
N ASP A 114 -23.43 -2.22 26.64
CA ASP A 114 -24.47 -1.47 25.94
C ASP A 114 -24.29 -1.38 24.43
N GLY A 115 -23.12 -1.76 23.90
CA GLY A 115 -23.00 -1.81 22.43
C GLY A 115 -21.64 -2.20 21.95
N VAL A 116 -21.52 -2.36 20.63
CA VAL A 116 -20.26 -2.77 19.99
C VAL A 116 -20.03 -1.87 18.78
N TYR A 117 -18.82 -1.36 18.66
CA TYR A 117 -18.43 -0.67 17.44
C TYR A 117 -17.49 -1.57 16.63
N HIS A 118 -17.96 -1.99 15.44
CA HIS A 118 -17.22 -2.88 14.56
C HIS A 118 -16.53 -2.04 13.48
N SER A 119 -15.21 -2.14 13.44
CA SER A 119 -14.39 -1.35 12.55
C SER A 119 -13.38 -2.33 11.94
N ILE A 120 -13.88 -3.44 11.40
CA ILE A 120 -12.99 -4.47 10.87
C ILE A 120 -13.26 -4.77 9.38
N ALA A 121 -12.20 -4.78 8.57
CA ALA A 121 -12.32 -5.36 7.22
C ALA A 121 -10.95 -5.77 6.69
N PHE A 122 -10.93 -6.59 5.64
CA PHE A 122 -9.70 -7.01 5.03
C PHE A 122 -9.99 -7.39 3.60
N ALA A 123 -9.11 -7.08 2.67
CA ALA A 123 -9.01 -7.82 1.39
C ALA A 123 -7.53 -7.81 1.01
N ASN A 124 -7.16 -8.69 0.11
CA ASN A 124 -5.81 -8.71 -0.43
C ASN A 124 -5.58 -7.47 -1.29
N MET A 125 -4.36 -6.94 -1.24
CA MET A 125 -3.92 -5.87 -2.12
C MET A 125 -4.22 -6.06 -3.59
N GLU A 126 -4.05 -7.26 -4.15
CA GLU A 126 -4.34 -7.46 -5.58
C GLU A 126 -5.81 -7.25 -5.95
N ASP A 127 -6.66 -7.10 -4.94
CA ASP A 127 -8.08 -7.16 -5.21
C ASP A 127 -8.56 -5.73 -4.97
N LEU A 128 -7.60 -4.81 -4.86
CA LEU A 128 -7.96 -3.42 -4.57
C LEU A 128 -7.48 -2.43 -5.66
N ARG A 129 -7.45 -2.95 -6.89
CA ARG A 129 -6.86 -2.28 -8.06
C ARG A 129 -7.10 -3.06 -9.35
N GLY A 130 -6.52 -2.64 -10.46
CA GLY A 130 -6.82 -3.30 -11.75
C GLY A 130 -8.28 -3.76 -11.81
N ARG A 131 -8.51 -4.99 -12.30
CA ARG A 131 -9.85 -5.34 -12.81
C ARG A 131 -10.62 -6.26 -11.88
N PHE A 132 -11.78 -5.80 -11.39
CA PHE A 132 -12.71 -6.61 -10.59
C PHE A 132 -13.07 -7.99 -11.19
N SER A 133 -13.26 -8.06 -12.50
CA SER A 133 -13.62 -9.33 -13.14
C SER A 133 -12.55 -10.41 -12.88
N GLU A 134 -11.37 -9.99 -12.41
CA GLU A 134 -10.26 -10.94 -12.26
C GLU A 134 -10.06 -11.43 -10.83
N THR A 135 -10.87 -10.89 -9.92
CA THR A 135 -10.92 -11.34 -8.53
C THR A 135 -11.04 -12.86 -8.36
N SER A 136 -10.17 -13.43 -7.52
CA SER A 136 -10.17 -14.84 -7.19
C SER A 136 -11.28 -15.15 -6.17
N ARG A 137 -11.81 -16.37 -6.23
CA ARG A 137 -12.75 -16.89 -5.24
C ARG A 137 -12.26 -16.75 -3.80
N GLU A 138 -10.98 -17.08 -3.60
CA GLU A 138 -10.37 -17.07 -2.28
C GLU A 138 -10.35 -15.61 -1.80
N GLY A 139 -10.02 -14.70 -2.72
CA GLY A 139 -9.92 -13.29 -2.37
C GLY A 139 -11.29 -12.68 -2.05
N PHE A 140 -12.24 -13.05 -2.90
CA PHE A 140 -13.65 -12.67 -2.73
C PHE A 140 -14.21 -13.19 -1.39
N LEU A 141 -14.00 -14.46 -1.08
CA LEU A 141 -14.65 -15.00 0.12
C LEU A 141 -13.93 -14.55 1.37
N LEU A 142 -12.62 -14.34 1.26
CA LEU A 142 -11.83 -13.74 2.34
C LEU A 142 -12.40 -12.40 2.79
N ALA A 143 -12.67 -11.53 1.83
CA ALA A 143 -13.22 -10.23 2.15
C ALA A 143 -14.62 -10.37 2.75
N GLN A 144 -15.46 -11.26 2.21
CA GLN A 144 -16.79 -11.44 2.77
C GLN A 144 -16.71 -11.88 4.23
N ASP A 145 -15.84 -12.84 4.49
CA ASP A 145 -15.77 -13.49 5.77
C ASP A 145 -15.41 -12.44 6.81
N ILE A 146 -14.33 -11.71 6.53
CA ILE A 146 -13.75 -10.87 7.55
C ILE A 146 -14.54 -9.59 7.63
N SER A 147 -14.96 -9.07 6.47
CA SER A 147 -15.58 -7.74 6.37
C SER A 147 -17.11 -7.68 6.50
N SER A 148 -17.77 -8.83 6.55
CA SER A 148 -19.23 -8.89 6.56
C SER A 148 -19.72 -9.94 7.53
N TYR A 149 -19.33 -11.20 7.29
CA TYR A 149 -19.82 -12.28 8.15
C TYR A 149 -19.46 -11.97 9.59
N SER A 150 -18.25 -11.43 9.78
CA SER A 150 -17.79 -11.13 11.11
C SER A 150 -18.83 -10.34 11.92
N LEU A 151 -19.62 -9.48 11.29
CA LEU A 151 -20.60 -8.74 12.09
C LEU A 151 -21.74 -9.63 12.62
N THR A 152 -22.21 -10.55 11.79
CA THR A 152 -23.25 -11.48 12.22
C THR A 152 -22.89 -12.26 13.49
N ILE A 153 -21.73 -12.90 13.48
CA ILE A 153 -21.30 -13.67 14.64
C ILE A 153 -21.01 -12.77 15.86
N VAL A 154 -20.32 -11.66 15.64
CA VAL A 154 -20.19 -10.68 16.72
C VAL A 154 -21.56 -10.33 17.32
N ALA A 155 -22.55 -10.08 16.48
CA ALA A 155 -23.86 -9.66 16.92
C ALA A 155 -24.47 -10.76 17.77
N HIS A 156 -24.41 -11.98 17.25
CA HIS A 156 -24.85 -13.15 18.01
C HIS A 156 -24.21 -13.24 19.39
N GLU A 157 -22.88 -13.09 19.44
CA GLU A 157 -22.18 -13.28 20.73
C GLU A 157 -22.47 -12.10 21.65
N ALA A 158 -22.41 -10.90 21.09
CA ALA A 158 -22.63 -9.66 21.81
C ALA A 158 -24.05 -9.59 22.42
N LYS A 159 -25.05 -10.06 21.65
CA LYS A 159 -26.42 -10.19 22.10
C LYS A 159 -26.52 -10.73 23.54
N LYS A 160 -25.77 -11.79 23.83
CA LYS A 160 -25.75 -12.43 25.15
C LYS A 160 -25.37 -11.50 26.31
N LEU A 161 -24.68 -10.40 25.99
CA LEU A 161 -24.24 -9.43 26.98
C LEU A 161 -25.20 -8.24 27.00
N MET A 162 -26.31 -8.35 26.25
CA MET A 162 -27.28 -7.26 26.16
C MET A 162 -28.70 -7.73 26.47
N PRO A 163 -28.93 -8.26 27.68
CA PRO A 163 -30.29 -8.73 27.94
C PRO A 163 -31.31 -7.59 27.86
N GLU A 164 -30.82 -6.35 28.00
CA GLU A 164 -31.72 -5.22 28.09
C GLU A 164 -31.84 -4.48 26.79
N GLY A 165 -31.09 -4.90 25.78
CA GLY A 165 -30.94 -4.08 24.58
C GLY A 165 -29.61 -3.34 24.47
N GLY A 166 -29.32 -2.90 23.26
CA GLY A 166 -28.09 -2.19 23.01
C GLY A 166 -28.05 -1.70 21.59
N SER A 167 -26.85 -1.35 21.17
CA SER A 167 -26.64 -0.72 19.88
C SER A 167 -25.37 -1.30 19.28
N ILE A 168 -25.45 -1.74 18.03
CA ILE A 168 -24.29 -2.20 17.28
C ILE A 168 -24.03 -1.35 16.03
N VAL A 169 -22.80 -0.91 15.82
CA VAL A 169 -22.48 -0.08 14.67
C VAL A 169 -21.34 -0.70 13.87
N ALA A 170 -21.56 -0.85 12.58
CA ALA A 170 -20.49 -1.20 11.62
C ALA A 170 -20.11 -0.01 10.72
N THR A 171 -18.88 -0.04 10.22
CA THR A 171 -18.31 1.01 9.42
C THR A 171 -18.30 0.54 7.95
N THR A 172 -19.00 1.27 7.08
CA THR A 172 -19.01 0.97 5.66
C THR A 172 -18.40 2.12 4.81
N TYR A 173 -18.34 1.90 3.50
CA TYR A 173 -17.92 2.94 2.59
C TYR A 173 -18.90 3.03 1.43
N LEU A 174 -19.18 4.23 0.94
CA LEU A 174 -19.98 4.44 -0.27
C LEU A 174 -19.77 3.44 -1.43
N GLY A 175 -18.56 2.89 -1.57
CA GLY A 175 -18.29 1.83 -2.57
C GLY A 175 -19.14 0.58 -2.47
N GLY A 176 -19.86 0.41 -1.35
CA GLY A 176 -20.86 -0.65 -1.20
C GLY A 176 -22.25 -0.29 -1.76
N GLU A 177 -22.44 0.98 -2.12
CA GLU A 177 -23.65 1.47 -2.76
C GLU A 177 -23.47 1.75 -4.23
N PHE A 178 -22.25 2.08 -4.65
CA PHE A 178 -21.96 2.35 -6.07
C PHE A 178 -20.64 1.75 -6.41
N ALA A 179 -20.41 1.48 -7.70
CA ALA A 179 -19.10 1.06 -8.17
C ALA A 179 -18.10 2.23 -8.19
N VAL A 180 -17.04 2.12 -7.40
CA VAL A 180 -15.97 3.10 -7.31
C VAL A 180 -14.69 2.45 -7.83
N GLN A 181 -14.14 2.90 -8.97
CA GLN A 181 -12.85 2.39 -9.42
C GLN A 181 -11.94 1.95 -8.28
N ASN A 182 -11.47 0.71 -8.33
CA ASN A 182 -10.40 0.23 -7.44
C ASN A 182 -10.84 -0.38 -6.12
N TYR A 183 -12.00 0.03 -5.59
CA TYR A 183 -12.46 -0.54 -4.34
C TYR A 183 -12.90 -2.00 -4.52
N ASN A 184 -13.42 -2.32 -5.70
CA ASN A 184 -13.50 -3.71 -6.17
C ASN A 184 -14.10 -4.69 -5.15
N VAL A 185 -13.35 -5.72 -4.78
CA VAL A 185 -13.88 -6.79 -3.92
C VAL A 185 -14.43 -6.26 -2.60
N MET A 186 -13.89 -5.14 -2.13
CA MET A 186 -14.37 -4.56 -0.88
C MET A 186 -15.74 -3.88 -1.03
N GLY A 187 -16.00 -3.37 -2.22
CA GLY A 187 -17.31 -2.80 -2.51
C GLY A 187 -18.40 -3.86 -2.43
N VAL A 188 -18.12 -5.01 -3.05
CA VAL A 188 -19.05 -6.09 -2.89
C VAL A 188 -19.13 -6.52 -1.41
N ALA A 189 -18.02 -6.46 -0.67
CA ALA A 189 -18.09 -6.92 0.70
C ALA A 189 -18.82 -5.87 1.54
N LYS A 190 -18.71 -4.58 1.20
CA LYS A 190 -19.54 -3.57 1.86
C LYS A 190 -21.03 -3.64 1.52
N ALA A 191 -21.38 -4.00 0.28
CA ALA A 191 -22.80 -4.16 -0.05
C ALA A 191 -23.41 -5.25 0.85
N SER A 192 -22.64 -6.32 1.01
CA SER A 192 -22.95 -7.41 1.91
C SER A 192 -23.04 -6.95 3.37
N LEU A 193 -22.15 -6.07 3.79
CA LEU A 193 -22.16 -5.60 5.22
C LEU A 193 -23.42 -4.77 5.49
N GLU A 194 -23.71 -3.89 4.53
CA GLU A 194 -24.87 -3.04 4.64
C GLU A 194 -26.18 -3.83 4.69
N ALA A 195 -26.36 -4.82 3.83
CA ALA A 195 -27.42 -5.83 3.99
C ALA A 195 -27.41 -6.50 5.37
N ASN A 196 -26.24 -6.96 5.80
CA ASN A 196 -26.07 -7.62 7.09
C ASN A 196 -26.68 -6.77 8.21
N VAL A 197 -26.35 -5.48 8.21
CA VAL A 197 -26.97 -4.51 9.12
C VAL A 197 -28.50 -4.49 9.11
N LYS A 198 -29.08 -4.56 7.91
CA LYS A 198 -30.52 -4.52 7.74
C LYS A 198 -31.18 -5.79 8.30
N TYR A 199 -30.63 -6.95 7.98
CA TYR A 199 -31.14 -8.21 8.49
C TYR A 199 -30.90 -8.35 9.99
N LEU A 200 -29.74 -7.92 10.48
CA LEU A 200 -29.54 -7.95 11.91
C LEU A 200 -30.51 -7.00 12.61
N ALA A 201 -30.73 -5.81 12.04
CA ALA A 201 -31.72 -4.88 12.59
C ALA A 201 -33.09 -5.53 12.73
N LEU A 202 -33.50 -6.25 11.69
CA LEU A 202 -34.82 -6.89 11.62
C LEU A 202 -34.91 -7.95 12.71
N ASP A 203 -33.89 -8.81 12.77
CA ASP A 203 -33.82 -9.93 13.71
C ASP A 203 -33.77 -9.45 15.17
N LEU A 204 -32.92 -8.47 15.46
CA LEU A 204 -32.55 -8.20 16.83
C LEU A 204 -33.41 -7.09 17.44
N GLY A 205 -34.20 -6.45 16.59
CA GLY A 205 -35.02 -5.27 16.94
C GLY A 205 -36.01 -5.65 18.02
N PRO A 206 -36.53 -6.88 17.97
CA PRO A 206 -37.51 -7.13 19.06
C PRO A 206 -36.81 -7.38 20.39
N ASP A 207 -35.50 -7.56 20.36
CA ASP A 207 -34.74 -7.73 21.59
C ASP A 207 -34.26 -6.37 22.03
N ASN A 208 -34.71 -5.34 21.31
CA ASN A 208 -34.30 -3.96 21.57
C ASN A 208 -32.81 -3.74 21.31
N ILE A 209 -32.25 -4.46 20.33
CA ILE A 209 -30.89 -4.16 19.92
C ILE A 209 -30.93 -3.46 18.56
N ARG A 210 -30.37 -2.26 18.50
CA ARG A 210 -30.34 -1.56 17.22
C ARG A 210 -29.04 -1.87 16.46
N VAL A 211 -29.16 -1.97 15.14
CA VAL A 211 -28.00 -2.21 14.29
C VAL A 211 -27.98 -1.18 13.16
N ASN A 212 -26.89 -0.44 13.08
CA ASN A 212 -26.78 0.67 12.15
C ASN A 212 -25.35 0.67 11.54
N ALA A 213 -25.19 1.39 10.44
CA ALA A 213 -23.87 1.55 9.85
C ALA A 213 -23.53 3.03 9.76
N ILE A 214 -22.23 3.36 9.88
CA ILE A 214 -21.72 4.66 9.47
C ILE A 214 -20.93 4.49 8.19
N SER A 215 -21.26 5.25 7.15
CA SER A 215 -20.53 5.24 5.90
C SER A 215 -19.56 6.41 5.88
N ALA A 216 -18.29 6.13 6.15
CA ALA A 216 -17.28 7.19 6.27
C ALA A 216 -16.69 7.54 4.91
N GLY A 217 -16.45 8.84 4.76
CA GLY A 217 -15.63 9.34 3.68
C GLY A 217 -14.20 8.86 3.83
N PRO A 218 -13.39 9.03 2.77
CA PRO A 218 -12.06 8.44 2.85
C PRO A 218 -11.17 9.17 3.86
N ILE A 219 -10.36 8.42 4.60
CA ILE A 219 -9.56 8.92 5.71
C ILE A 219 -8.22 8.16 5.64
N ARG A 220 -7.09 8.87 5.68
CA ARG A 220 -5.78 8.25 5.71
C ARG A 220 -5.59 7.34 6.92
N THR A 221 -5.71 6.03 6.69
CA THR A 221 -5.41 5.01 7.69
C THR A 221 -4.43 3.98 7.15
N LEU A 222 -3.96 3.11 8.05
CA LEU A 222 -3.09 2.03 7.61
C LEU A 222 -3.69 1.24 6.43
N SER A 223 -4.93 0.82 6.56
CA SER A 223 -5.57 0.04 5.53
C SER A 223 -5.78 0.82 4.24
N ALA A 224 -6.16 2.09 4.37
CA ALA A 224 -6.36 2.91 3.19
C ALA A 224 -5.10 2.92 2.32
N LYS A 225 -3.93 2.76 2.93
CA LYS A 225 -2.69 2.81 2.17
C LYS A 225 -2.58 1.67 1.16
N GLY A 226 -3.47 0.69 1.28
CA GLY A 226 -3.51 -0.40 0.30
C GLY A 226 -4.55 -0.25 -0.81
N VAL A 227 -5.44 0.73 -0.72
CA VAL A 227 -6.42 0.90 -1.77
C VAL A 227 -5.87 1.69 -2.96
N GLY A 228 -5.87 1.13 -4.17
CA GLY A 228 -5.47 1.91 -5.34
C GLY A 228 -6.28 3.19 -5.52
N GLY A 229 -5.63 4.26 -5.99
CA GLY A 229 -6.25 5.58 -6.19
C GLY A 229 -6.82 6.26 -4.96
N PHE A 230 -6.37 5.90 -3.76
CA PHE A 230 -6.94 6.51 -2.55
C PHE A 230 -6.68 8.03 -2.50
N ASN A 231 -5.46 8.43 -2.85
CA ASN A 231 -5.11 9.84 -2.83
C ASN A 231 -6.01 10.67 -3.75
N THR A 232 -6.14 10.21 -5.00
CA THR A 232 -6.99 10.82 -5.99
C THR A 232 -8.41 11.06 -5.51
N ILE A 233 -9.01 10.07 -4.84
CA ILE A 233 -10.35 10.23 -4.26
C ILE A 233 -10.38 11.20 -3.07
N LEU A 234 -9.31 11.25 -2.29
CA LEU A 234 -9.19 12.26 -1.22
C LEU A 234 -9.34 13.68 -1.77
N LYS A 235 -8.57 13.98 -2.80
CA LYS A 235 -8.54 15.29 -3.40
C LYS A 235 -9.91 15.61 -3.93
N GLU A 236 -10.56 14.68 -4.62
CA GLU A 236 -11.80 15.09 -5.25
C GLU A 236 -13.00 15.20 -4.31
N ILE A 237 -12.92 14.64 -3.11
CA ILE A 237 -13.88 15.02 -2.07
C ILE A 237 -13.76 16.51 -1.77
N GLU A 238 -12.52 16.99 -1.58
CA GLU A 238 -12.24 18.41 -1.34
C GLU A 238 -12.83 19.29 -2.42
N GLU A 239 -12.64 18.87 -3.66
CA GLU A 239 -13.15 19.57 -4.84
C GLU A 239 -14.68 19.57 -4.91
N ARG A 240 -15.28 18.39 -4.76
CA ARG A 240 -16.66 18.16 -5.19
C ARG A 240 -17.68 18.02 -4.05
N ALA A 241 -17.27 17.54 -2.89
CA ALA A 241 -18.31 17.30 -1.87
C ALA A 241 -18.89 18.63 -1.38
N PRO A 242 -20.20 18.66 -1.04
CA PRO A 242 -20.80 19.87 -0.46
C PRO A 242 -19.93 20.62 0.54
N LEU A 243 -19.26 19.96 1.47
CA LEU A 243 -18.56 20.73 2.49
C LEU A 243 -17.17 21.11 2.02
N LYS A 244 -16.80 20.62 0.83
CA LYS A 244 -15.46 20.86 0.26
C LYS A 244 -14.30 20.64 1.24
N ARG A 245 -14.39 19.64 2.11
CA ARG A 245 -13.27 19.19 2.92
C ARG A 245 -13.41 17.68 3.14
N ASN A 246 -12.35 17.01 3.56
CA ASN A 246 -12.49 15.62 3.96
C ASN A 246 -12.94 15.56 5.40
N VAL A 247 -13.39 14.39 5.84
CA VAL A 247 -13.81 14.21 7.22
C VAL A 247 -12.62 13.59 7.95
N ASP A 248 -12.77 13.43 9.26
CA ASP A 248 -11.78 12.67 10.01
C ASP A 248 -12.40 11.63 10.98
N GLN A 249 -11.53 10.81 11.56
CA GLN A 249 -11.89 9.79 12.53
C GLN A 249 -12.79 10.32 13.64
N VAL A 250 -12.49 11.53 14.12
CA VAL A 250 -13.23 12.06 15.27
C VAL A 250 -14.66 12.38 14.84
N GLU A 251 -14.84 12.74 13.58
CA GLU A 251 -16.18 13.04 13.09
C GLU A 251 -17.02 11.78 12.94
N VAL A 252 -16.38 10.68 12.54
CA VAL A 252 -16.99 9.35 12.61
C VAL A 252 -17.36 8.99 14.06
N GLY A 253 -16.42 9.24 14.97
CA GLY A 253 -16.64 9.00 16.40
C GLY A 253 -17.85 9.70 16.99
N LYS A 254 -18.11 10.92 16.54
CA LYS A 254 -19.24 11.70 17.06
C LYS A 254 -20.59 11.14 16.60
N THR A 255 -20.66 10.69 15.36
CA THR A 255 -21.80 9.93 14.89
C THR A 255 -21.92 8.53 15.54
N ALA A 256 -20.81 7.81 15.68
CA ALA A 256 -20.85 6.65 16.54
C ALA A 256 -21.47 7.00 17.91
N ALA A 257 -21.09 8.10 18.55
CA ALA A 257 -21.67 8.33 19.88
C ALA A 257 -23.18 8.46 19.77
N TYR A 258 -23.65 9.11 18.71
CA TYR A 258 -25.06 9.29 18.46
C TYR A 258 -25.70 7.91 18.38
N LEU A 259 -25.15 7.08 17.49
CA LEU A 259 -25.75 5.78 17.17
C LEU A 259 -25.72 4.81 18.37
N LEU A 260 -24.68 4.93 19.20
CA LEU A 260 -24.47 4.01 20.31
C LEU A 260 -25.22 4.46 21.56
N SER A 261 -25.81 5.63 21.49
CA SER A 261 -26.44 6.17 22.70
C SER A 261 -27.95 6.18 22.49
N ASP A 262 -28.67 6.59 23.53
CA ASP A 262 -30.12 6.71 23.49
C ASP A 262 -30.63 7.83 22.58
N LEU A 263 -29.73 8.71 22.14
CA LEU A 263 -30.12 9.77 21.22
C LEU A 263 -30.73 9.18 19.96
N SER A 264 -30.34 7.96 19.64
CA SER A 264 -30.77 7.41 18.36
C SER A 264 -31.76 6.27 18.57
N SER A 265 -32.51 6.32 19.67
N SER A 265 -32.52 6.33 19.67
CA SER A 265 -33.62 5.38 19.82
CA SER A 265 -33.28 5.17 20.15
C SER A 265 -34.64 5.71 18.74
C SER A 265 -34.31 4.65 19.15
N GLY A 266 -35.26 4.68 18.17
N GLY A 266 -34.64 5.47 18.16
CA GLY A 266 -36.04 4.88 16.96
CA GLY A 266 -35.74 5.19 17.25
C GLY A 266 -35.25 4.58 15.71
C GLY A 266 -35.24 4.86 15.87
N VAL A 267 -33.92 4.60 15.80
CA VAL A 267 -33.14 4.51 14.56
C VAL A 267 -32.46 3.15 14.49
N THR A 268 -32.76 2.38 13.45
CA THR A 268 -32.11 1.09 13.23
C THR A 268 -32.23 0.67 11.76
N GLY A 269 -31.29 -0.14 11.30
CA GLY A 269 -31.24 -0.53 9.91
C GLY A 269 -30.79 0.68 9.11
N GLU A 270 -30.30 1.69 9.80
CA GLU A 270 -29.86 2.92 9.11
C GLU A 270 -28.39 2.92 8.68
N ASN A 271 -28.07 3.73 7.69
CA ASN A 271 -26.71 3.91 7.21
C ASN A 271 -26.47 5.42 7.18
N ILE A 272 -25.73 5.96 8.16
CA ILE A 272 -25.45 7.39 8.15
C ILE A 272 -24.11 7.73 7.48
N HIS A 273 -24.18 8.59 6.48
CA HIS A 273 -22.97 8.96 5.73
C HIS A 273 -22.32 10.12 6.44
N VAL A 274 -21.12 9.87 6.96
CA VAL A 274 -20.23 10.89 7.47
C VAL A 274 -19.16 11.11 6.41
N ASP A 275 -19.52 11.91 5.41
CA ASP A 275 -18.69 11.97 4.20
C ASP A 275 -18.72 13.35 3.55
N SER A 276 -19.03 14.39 4.32
CA SER A 276 -19.07 15.75 3.82
C SER A 276 -20.18 15.96 2.78
N GLY A 277 -21.14 15.05 2.70
CA GLY A 277 -22.24 15.11 1.72
C GLY A 277 -21.97 14.49 0.36
N PHE A 278 -20.79 13.91 0.15
CA PHE A 278 -20.42 13.33 -1.14
C PHE A 278 -21.46 12.36 -1.66
N HIS A 279 -22.11 11.64 -0.75
CA HIS A 279 -23.14 10.67 -1.15
C HIS A 279 -24.35 11.29 -1.86
N ALA A 280 -24.62 12.58 -1.60
CA ALA A 280 -25.87 13.20 -2.09
C ALA A 280 -25.72 13.76 -3.49
N ILE A 281 -24.49 13.83 -3.98
CA ILE A 281 -24.23 14.53 -5.21
C ILE A 281 -23.77 13.58 -6.29
N LYS A 282 -23.74 14.09 -7.50
CA LYS A 282 -23.37 13.31 -8.65
C LYS A 282 -22.90 14.29 -9.73
N VAL B 28 -38.40 -7.94 -29.83
CA VAL B 28 -37.00 -7.83 -30.37
C VAL B 28 -36.83 -8.57 -31.74
N ASN B 29 -35.60 -8.99 -32.05
CA ASN B 29 -35.29 -10.12 -32.94
C ASN B 29 -33.83 -10.59 -32.84
N LEU B 30 -33.63 -11.90 -32.67
CA LEU B 30 -32.36 -12.41 -32.15
C LEU B 30 -31.71 -13.50 -32.98
N GLU B 31 -32.09 -13.63 -34.26
CA GLU B 31 -31.40 -14.57 -35.14
C GLU B 31 -29.89 -14.30 -35.20
N ASN B 32 -29.10 -15.35 -35.23
CA ASN B 32 -27.64 -15.20 -35.29
C ASN B 32 -27.04 -14.69 -34.00
N LYS B 33 -27.87 -14.51 -32.97
CA LYS B 33 -27.37 -14.35 -31.62
C LYS B 33 -27.27 -15.70 -30.90
N THR B 34 -26.32 -15.82 -29.98
CA THR B 34 -26.17 -16.98 -29.12
C THR B 34 -26.11 -16.54 -27.66
N TYR B 35 -26.97 -17.14 -26.85
CA TYR B 35 -27.01 -16.86 -25.41
C TYR B 35 -26.80 -18.14 -24.57
N VAL B 36 -26.07 -18.01 -23.45
CA VAL B 36 -25.80 -19.11 -22.54
C VAL B 36 -26.71 -18.94 -21.33
N ILE B 37 -27.49 -19.95 -20.98
CA ILE B 37 -28.47 -19.83 -19.91
C ILE B 37 -28.11 -20.76 -18.77
N MET B 38 -27.79 -20.19 -17.60
CA MET B 38 -27.33 -21.01 -16.50
C MET B 38 -28.38 -21.11 -15.41
N GLY B 39 -28.72 -22.34 -15.02
CA GLY B 39 -29.60 -22.57 -13.86
C GLY B 39 -31.04 -22.98 -14.14
N ILE B 40 -31.29 -23.65 -15.26
CA ILE B 40 -32.53 -24.41 -15.40
C ILE B 40 -32.47 -25.73 -14.65
N ALA B 41 -33.39 -25.94 -13.70
CA ALA B 41 -33.55 -27.26 -13.07
C ALA B 41 -34.76 -28.02 -13.62
N ASN B 42 -35.90 -27.35 -13.76
CA ASN B 42 -37.12 -27.99 -14.27
C ASN B 42 -38.00 -26.97 -14.99
N LYS B 43 -39.24 -27.32 -15.27
CA LYS B 43 -40.07 -26.51 -16.17
C LYS B 43 -40.41 -25.21 -15.42
N ARG B 44 -40.36 -25.22 -14.09
CA ARG B 44 -40.77 -24.08 -13.25
CA ARG B 44 -40.78 -24.02 -13.35
C ARG B 44 -39.64 -23.05 -13.05
N SER B 45 -38.42 -23.39 -13.48
CA SER B 45 -37.28 -22.50 -13.27
C SER B 45 -37.55 -21.20 -13.99
N ILE B 46 -37.36 -20.08 -13.30
CA ILE B 46 -37.24 -18.79 -13.95
C ILE B 46 -36.38 -18.87 -15.23
N ALA B 47 -35.22 -19.51 -15.20
CA ALA B 47 -34.38 -19.52 -16.41
C ALA B 47 -35.10 -20.19 -17.59
N PHE B 48 -36.09 -21.03 -17.32
CA PHE B 48 -36.78 -21.68 -18.42
C PHE B 48 -37.71 -20.65 -19.09
N GLY B 49 -38.27 -19.73 -18.32
CA GLY B 49 -38.99 -18.60 -18.89
C GLY B 49 -38.09 -17.80 -19.83
N VAL B 50 -36.95 -17.36 -19.32
CA VAL B 50 -35.93 -16.78 -20.19
C VAL B 50 -35.75 -17.58 -21.50
N ALA B 51 -35.60 -18.90 -21.37
CA ALA B 51 -35.30 -19.77 -22.51
C ALA B 51 -36.41 -19.85 -23.59
N LYS B 52 -37.68 -20.00 -23.17
CA LYS B 52 -38.83 -19.88 -24.08
C LYS B 52 -38.86 -18.53 -24.77
N VAL B 53 -38.52 -17.47 -24.07
CA VAL B 53 -38.63 -16.15 -24.69
C VAL B 53 -37.51 -15.95 -25.73
N LEU B 54 -36.25 -16.16 -25.35
CA LEU B 54 -35.17 -16.13 -26.35
C LEU B 54 -35.35 -17.13 -27.51
N ASP B 55 -35.82 -18.34 -27.19
CA ASP B 55 -36.03 -19.35 -28.21
C ASP B 55 -37.04 -18.86 -29.26
N GLN B 56 -38.16 -18.31 -28.78
CA GLN B 56 -39.24 -17.79 -29.60
C GLN B 56 -38.74 -16.65 -30.46
N LEU B 57 -37.77 -15.94 -29.91
CA LEU B 57 -37.24 -14.74 -30.56
C LEU B 57 -36.14 -15.04 -31.55
N GLY B 58 -35.85 -16.31 -31.77
CA GLY B 58 -34.88 -16.69 -32.80
C GLY B 58 -33.49 -17.07 -32.32
N ALA B 59 -33.21 -16.94 -31.03
CA ALA B 59 -31.85 -17.14 -30.48
C ALA B 59 -31.36 -18.60 -30.47
N LYS B 60 -30.04 -18.79 -30.59
CA LYS B 60 -29.42 -20.10 -30.36
C LYS B 60 -29.15 -20.12 -28.89
N LEU B 61 -29.50 -21.21 -28.20
CA LEU B 61 -29.36 -21.29 -26.72
C LEU B 61 -28.44 -22.44 -26.31
N VAL B 62 -27.62 -22.17 -25.30
CA VAL B 62 -26.65 -23.12 -24.78
C VAL B 62 -26.99 -23.19 -23.31
N PHE B 63 -27.00 -24.37 -22.69
CA PHE B 63 -27.51 -24.47 -21.32
C PHE B 63 -26.48 -25.06 -20.36
N THR B 64 -26.43 -24.52 -19.15
CA THR B 64 -25.55 -25.15 -18.18
C THR B 64 -26.32 -25.53 -16.92
N TYR B 65 -25.88 -26.63 -16.33
CA TYR B 65 -26.55 -27.24 -15.18
C TYR B 65 -25.56 -27.88 -14.20
N ARG B 66 -26.06 -28.18 -13.01
CA ARG B 66 -25.26 -28.87 -12.01
C ARG B 66 -25.62 -30.36 -11.80
N LYS B 67 -26.85 -30.64 -11.37
CA LYS B 67 -27.29 -32.02 -11.03
C LYS B 67 -27.64 -32.81 -12.28
N GLU B 68 -27.44 -34.12 -12.21
CA GLU B 68 -27.84 -34.97 -13.33
CA GLU B 68 -27.90 -35.09 -13.21
C GLU B 68 -29.33 -34.78 -13.65
N ARG B 69 -30.19 -34.68 -12.64
CA ARG B 69 -31.63 -34.44 -12.82
C ARG B 69 -31.94 -33.21 -13.69
N SER B 70 -31.19 -32.13 -13.47
CA SER B 70 -31.38 -30.89 -14.20
C SER B 70 -31.10 -31.13 -15.68
N ARG B 71 -30.01 -31.85 -16.00
CA ARG B 71 -29.75 -32.24 -17.39
CA ARG B 71 -29.73 -32.27 -17.38
C ARG B 71 -30.92 -33.05 -17.95
N LYS B 72 -31.43 -33.99 -17.16
CA LYS B 72 -32.54 -34.82 -17.62
CA LYS B 72 -32.54 -34.82 -17.62
C LYS B 72 -33.76 -33.93 -17.91
N GLU B 73 -34.04 -33.01 -17.00
CA GLU B 73 -35.19 -32.12 -17.23
C GLU B 73 -34.97 -31.31 -18.50
N LEU B 74 -33.75 -30.80 -18.65
CA LEU B 74 -33.37 -30.01 -19.80
C LEU B 74 -33.53 -30.78 -21.12
N GLU B 75 -33.14 -32.05 -21.14
CA GLU B 75 -33.31 -32.81 -22.39
C GLU B 75 -34.77 -32.91 -22.78
N LYS B 76 -35.63 -32.92 -21.77
CA LYS B 76 -37.06 -33.11 -21.92
C LYS B 76 -37.72 -31.80 -22.35
N LEU B 77 -37.27 -30.70 -21.75
CA LEU B 77 -37.88 -29.38 -21.96
C LEU B 77 -37.41 -28.85 -23.29
N LEU B 78 -36.24 -29.31 -23.73
CA LEU B 78 -35.73 -28.97 -25.05
C LEU B 78 -36.65 -29.36 -26.22
N GLU B 79 -37.52 -30.34 -26.04
CA GLU B 79 -38.48 -30.72 -27.09
C GLU B 79 -39.52 -29.65 -27.28
N GLN B 80 -39.71 -28.82 -26.25
CA GLN B 80 -40.69 -27.74 -26.31
C GLN B 80 -40.18 -26.50 -27.02
N LEU B 81 -38.93 -26.52 -27.47
CA LEU B 81 -38.23 -25.33 -27.95
C LEU B 81 -37.90 -25.51 -29.42
N ASN B 82 -37.40 -24.46 -30.03
CA ASN B 82 -37.12 -24.54 -31.45
C ASN B 82 -35.67 -24.91 -31.69
N GLN B 83 -34.90 -24.99 -30.62
CA GLN B 83 -33.49 -25.29 -30.72
C GLN B 83 -33.34 -26.53 -31.56
N PRO B 84 -32.73 -26.41 -32.75
CA PRO B 84 -32.47 -27.58 -33.59
C PRO B 84 -31.44 -28.54 -32.99
N GLU B 85 -30.80 -28.14 -31.88
CA GLU B 85 -29.63 -28.83 -31.35
C GLU B 85 -29.46 -28.50 -29.85
N ALA B 86 -29.29 -29.54 -29.05
CA ALA B 86 -29.08 -29.39 -27.62
C ALA B 86 -27.62 -29.07 -27.36
N HIS B 87 -27.32 -27.98 -26.67
CA HIS B 87 -25.96 -27.73 -26.24
C HIS B 87 -25.97 -27.68 -24.71
N LEU B 88 -25.58 -28.76 -24.03
CA LEU B 88 -25.68 -28.75 -22.57
C LEU B 88 -24.34 -29.00 -21.87
N TYR B 89 -24.07 -28.25 -20.81
CA TYR B 89 -22.76 -28.30 -20.19
C TYR B 89 -22.88 -28.33 -18.67
N GLN B 90 -22.21 -29.26 -18.04
CA GLN B 90 -22.33 -29.37 -16.60
C GLN B 90 -21.37 -28.35 -16.04
N ILE B 91 -21.90 -27.37 -15.33
CA ILE B 91 -21.03 -26.46 -14.61
C ILE B 91 -21.59 -26.21 -13.22
N ASP B 92 -20.89 -26.80 -12.25
CA ASP B 92 -20.99 -26.35 -10.87
C ASP B 92 -20.10 -25.12 -10.67
N VAL B 93 -20.74 -23.96 -10.54
CA VAL B 93 -20.03 -22.71 -10.23
C VAL B 93 -19.24 -22.68 -8.92
N GLN B 94 -19.20 -23.77 -8.15
CA GLN B 94 -18.27 -23.77 -7.01
C GLN B 94 -16.87 -24.13 -7.48
N SER B 95 -16.78 -24.60 -8.72
CA SER B 95 -15.51 -25.09 -9.25
C SER B 95 -14.98 -24.14 -10.31
N ASP B 96 -13.84 -23.53 -10.04
CA ASP B 96 -13.20 -22.68 -11.02
C ASP B 96 -12.94 -23.44 -12.32
N GLU B 97 -12.34 -24.64 -12.17
CA GLU B 97 -11.94 -25.36 -13.35
CA GLU B 97 -11.97 -25.50 -13.28
C GLU B 97 -13.17 -25.75 -14.19
N GLU B 98 -14.34 -25.88 -13.57
CA GLU B 98 -15.54 -26.28 -14.31
C GLU B 98 -16.11 -25.10 -15.09
N VAL B 99 -16.02 -23.89 -14.53
CA VAL B 99 -16.48 -22.68 -15.21
C VAL B 99 -15.53 -22.38 -16.36
N ILE B 100 -14.23 -22.41 -16.07
CA ILE B 100 -13.20 -22.19 -17.07
C ILE B 100 -13.35 -23.15 -18.24
N ASN B 101 -13.42 -24.44 -17.93
CA ASN B 101 -13.47 -25.47 -18.94
C ASN B 101 -14.80 -25.48 -19.66
N GLY B 102 -15.88 -25.23 -18.93
CA GLY B 102 -17.21 -25.15 -19.56
C GLY B 102 -17.34 -24.05 -20.59
N PHE B 103 -16.94 -22.83 -20.24
CA PHE B 103 -17.01 -21.74 -21.20
C PHE B 103 -16.01 -22.02 -22.34
N GLU B 104 -14.81 -22.47 -22.00
CA GLU B 104 -13.81 -22.72 -23.02
C GLU B 104 -14.34 -23.67 -24.08
N GLN B 105 -15.07 -24.68 -23.61
CA GLN B 105 -15.62 -25.68 -24.48
C GLN B 105 -16.86 -25.17 -25.22
N ILE B 106 -17.62 -24.27 -24.59
CA ILE B 106 -18.80 -23.69 -25.26
C ILE B 106 -18.34 -22.93 -26.51
N GLY B 107 -17.21 -22.24 -26.35
CA GLY B 107 -16.63 -21.43 -27.42
C GLY B 107 -16.01 -22.28 -28.52
N LYS B 108 -15.51 -23.46 -28.17
CA LYS B 108 -15.04 -24.40 -29.17
C LYS B 108 -16.22 -24.99 -29.94
N ASP B 109 -17.38 -25.08 -29.31
CA ASP B 109 -18.52 -25.75 -29.91
C ASP B 109 -19.47 -24.82 -30.69
N VAL B 110 -19.82 -23.67 -30.14
CA VAL B 110 -20.73 -22.72 -30.82
C VAL B 110 -20.07 -21.40 -31.25
N GLY B 111 -18.79 -21.21 -30.96
CA GLY B 111 -18.13 -19.94 -31.28
C GLY B 111 -18.33 -18.86 -30.24
N ASN B 112 -18.18 -17.59 -30.62
CA ASN B 112 -18.51 -16.46 -29.72
C ASN B 112 -19.99 -16.32 -29.37
N ILE B 113 -20.26 -15.78 -28.18
CA ILE B 113 -21.63 -15.62 -27.71
C ILE B 113 -21.98 -14.15 -27.58
N ASP B 114 -23.28 -13.88 -27.49
CA ASP B 114 -23.76 -12.50 -27.34
C ASP B 114 -24.09 -12.18 -25.90
N GLY B 115 -24.15 -13.17 -25.02
CA GLY B 115 -24.38 -12.90 -23.61
C GLY B 115 -24.74 -14.12 -22.80
N VAL B 116 -24.90 -13.90 -21.49
CA VAL B 116 -25.08 -14.98 -20.51
C VAL B 116 -26.28 -14.63 -19.63
N TYR B 117 -27.21 -15.56 -19.42
CA TYR B 117 -28.22 -15.34 -18.40
C TYR B 117 -27.89 -16.16 -17.15
N HIS B 118 -27.70 -15.50 -16.01
CA HIS B 118 -27.30 -16.18 -14.78
C HIS B 118 -28.54 -16.34 -13.90
N SER B 119 -28.89 -17.58 -13.58
CA SER B 119 -30.09 -17.85 -12.79
C SER B 119 -29.77 -18.88 -11.69
N ILE B 120 -28.74 -18.59 -10.91
CA ILE B 120 -28.10 -19.54 -10.02
C ILE B 120 -27.97 -18.91 -8.65
N ALA B 121 -28.49 -19.59 -7.64
CA ALA B 121 -28.23 -19.26 -6.24
C ALA B 121 -28.42 -20.47 -5.34
N PHE B 122 -27.91 -20.37 -4.11
CA PHE B 122 -28.03 -21.49 -3.17
C PHE B 122 -27.90 -21.08 -1.69
N ALA B 123 -28.73 -21.62 -0.82
CA ALA B 123 -28.48 -21.57 0.64
C ALA B 123 -29.04 -22.81 1.29
N ASN B 124 -28.44 -23.27 2.38
CA ASN B 124 -29.08 -24.27 3.25
C ASN B 124 -30.43 -23.80 3.77
N MET B 125 -31.42 -24.71 3.77
CA MET B 125 -32.68 -24.50 4.48
C MET B 125 -32.52 -23.99 5.90
N GLU B 126 -31.53 -24.53 6.63
CA GLU B 126 -31.22 -24.15 8.01
C GLU B 126 -31.45 -22.65 8.07
N ASP B 127 -30.99 -22.00 7.00
CA ASP B 127 -30.60 -20.63 7.01
C ASP B 127 -31.66 -19.77 6.28
N LEU B 128 -32.87 -20.26 6.04
CA LEU B 128 -33.89 -19.49 5.29
C LEU B 128 -35.21 -19.38 6.09
N ARG B 129 -35.04 -19.40 7.41
CA ARG B 129 -36.12 -19.31 8.39
C ARG B 129 -35.53 -18.87 9.72
N GLY B 130 -36.37 -18.52 10.70
CA GLY B 130 -35.87 -18.16 12.02
C GLY B 130 -34.85 -17.03 11.95
N ARG B 131 -33.83 -17.09 12.83
CA ARG B 131 -33.09 -15.90 13.21
C ARG B 131 -31.82 -15.78 12.35
N PHE B 132 -31.70 -14.67 11.62
CA PHE B 132 -30.54 -14.43 10.79
C PHE B 132 -29.25 -14.34 11.65
N SER B 133 -29.37 -13.88 12.90
CA SER B 133 -28.17 -13.72 13.75
C SER B 133 -27.50 -15.06 14.08
N GLU B 134 -28.24 -16.15 13.81
CA GLU B 134 -27.77 -17.49 14.07
C GLU B 134 -27.04 -18.14 12.88
N THR B 135 -27.05 -17.48 11.72
CA THR B 135 -26.37 -18.00 10.55
C THR B 135 -24.91 -18.38 10.82
N SER B 136 -24.53 -19.57 10.38
CA SER B 136 -23.18 -20.05 10.54
C SER B 136 -22.32 -19.45 9.45
N ARG B 137 -21.04 -19.28 9.75
CA ARG B 137 -19.98 -18.96 8.77
C ARG B 137 -20.03 -19.78 7.48
N GLU B 138 -20.17 -21.09 7.61
CA GLU B 138 -20.02 -21.98 6.47
C GLU B 138 -21.23 -21.77 5.57
N GLY B 139 -22.40 -21.57 6.16
CA GLY B 139 -23.61 -21.28 5.37
C GLY B 139 -23.64 -19.88 4.77
N PHE B 140 -23.15 -18.90 5.53
CA PHE B 140 -22.96 -17.57 4.97
C PHE B 140 -22.07 -17.58 3.74
N LEU B 141 -20.89 -18.18 3.84
CA LEU B 141 -19.89 -18.16 2.76
C LEU B 141 -20.36 -19.00 1.57
N LEU B 142 -21.13 -20.05 1.87
CA LEU B 142 -21.68 -20.94 0.85
C LEU B 142 -22.65 -20.19 -0.07
N ALA B 143 -23.55 -19.43 0.57
CA ALA B 143 -24.49 -18.55 -0.10
C ALA B 143 -23.80 -17.43 -0.93
N GLN B 144 -22.71 -16.86 -0.43
CA GLN B 144 -21.95 -15.89 -1.20
C GLN B 144 -21.26 -16.51 -2.41
N ASP B 145 -20.57 -17.62 -2.17
CA ASP B 145 -19.83 -18.34 -3.20
C ASP B 145 -20.69 -18.66 -4.41
N ILE B 146 -21.90 -19.18 -4.19
CA ILE B 146 -22.66 -19.75 -5.30
C ILE B 146 -23.50 -18.64 -5.92
N SER B 147 -24.03 -17.80 -5.03
CA SER B 147 -25.06 -16.84 -5.39
C SER B 147 -24.49 -15.50 -5.86
N SER B 148 -23.23 -15.21 -5.55
CA SER B 148 -22.66 -13.93 -5.97
C SER B 148 -21.32 -14.11 -6.70
N TYR B 149 -20.35 -14.77 -6.05
CA TYR B 149 -19.03 -14.89 -6.64
C TYR B 149 -19.19 -15.57 -8.00
N SER B 150 -20.12 -16.51 -8.11
CA SER B 150 -20.20 -17.26 -9.35
C SER B 150 -20.31 -16.31 -10.55
N LEU B 151 -20.95 -15.17 -10.33
CA LEU B 151 -21.15 -14.22 -11.44
C LEU B 151 -19.82 -13.62 -11.89
N THR B 152 -18.95 -13.30 -10.92
CA THR B 152 -17.69 -12.70 -11.21
C THR B 152 -16.88 -13.59 -12.13
N ILE B 153 -16.81 -14.86 -11.75
CA ILE B 153 -16.00 -15.76 -12.56
C ILE B 153 -16.69 -16.12 -13.88
N VAL B 154 -18.01 -16.23 -13.87
CA VAL B 154 -18.73 -16.51 -15.11
C VAL B 154 -18.43 -15.42 -16.13
N ALA B 155 -18.51 -14.17 -15.68
CA ALA B 155 -18.29 -13.02 -16.51
C ALA B 155 -16.85 -12.95 -17.01
N HIS B 156 -15.89 -13.32 -16.17
CA HIS B 156 -14.50 -13.28 -16.56
C HIS B 156 -14.28 -14.27 -17.69
N GLU B 157 -14.87 -15.45 -17.58
CA GLU B 157 -14.74 -16.47 -18.60
C GLU B 157 -15.60 -16.22 -19.84
N ALA B 158 -16.81 -15.70 -19.61
CA ALA B 158 -17.73 -15.35 -20.70
C ALA B 158 -17.17 -14.25 -21.59
N LYS B 159 -16.55 -13.25 -20.99
CA LYS B 159 -15.85 -12.21 -21.74
C LYS B 159 -14.99 -12.70 -22.91
N LYS B 160 -14.22 -13.77 -22.73
CA LYS B 160 -13.37 -14.27 -23.80
C LYS B 160 -14.16 -14.67 -25.06
N LEU B 161 -15.46 -14.80 -24.94
CA LEU B 161 -16.29 -15.25 -26.04
C LEU B 161 -17.14 -14.10 -26.56
N MET B 162 -16.77 -12.89 -26.16
CA MET B 162 -17.53 -11.72 -26.51
C MET B 162 -16.54 -10.62 -26.91
N PRO B 163 -15.67 -10.90 -27.90
CA PRO B 163 -14.60 -9.96 -28.24
C PRO B 163 -15.18 -8.63 -28.71
N GLU B 164 -16.37 -8.65 -29.30
CA GLU B 164 -17.08 -7.44 -29.73
C GLU B 164 -18.11 -6.90 -28.74
N GLY B 165 -18.26 -7.54 -27.58
CA GLY B 165 -19.14 -7.01 -26.53
C GLY B 165 -20.36 -7.90 -26.38
N GLY B 166 -21.20 -7.60 -25.40
CA GLY B 166 -22.40 -8.40 -25.20
C GLY B 166 -23.09 -8.04 -23.93
N SER B 167 -23.95 -8.94 -23.45
CA SER B 167 -24.83 -8.62 -22.33
C SER B 167 -24.86 -9.76 -21.34
N ILE B 168 -24.71 -9.45 -20.06
CA ILE B 168 -24.79 -10.44 -19.00
C ILE B 168 -25.87 -10.07 -17.99
N VAL B 169 -26.82 -10.94 -17.72
CA VAL B 169 -27.91 -10.62 -16.82
C VAL B 169 -27.90 -11.65 -15.68
N ALA B 170 -28.07 -11.20 -14.45
CA ALA B 170 -28.15 -12.06 -13.28
C ALA B 170 -29.53 -11.85 -12.65
N THR B 171 -29.92 -12.70 -11.70
CA THR B 171 -31.28 -12.64 -11.22
C THR B 171 -31.30 -12.33 -9.72
N THR B 172 -32.13 -11.39 -9.30
CA THR B 172 -32.02 -11.04 -7.88
C THR B 172 -33.40 -10.90 -7.27
N TYR B 173 -33.44 -10.46 -6.00
CA TYR B 173 -34.72 -10.34 -5.32
C TYR B 173 -34.59 -9.15 -4.33
N LEU B 174 -35.65 -8.34 -4.28
CA LEU B 174 -35.85 -7.22 -3.40
C LEU B 174 -35.29 -7.46 -2.00
N GLY B 175 -35.22 -8.71 -1.58
CA GLY B 175 -34.65 -9.05 -0.27
C GLY B 175 -33.16 -8.71 -0.22
N GLY B 176 -32.56 -8.49 -1.41
CA GLY B 176 -31.23 -7.85 -1.55
C GLY B 176 -31.11 -6.36 -1.26
N GLU B 177 -32.23 -5.65 -1.40
CA GLU B 177 -32.31 -4.22 -1.06
C GLU B 177 -32.93 -3.97 0.32
N PHE B 178 -33.81 -4.85 0.81
CA PHE B 178 -34.47 -4.61 2.11
C PHE B 178 -34.43 -5.88 2.91
N ALA B 179 -34.49 -5.77 4.23
CA ALA B 179 -34.59 -6.94 5.08
C ALA B 179 -36.01 -7.49 4.99
N VAL B 180 -36.18 -8.56 4.22
CA VAL B 180 -37.42 -9.31 4.10
C VAL B 180 -37.38 -10.49 5.07
N GLN B 181 -38.38 -10.62 5.95
CA GLN B 181 -38.45 -11.71 6.95
C GLN B 181 -38.21 -13.09 6.32
N ASN B 182 -37.27 -13.84 6.89
CA ASN B 182 -36.97 -15.21 6.47
C ASN B 182 -35.93 -15.28 5.38
N TYR B 183 -35.78 -14.27 4.54
CA TYR B 183 -34.90 -14.47 3.37
C TYR B 183 -33.45 -14.43 3.87
N ASN B 184 -33.28 -13.86 5.06
CA ASN B 184 -32.07 -14.08 5.89
C ASN B 184 -30.77 -14.11 5.10
N VAL B 185 -30.05 -15.23 5.08
CA VAL B 185 -28.72 -15.24 4.44
C VAL B 185 -28.80 -14.99 2.92
N MET B 186 -29.91 -15.34 2.28
CA MET B 186 -29.98 -15.10 0.83
C MET B 186 -30.05 -13.58 0.51
N GLY B 187 -30.78 -12.80 1.33
CA GLY B 187 -30.75 -11.35 1.24
C GLY B 187 -29.35 -10.74 1.18
N VAL B 188 -28.49 -11.11 2.12
CA VAL B 188 -27.12 -10.64 2.15
C VAL B 188 -26.35 -11.11 0.91
N ALA B 189 -26.56 -12.32 0.39
CA ALA B 189 -25.95 -12.72 -0.87
C ALA B 189 -26.51 -11.99 -2.08
N LYS B 190 -27.81 -11.68 -2.09
CA LYS B 190 -28.35 -10.77 -3.11
C LYS B 190 -27.81 -9.33 -3.07
N ALA B 191 -27.56 -8.81 -1.88
CA ALA B 191 -26.96 -7.50 -1.75
C ALA B 191 -25.59 -7.56 -2.46
N SER B 192 -24.83 -8.60 -2.12
CA SER B 192 -23.55 -8.93 -2.74
C SER B 192 -23.68 -9.07 -4.26
N LEU B 193 -24.63 -9.86 -4.73
CA LEU B 193 -24.85 -10.06 -6.19
C LEU B 193 -25.11 -8.71 -6.86
N GLU B 194 -25.88 -7.86 -6.19
CA GLU B 194 -26.27 -6.63 -6.82
C GLU B 194 -25.08 -5.65 -6.93
N ALA B 195 -24.13 -5.68 -5.99
CA ALA B 195 -22.97 -4.81 -6.05
C ALA B 195 -22.00 -5.40 -7.09
N ASN B 196 -22.00 -6.73 -7.13
CA ASN B 196 -21.24 -7.48 -8.11
C ASN B 196 -21.63 -7.08 -9.54
N VAL B 197 -22.92 -6.87 -9.78
CA VAL B 197 -23.36 -6.38 -11.09
C VAL B 197 -22.81 -4.97 -11.43
N LYS B 198 -22.74 -4.09 -10.42
CA LYS B 198 -22.28 -2.73 -10.68
C LYS B 198 -20.78 -2.74 -10.94
N TYR B 199 -20.00 -3.36 -10.06
CA TYR B 199 -18.57 -3.47 -10.30
C TYR B 199 -18.29 -4.18 -11.61
N LEU B 200 -19.07 -5.18 -11.97
CA LEU B 200 -18.80 -5.81 -13.26
C LEU B 200 -19.07 -4.87 -14.43
N ALA B 201 -20.14 -4.06 -14.34
CA ALA B 201 -20.46 -3.07 -15.39
C ALA B 201 -19.36 -2.01 -15.60
N LEU B 202 -18.87 -1.45 -14.49
CA LEU B 202 -17.83 -0.43 -14.52
C LEU B 202 -16.61 -1.07 -15.18
N ASP B 203 -16.31 -2.32 -14.86
CA ASP B 203 -15.08 -2.98 -15.32
C ASP B 203 -15.18 -3.46 -16.77
N LEU B 204 -16.34 -3.95 -17.19
CA LEU B 204 -16.41 -4.62 -18.50
C LEU B 204 -17.04 -3.68 -19.51
N GLY B 205 -17.53 -2.54 -19.01
CA GLY B 205 -18.07 -1.51 -19.90
C GLY B 205 -17.19 -1.07 -21.06
N PRO B 206 -15.88 -0.84 -20.82
CA PRO B 206 -15.03 -0.40 -21.91
C PRO B 206 -14.87 -1.49 -22.96
N ASP B 207 -15.23 -2.72 -22.60
CA ASP B 207 -15.16 -3.86 -23.53
C ASP B 207 -16.49 -4.02 -24.21
N ASN B 208 -17.41 -3.08 -23.93
CA ASN B 208 -18.75 -3.07 -24.47
C ASN B 208 -19.60 -4.22 -23.91
N ILE B 209 -19.25 -4.69 -22.72
CA ILE B 209 -20.08 -5.74 -22.15
C ILE B 209 -21.01 -5.11 -21.13
N ARG B 210 -22.32 -5.22 -21.34
CA ARG B 210 -23.25 -4.69 -20.31
C ARG B 210 -23.59 -5.72 -19.25
N VAL B 211 -23.82 -5.27 -18.02
CA VAL B 211 -24.10 -6.21 -16.92
C VAL B 211 -25.23 -5.60 -16.13
N ASN B 212 -26.28 -6.39 -15.88
CA ASN B 212 -27.53 -5.90 -15.29
C ASN B 212 -28.19 -6.97 -14.44
N ALA B 213 -29.18 -6.58 -13.63
CA ALA B 213 -29.93 -7.53 -12.78
C ALA B 213 -31.41 -7.42 -13.10
N ILE B 214 -32.08 -8.57 -13.11
CA ILE B 214 -33.52 -8.60 -12.96
C ILE B 214 -33.88 -8.92 -11.52
N SER B 215 -34.75 -8.11 -10.92
CA SER B 215 -35.24 -8.34 -9.57
C SER B 215 -36.68 -8.86 -9.67
N ALA B 216 -36.81 -10.19 -9.68
CA ALA B 216 -38.06 -10.85 -9.99
C ALA B 216 -38.90 -10.84 -8.72
N GLY B 217 -40.21 -10.78 -8.87
CA GLY B 217 -41.10 -11.01 -7.73
C GLY B 217 -41.21 -12.49 -7.46
N PRO B 218 -41.91 -12.86 -6.37
CA PRO B 218 -41.95 -14.28 -5.96
C PRO B 218 -42.69 -15.18 -6.96
N ILE B 219 -42.04 -16.28 -7.32
CA ILE B 219 -42.48 -17.18 -8.38
C ILE B 219 -42.33 -18.63 -7.87
N ARG B 220 -43.41 -19.40 -7.91
CA ARG B 220 -43.35 -20.78 -7.39
C ARG B 220 -42.34 -21.64 -8.17
N THR B 221 -41.17 -21.86 -7.60
CA THR B 221 -40.15 -22.72 -8.23
C THR B 221 -39.64 -23.75 -7.23
N LEU B 222 -38.89 -24.74 -7.70
CA LEU B 222 -38.27 -25.70 -6.80
C LEU B 222 -37.55 -25.03 -5.61
N SER B 223 -36.72 -24.03 -5.87
CA SER B 223 -35.98 -23.38 -4.79
C SER B 223 -36.85 -22.56 -3.83
N ALA B 224 -37.95 -22.01 -4.33
CA ALA B 224 -38.86 -21.21 -3.49
C ALA B 224 -39.50 -22.05 -2.40
N LYS B 225 -39.67 -23.33 -2.70
CA LYS B 225 -40.24 -24.30 -1.76
C LYS B 225 -39.42 -24.38 -0.48
N GLY B 226 -38.15 -24.03 -0.57
CA GLY B 226 -37.31 -24.04 0.62
C GLY B 226 -37.25 -22.73 1.38
N VAL B 227 -37.81 -21.65 0.86
CA VAL B 227 -37.76 -20.40 1.61
C VAL B 227 -38.92 -20.31 2.60
N GLY B 228 -38.62 -20.01 3.85
CA GLY B 228 -39.66 -19.87 4.88
C GLY B 228 -40.63 -18.76 4.55
N GLY B 229 -41.93 -19.03 4.65
CA GLY B 229 -42.96 -18.01 4.46
C GLY B 229 -43.24 -17.55 3.03
N PHE B 230 -42.60 -18.17 2.04
CA PHE B 230 -42.91 -17.87 0.64
C PHE B 230 -44.41 -17.78 0.24
N ASN B 231 -45.31 -18.60 0.77
CA ASN B 231 -46.71 -18.43 0.35
C ASN B 231 -47.32 -17.17 0.93
N THR B 232 -46.88 -16.76 2.12
CA THR B 232 -47.54 -15.61 2.72
C THR B 232 -47.13 -14.31 2.00
N ILE B 233 -45.99 -14.34 1.30
CA ILE B 233 -45.54 -13.24 0.44
C ILE B 233 -46.28 -13.22 -0.90
N LEU B 234 -46.36 -14.36 -1.57
CA LEU B 234 -47.18 -14.48 -2.76
C LEU B 234 -48.50 -13.76 -2.56
N LYS B 235 -49.20 -14.05 -1.47
CA LYS B 235 -50.52 -13.45 -1.26
C LYS B 235 -50.45 -11.96 -0.92
N GLU B 236 -49.42 -11.51 -0.21
CA GLU B 236 -49.20 -10.07 0.03
C GLU B 236 -48.98 -9.26 -1.27
N ILE B 237 -48.28 -9.83 -2.25
CA ILE B 237 -48.10 -9.14 -3.53
C ILE B 237 -49.47 -8.88 -4.16
N GLU B 238 -50.32 -9.90 -4.19
CA GLU B 238 -51.62 -9.79 -4.84
C GLU B 238 -52.42 -8.68 -4.21
N GLU B 239 -52.40 -8.62 -2.88
CA GLU B 239 -53.21 -7.65 -2.17
C GLU B 239 -52.63 -6.26 -2.29
N ARG B 240 -51.31 -6.15 -2.41
CA ARG B 240 -50.65 -4.87 -2.17
C ARG B 240 -49.86 -4.23 -3.33
N ALA B 241 -49.31 -5.05 -4.23
CA ALA B 241 -48.53 -4.56 -5.37
C ALA B 241 -49.42 -3.77 -6.31
N PRO B 242 -48.85 -2.74 -6.96
CA PRO B 242 -49.62 -1.92 -7.86
C PRO B 242 -50.43 -2.73 -8.87
N LEU B 243 -49.86 -3.78 -9.45
CA LEU B 243 -50.61 -4.47 -10.51
C LEU B 243 -51.51 -5.51 -9.89
N LYS B 244 -51.44 -5.67 -8.58
CA LYS B 244 -52.42 -6.50 -7.85
C LYS B 244 -52.39 -7.98 -8.25
N ARG B 245 -51.27 -8.47 -8.78
CA ARG B 245 -51.18 -9.84 -9.22
C ARG B 245 -49.71 -10.21 -9.04
N ASN B 246 -49.40 -11.50 -9.02
CA ASN B 246 -48.02 -11.93 -9.11
C ASN B 246 -47.52 -12.03 -10.55
N VAL B 247 -46.20 -12.18 -10.72
CA VAL B 247 -45.61 -12.26 -12.06
C VAL B 247 -45.24 -13.70 -12.36
N ASP B 248 -44.70 -13.94 -13.55
CA ASP B 248 -44.32 -15.30 -13.85
C ASP B 248 -42.99 -15.31 -14.55
N GLN B 249 -42.49 -16.52 -14.75
CA GLN B 249 -41.21 -16.75 -15.41
C GLN B 249 -41.17 -16.15 -16.81
N VAL B 250 -42.29 -16.10 -17.51
CA VAL B 250 -42.25 -15.52 -18.86
C VAL B 250 -42.04 -13.99 -18.79
N GLU B 251 -42.62 -13.33 -17.79
CA GLU B 251 -42.39 -11.91 -17.63
C GLU B 251 -40.95 -11.58 -17.29
N VAL B 252 -40.29 -12.44 -16.54
CA VAL B 252 -38.86 -12.24 -16.32
C VAL B 252 -38.16 -12.46 -17.64
N GLY B 253 -38.59 -13.49 -18.35
CA GLY B 253 -38.07 -13.76 -19.67
C GLY B 253 -38.13 -12.58 -20.63
N LYS B 254 -39.25 -11.86 -20.66
CA LYS B 254 -39.42 -10.82 -21.68
C LYS B 254 -38.56 -9.59 -21.34
N THR B 255 -38.29 -9.37 -20.05
CA THR B 255 -37.33 -8.38 -19.66
C THR B 255 -35.90 -8.84 -19.86
N ALA B 256 -35.64 -10.14 -19.66
CA ALA B 256 -34.34 -10.68 -20.03
C ALA B 256 -33.98 -10.39 -21.50
N ALA B 257 -34.94 -10.60 -22.41
CA ALA B 257 -34.73 -10.38 -23.84
C ALA B 257 -34.37 -8.92 -24.15
N TYR B 258 -35.09 -8.01 -23.48
CA TYR B 258 -34.77 -6.60 -23.58
C TYR B 258 -33.32 -6.40 -23.13
N LEU B 259 -33.00 -6.76 -21.90
CA LEU B 259 -31.63 -6.62 -21.38
C LEU B 259 -30.54 -7.33 -22.22
N LEU B 260 -30.89 -8.40 -22.90
CA LEU B 260 -29.88 -9.19 -23.59
C LEU B 260 -29.66 -8.68 -25.00
N SER B 261 -30.56 -7.80 -25.44
CA SER B 261 -30.60 -7.34 -26.82
C SER B 261 -30.10 -5.89 -26.96
N ASP B 262 -29.97 -5.45 -28.20
CA ASP B 262 -29.60 -4.07 -28.53
C ASP B 262 -30.68 -3.06 -28.15
N LEU B 263 -31.89 -3.52 -27.87
CA LEU B 263 -32.93 -2.65 -27.32
C LEU B 263 -32.37 -1.90 -26.11
N SER B 264 -31.53 -2.55 -25.32
CA SER B 264 -31.15 -1.93 -24.06
C SER B 264 -29.73 -1.38 -24.12
N SER B 265 -29.23 -1.11 -25.33
N SER B 265 -29.26 -1.00 -25.31
CA SER B 265 -27.94 -0.43 -25.44
CA SER B 265 -27.84 -0.66 -25.51
C SER B 265 -27.98 0.89 -24.67
C SER B 265 -27.28 0.45 -24.60
N GLY B 266 -26.92 1.13 -23.90
N GLY B 266 -28.14 1.30 -24.05
CA GLY B 266 -26.90 2.27 -22.99
CA GLY B 266 -27.67 2.38 -23.18
C GLY B 266 -27.37 1.97 -21.58
C GLY B 266 -27.64 2.05 -21.69
N VAL B 267 -27.97 0.81 -21.35
CA VAL B 267 -28.31 0.39 -20.01
C VAL B 267 -27.24 -0.57 -19.49
N THR B 268 -26.58 -0.25 -18.39
CA THR B 268 -25.70 -1.22 -17.75
C THR B 268 -25.63 -0.85 -16.29
N GLY B 269 -25.34 -1.82 -15.44
CA GLY B 269 -25.26 -1.59 -14.01
C GLY B 269 -26.66 -1.39 -13.45
N GLU B 270 -27.69 -1.72 -14.24
CA GLU B 270 -29.08 -1.46 -13.83
C GLU B 270 -29.69 -2.69 -13.12
N ASN B 271 -30.73 -2.46 -12.32
CA ASN B 271 -31.53 -3.49 -11.63
C ASN B 271 -33.01 -3.24 -11.97
N ILE B 272 -33.55 -3.95 -12.96
CA ILE B 272 -34.97 -3.79 -13.31
C ILE B 272 -35.88 -4.70 -12.49
N HIS B 273 -36.78 -4.11 -11.72
CA HIS B 273 -37.74 -4.87 -10.93
C HIS B 273 -38.87 -5.36 -11.82
N VAL B 274 -38.97 -6.68 -11.99
CA VAL B 274 -40.10 -7.27 -12.68
C VAL B 274 -41.03 -7.90 -11.67
N ASP B 275 -41.86 -7.10 -11.02
CA ASP B 275 -42.45 -7.53 -9.78
C ASP B 275 -43.82 -6.88 -9.52
N SER B 276 -44.52 -6.47 -10.57
CA SER B 276 -45.79 -5.76 -10.38
C SER B 276 -45.73 -4.46 -9.53
N GLY B 277 -44.56 -3.84 -9.47
CA GLY B 277 -44.38 -2.54 -8.82
C GLY B 277 -44.25 -2.58 -7.32
N PHE B 278 -44.20 -3.79 -6.78
CA PHE B 278 -44.06 -3.97 -5.34
C PHE B 278 -42.85 -3.26 -4.73
N HIS B 279 -41.74 -3.15 -5.48
CA HIS B 279 -40.52 -2.51 -4.99
C HIS B 279 -40.80 -1.03 -4.74
N ALA B 280 -41.88 -0.52 -5.34
CA ALA B 280 -42.12 0.92 -5.35
C ALA B 280 -43.02 1.42 -4.23
N ILE B 281 -43.56 0.55 -3.40
CA ILE B 281 -44.57 0.95 -2.47
C ILE B 281 -44.08 0.60 -1.07
N LYS B 282 -44.70 1.24 -0.08
CA LYS B 282 -44.50 0.84 1.30
C LYS B 282 -45.86 0.94 2.00
N VAL C 28 -41.18 -7.25 -29.73
CA VAL C 28 -41.59 -5.81 -29.57
C VAL C 28 -42.11 -5.23 -30.89
N ASN C 29 -43.01 -5.95 -31.58
CA ASN C 29 -43.73 -5.37 -32.72
C ASN C 29 -45.05 -4.68 -32.38
N LEU C 30 -45.23 -3.46 -32.85
CA LEU C 30 -46.32 -2.64 -32.36
C LEU C 30 -47.35 -2.24 -33.42
N GLU C 31 -47.62 -3.06 -34.43
CA GLU C 31 -48.69 -2.67 -35.33
C GLU C 31 -50.03 -2.66 -34.61
N ASN C 32 -50.94 -1.78 -34.98
CA ASN C 32 -52.22 -1.68 -34.27
C ASN C 32 -52.07 -1.17 -32.85
N LYS C 33 -50.86 -0.72 -32.48
CA LYS C 33 -50.69 0.14 -31.31
C LYS C 33 -50.76 1.63 -31.64
N THR C 34 -51.38 2.43 -30.77
CA THR C 34 -51.34 3.87 -30.90
C THR C 34 -50.69 4.49 -29.66
N TYR C 35 -49.67 5.30 -29.89
CA TYR C 35 -49.03 6.06 -28.80
C TYR C 35 -49.06 7.57 -29.06
N VAL C 36 -49.42 8.33 -28.02
CA VAL C 36 -49.28 9.78 -28.01
C VAL C 36 -47.88 10.17 -27.51
N ILE C 37 -47.12 10.89 -28.33
CA ILE C 37 -45.81 11.43 -27.96
C ILE C 37 -45.94 12.96 -27.73
N MET C 38 -45.65 13.37 -26.50
CA MET C 38 -45.75 14.76 -26.04
C MET C 38 -44.34 15.32 -25.87
N GLY C 39 -44.00 16.35 -26.65
CA GLY C 39 -42.76 17.07 -26.44
C GLY C 39 -41.73 17.05 -27.55
N ILE C 40 -42.14 16.79 -28.79
CA ILE C 40 -41.23 17.04 -29.92
C ILE C 40 -41.19 18.54 -30.23
N ALA C 41 -39.99 19.12 -30.21
CA ALA C 41 -39.74 20.50 -30.67
C ALA C 41 -38.94 20.54 -31.96
N ASN C 42 -37.91 19.70 -32.08
CA ASN C 42 -37.24 19.58 -33.37
C ASN C 42 -36.62 18.22 -33.54
N LYS C 43 -35.77 18.08 -34.55
CA LYS C 43 -35.19 16.78 -34.87
C LYS C 43 -34.26 16.27 -33.75
N ARG C 44 -33.80 17.14 -32.86
CA ARG C 44 -32.91 16.77 -31.77
CA ARG C 44 -32.92 16.68 -31.81
C ARG C 44 -33.68 16.31 -30.53
N SER C 45 -35.00 16.51 -30.52
CA SER C 45 -35.79 16.21 -29.32
C SER C 45 -35.63 14.73 -28.99
N ILE C 46 -35.45 14.42 -27.71
CA ILE C 46 -35.52 13.02 -27.25
C ILE C 46 -36.82 12.37 -27.79
N ALA C 47 -37.93 13.08 -27.65
CA ALA C 47 -39.19 12.49 -28.10
C ALA C 47 -39.17 12.16 -29.60
N PHE C 48 -38.35 12.82 -30.41
CA PHE C 48 -38.22 12.40 -31.82
C PHE C 48 -37.48 11.06 -31.94
N GLY C 49 -36.54 10.80 -31.03
CA GLY C 49 -35.94 9.46 -30.88
C GLY C 49 -37.00 8.38 -30.62
N VAL C 50 -37.83 8.58 -29.60
CA VAL C 50 -38.91 7.64 -29.36
C VAL C 50 -39.70 7.43 -30.63
N ALA C 51 -40.18 8.53 -31.20
CA ALA C 51 -41.01 8.48 -32.39
C ALA C 51 -40.38 7.67 -33.56
N LYS C 52 -39.09 7.88 -33.84
CA LYS C 52 -38.37 7.15 -34.89
C LYS C 52 -38.39 5.68 -34.59
N VAL C 53 -38.13 5.32 -33.33
CA VAL C 53 -38.18 3.91 -32.90
C VAL C 53 -39.57 3.28 -32.91
N LEU C 54 -40.58 3.98 -32.40
CA LEU C 54 -41.95 3.45 -32.45
C LEU C 54 -42.51 3.36 -33.85
N ASP C 55 -42.12 4.29 -34.71
CA ASP C 55 -42.73 4.43 -36.01
C ASP C 55 -42.16 3.27 -36.82
N GLN C 56 -40.85 3.07 -36.68
CA GLN C 56 -40.14 1.96 -37.27
C GLN C 56 -40.70 0.61 -36.82
N LEU C 57 -41.20 0.52 -35.60
CA LEU C 57 -41.83 -0.71 -35.14
C LEU C 57 -43.30 -0.85 -35.56
N GLY C 58 -43.82 0.12 -36.30
CA GLY C 58 -45.14 -0.03 -36.92
C GLY C 58 -46.30 0.61 -36.19
N ALA C 59 -46.03 1.35 -35.12
CA ALA C 59 -47.06 1.99 -34.30
C ALA C 59 -47.70 3.19 -34.98
N LYS C 60 -48.99 3.38 -34.73
CA LYS C 60 -49.67 4.61 -35.07
C LYS C 60 -49.24 5.60 -33.98
N LEU C 61 -48.83 6.80 -34.41
CA LEU C 61 -48.46 7.90 -33.51
C LEU C 61 -49.29 9.19 -33.68
N VAL C 62 -49.47 9.86 -32.55
CA VAL C 62 -50.22 11.10 -32.42
C VAL C 62 -49.23 11.94 -31.64
N PHE C 63 -49.09 13.22 -32.04
CA PHE C 63 -48.09 14.12 -31.47
C PHE C 63 -48.72 15.35 -30.87
N THR C 64 -48.21 15.78 -29.72
CA THR C 64 -48.69 17.02 -29.12
C THR C 64 -47.54 18.01 -28.91
N TYR C 65 -47.84 19.30 -28.99
CA TYR C 65 -46.83 20.35 -29.07
C TYR C 65 -47.41 21.58 -28.39
N ARG C 66 -46.53 22.52 -28.03
CA ARG C 66 -46.95 23.82 -27.52
C ARG C 66 -46.76 24.98 -28.50
N LYS C 67 -45.52 25.30 -28.87
CA LYS C 67 -45.25 26.41 -29.80
C LYS C 67 -45.65 26.07 -31.23
N GLU C 68 -46.13 27.06 -31.98
CA GLU C 68 -46.41 26.79 -33.37
CA GLU C 68 -46.32 27.03 -33.43
C GLU C 68 -45.15 26.34 -34.12
N ARG C 69 -43.96 26.69 -33.63
CA ARG C 69 -42.72 26.31 -34.29
C ARG C 69 -42.49 24.81 -34.18
N SER C 70 -42.96 24.24 -33.07
CA SER C 70 -42.92 22.81 -32.87
C SER C 70 -43.83 22.07 -33.86
N ARG C 71 -45.05 22.52 -34.05
CA ARG C 71 -45.90 21.93 -35.09
C ARG C 71 -45.23 21.98 -36.46
N LYS C 72 -44.59 23.09 -36.78
CA LYS C 72 -43.92 23.23 -38.08
C LYS C 72 -42.75 22.26 -38.23
N GLU C 73 -42.03 22.09 -37.12
CA GLU C 73 -40.95 21.13 -37.11
C GLU C 73 -41.53 19.72 -37.26
N LEU C 74 -42.65 19.47 -36.58
CA LEU C 74 -43.35 18.18 -36.68
C LEU C 74 -43.84 17.87 -38.10
N GLU C 75 -44.40 18.87 -38.77
CA GLU C 75 -44.83 18.70 -40.16
C GLU C 75 -43.70 18.28 -41.08
N LYS C 76 -42.50 18.80 -40.83
CA LYS C 76 -41.33 18.55 -41.66
C LYS C 76 -40.70 17.20 -41.32
N LEU C 77 -40.71 16.87 -40.03
CA LEU C 77 -40.16 15.59 -39.56
C LEU C 77 -41.04 14.37 -39.88
N LEU C 78 -42.36 14.53 -39.86
CA LEU C 78 -43.27 13.52 -40.41
C LEU C 78 -42.95 13.02 -41.82
N GLU C 79 -42.12 13.72 -42.58
CA GLU C 79 -41.73 13.27 -43.92
C GLU C 79 -40.77 12.09 -43.88
N GLN C 80 -40.10 11.93 -42.75
CA GLN C 80 -39.07 10.90 -42.54
C GLN C 80 -39.62 9.67 -41.81
N LEU C 81 -40.84 9.80 -41.29
CA LEU C 81 -41.58 8.73 -40.65
C LEU C 81 -42.50 7.97 -41.62
N ASN C 82 -43.08 6.88 -41.17
CA ASN C 82 -43.96 6.09 -42.01
C ASN C 82 -45.43 6.42 -41.79
N GLN C 83 -45.75 7.17 -40.74
CA GLN C 83 -47.11 7.62 -40.51
C GLN C 83 -47.74 8.10 -41.80
N PRO C 84 -48.87 7.50 -42.19
CA PRO C 84 -49.56 7.87 -43.42
C PRO C 84 -50.41 9.13 -43.23
N GLU C 85 -50.69 9.49 -41.99
CA GLU C 85 -51.22 10.81 -41.70
C GLU C 85 -50.71 11.41 -40.41
N ALA C 86 -50.88 12.72 -40.33
CA ALA C 86 -50.28 13.55 -39.30
C ALA C 86 -51.36 13.77 -38.26
N HIS C 87 -51.14 13.32 -37.04
CA HIS C 87 -52.05 13.67 -35.96
C HIS C 87 -51.35 14.61 -34.98
N LEU C 88 -51.60 15.91 -35.10
CA LEU C 88 -50.88 16.89 -34.31
C LEU C 88 -51.86 17.65 -33.44
N TYR C 89 -51.60 17.73 -32.14
CA TYR C 89 -52.52 18.46 -31.29
C TYR C 89 -51.79 19.48 -30.42
N GLN C 90 -52.27 20.71 -30.41
CA GLN C 90 -51.61 21.74 -29.62
C GLN C 90 -52.03 21.56 -28.19
N ILE C 91 -51.11 21.24 -27.28
CA ILE C 91 -51.47 21.12 -25.88
C ILE C 91 -50.39 21.80 -25.07
N ASP C 92 -50.77 22.92 -24.46
CA ASP C 92 -49.98 23.49 -23.39
C ASP C 92 -50.37 22.84 -22.08
N VAL C 93 -49.45 22.09 -21.49
CA VAL C 93 -49.79 21.32 -20.30
C VAL C 93 -49.99 22.18 -19.03
N GLN C 94 -49.72 23.47 -19.12
CA GLN C 94 -50.14 24.40 -18.07
C GLN C 94 -51.66 24.59 -18.04
N SER C 95 -52.35 24.20 -19.10
CA SER C 95 -53.79 24.43 -19.20
C SER C 95 -54.56 23.15 -18.95
N ASP C 96 -55.30 23.07 -17.84
CA ASP C 96 -56.23 21.98 -17.62
C ASP C 96 -57.12 21.71 -18.83
N GLU C 97 -57.68 22.78 -19.38
CA GLU C 97 -58.65 22.59 -20.44
CA GLU C 97 -58.62 22.77 -20.50
C GLU C 97 -57.96 22.17 -21.74
N GLU C 98 -56.73 22.59 -21.98
CA GLU C 98 -56.09 22.25 -23.23
C GLU C 98 -55.67 20.79 -23.22
N VAL C 99 -55.29 20.30 -22.04
CA VAL C 99 -55.05 18.89 -21.79
C VAL C 99 -56.36 18.09 -21.86
N ILE C 100 -57.41 18.57 -21.19
CA ILE C 100 -58.68 17.83 -21.12
C ILE C 100 -59.25 17.69 -22.53
N ASN C 101 -59.35 18.81 -23.23
CA ASN C 101 -59.89 18.84 -24.59
C ASN C 101 -58.94 18.27 -25.64
N GLY C 102 -57.64 18.32 -25.38
CA GLY C 102 -56.67 17.66 -26.26
C GLY C 102 -56.81 16.15 -26.35
N PHE C 103 -56.79 15.50 -25.20
CA PHE C 103 -56.95 14.03 -25.16
C PHE C 103 -58.37 13.63 -25.57
N GLU C 104 -59.37 14.37 -25.11
CA GLU C 104 -60.75 14.15 -25.54
C GLU C 104 -60.85 14.12 -27.06
N GLN C 105 -60.22 15.09 -27.71
CA GLN C 105 -60.14 15.16 -29.17
C GLN C 105 -59.34 14.01 -29.79
N ILE C 106 -58.20 13.65 -29.18
CA ILE C 106 -57.38 12.56 -29.70
C ILE C 106 -58.24 11.31 -29.73
N GLY C 107 -59.01 11.14 -28.67
CA GLY C 107 -59.93 10.02 -28.53
C GLY C 107 -60.95 9.94 -29.64
N LYS C 108 -61.50 11.07 -30.06
CA LYS C 108 -62.49 11.10 -31.16
C LYS C 108 -61.85 10.91 -32.53
N ASP C 109 -60.61 11.34 -32.70
CA ASP C 109 -59.92 11.22 -33.98
C ASP C 109 -59.32 9.84 -34.26
N VAL C 110 -58.73 9.21 -33.23
CA VAL C 110 -58.04 7.92 -33.40
C VAL C 110 -58.58 6.80 -32.49
N GLY C 111 -59.55 7.09 -31.64
CA GLY C 111 -60.02 6.07 -30.71
C GLY C 111 -59.07 5.85 -29.55
N ASN C 112 -59.09 4.64 -29.00
CA ASN C 112 -58.31 4.30 -27.83
C ASN C 112 -56.80 4.15 -28.04
N ILE C 113 -56.04 4.48 -27.00
CA ILE C 113 -54.61 4.46 -27.15
C ILE C 113 -53.96 3.44 -26.25
N ASP C 114 -52.70 3.15 -26.53
CA ASP C 114 -51.99 2.06 -25.89
C ASP C 114 -51.02 2.66 -24.90
N GLY C 115 -50.68 3.93 -25.10
CA GLY C 115 -49.84 4.60 -24.11
C GLY C 115 -49.47 5.99 -24.54
N VAL C 116 -48.68 6.63 -23.68
CA VAL C 116 -48.30 8.04 -23.78
C VAL C 116 -46.82 8.11 -23.46
N TYR C 117 -46.01 8.67 -24.35
CA TYR C 117 -44.65 9.05 -23.99
C TYR C 117 -44.57 10.53 -23.62
N HIS C 118 -44.22 10.85 -22.39
CA HIS C 118 -44.23 12.21 -21.89
C HIS C 118 -42.79 12.68 -21.87
N SER C 119 -42.49 13.66 -22.71
CA SER C 119 -41.14 14.23 -22.86
C SER C 119 -41.22 15.75 -22.68
N ILE C 120 -41.68 16.20 -21.51
CA ILE C 120 -41.99 17.60 -21.28
C ILE C 120 -41.40 18.09 -19.97
N ALA C 121 -40.73 19.24 -20.05
CA ALA C 121 -40.17 19.89 -18.87
C ALA C 121 -39.94 21.35 -19.19
N PHE C 122 -39.93 22.20 -18.17
CA PHE C 122 -39.53 23.58 -18.40
C PHE C 122 -38.94 24.21 -17.14
N ALA C 123 -37.93 25.05 -17.30
CA ALA C 123 -37.52 25.91 -16.19
C ALA C 123 -36.90 27.12 -16.82
N ASN C 124 -37.04 28.26 -16.15
CA ASN C 124 -36.38 29.49 -16.58
C ASN C 124 -34.88 29.30 -16.56
N MET C 125 -34.18 30.02 -17.43
CA MET C 125 -32.73 30.00 -17.48
C MET C 125 -31.99 30.50 -16.23
N GLU C 126 -32.49 31.51 -15.52
CA GLU C 126 -31.87 31.86 -14.23
C GLU C 126 -31.65 30.59 -13.41
N ASP C 127 -32.62 29.68 -13.51
CA ASP C 127 -32.79 28.68 -12.51
C ASP C 127 -32.05 27.41 -12.93
N LEU C 128 -31.04 27.54 -13.78
CA LEU C 128 -30.34 26.37 -14.33
C LEU C 128 -28.84 26.64 -14.26
N ARG C 129 -28.48 27.41 -13.23
CA ARG C 129 -27.12 27.88 -13.00
C ARG C 129 -27.02 28.62 -11.67
N GLY C 130 -25.79 28.96 -11.27
CA GLY C 130 -25.57 29.66 -10.01
C GLY C 130 -26.29 28.98 -8.87
N ARG C 131 -26.90 29.74 -7.97
CA ARG C 131 -27.12 29.24 -6.62
C ARG C 131 -28.57 28.79 -6.49
N PHE C 132 -28.80 27.52 -6.16
CA PHE C 132 -30.16 26.99 -5.94
C PHE C 132 -30.96 27.74 -4.85
N SER C 133 -30.32 28.09 -3.73
CA SER C 133 -31.00 28.71 -2.59
C SER C 133 -31.66 30.03 -2.97
N GLU C 134 -31.31 30.54 -4.16
CA GLU C 134 -31.82 31.82 -4.67
C GLU C 134 -33.02 31.65 -5.62
N THR C 135 -33.47 30.43 -5.84
CA THR C 135 -34.65 30.19 -6.68
C THR C 135 -35.87 30.95 -6.15
N SER C 136 -36.60 31.56 -7.09
CA SER C 136 -37.82 32.27 -6.76
C SER C 136 -38.96 31.27 -6.62
N ARG C 137 -39.96 31.60 -5.81
CA ARG C 137 -41.19 30.81 -5.74
C ARG C 137 -41.78 30.55 -7.15
N GLU C 138 -41.90 31.61 -7.92
CA GLU C 138 -42.54 31.54 -9.23
C GLU C 138 -41.75 30.59 -10.14
N GLY C 139 -40.42 30.57 -10.00
CA GLY C 139 -39.59 29.74 -10.87
C GLY C 139 -39.69 28.29 -10.46
N PHE C 140 -39.68 28.06 -9.15
CA PHE C 140 -39.87 26.74 -8.59
C PHE C 140 -41.21 26.15 -8.97
N LEU C 141 -42.31 26.83 -8.66
CA LEU C 141 -43.64 26.34 -8.99
C LEU C 141 -43.83 26.12 -10.50
N LEU C 142 -43.22 26.97 -11.33
CA LEU C 142 -43.35 26.84 -12.79
C LEU C 142 -42.74 25.53 -13.26
N ALA C 143 -41.55 25.22 -12.74
CA ALA C 143 -40.86 23.97 -13.07
C ALA C 143 -41.65 22.73 -12.61
N GLN C 144 -42.18 22.81 -11.39
CA GLN C 144 -43.09 21.78 -10.88
C GLN C 144 -44.32 21.61 -11.77
N ASP C 145 -45.00 22.71 -12.11
CA ASP C 145 -46.26 22.63 -12.85
C ASP C 145 -46.00 21.96 -14.20
N ILE C 146 -44.94 22.35 -14.90
CA ILE C 146 -44.77 21.88 -16.27
C ILE C 146 -44.13 20.50 -16.25
N SER C 147 -43.14 20.32 -15.37
CA SER C 147 -42.26 19.15 -15.45
C SER C 147 -42.73 17.89 -14.69
N SER C 148 -43.73 18.04 -13.82
CA SER C 148 -44.16 16.94 -12.96
C SER C 148 -45.67 16.85 -12.94
N TYR C 149 -46.35 17.91 -12.58
CA TYR C 149 -47.79 17.83 -12.41
C TYR C 149 -48.48 17.56 -13.75
N SER C 150 -47.88 18.01 -14.85
CA SER C 150 -48.47 17.73 -16.15
C SER C 150 -48.62 16.24 -16.39
N LEU C 151 -47.79 15.43 -15.73
CA LEU C 151 -47.89 13.97 -15.87
C LEU C 151 -49.15 13.38 -15.26
N THR C 152 -49.48 13.88 -14.07
CA THR C 152 -50.64 13.49 -13.28
C THR C 152 -51.92 13.72 -14.09
N ILE C 153 -52.06 14.93 -14.63
CA ILE C 153 -53.26 15.30 -15.38
C ILE C 153 -53.27 14.67 -16.79
N VAL C 154 -52.12 14.50 -17.41
CA VAL C 154 -52.04 13.71 -18.62
C VAL C 154 -52.51 12.25 -18.37
N ALA C 155 -51.97 11.64 -17.32
CA ALA C 155 -52.40 10.31 -16.91
C ALA C 155 -53.91 10.24 -16.69
N HIS C 156 -54.47 11.23 -16.00
CA HIS C 156 -55.88 11.16 -15.64
C HIS C 156 -56.74 11.24 -16.89
N GLU C 157 -56.29 12.02 -17.86
CA GLU C 157 -57.04 12.22 -19.12
C GLU C 157 -56.72 11.12 -20.11
N ALA C 158 -55.45 10.73 -20.20
CA ALA C 158 -55.04 9.56 -20.98
C ALA C 158 -55.71 8.23 -20.54
N LYS C 159 -55.92 8.04 -19.25
CA LYS C 159 -56.61 6.84 -18.76
C LYS C 159 -57.99 6.64 -19.40
N LYS C 160 -58.71 7.73 -19.65
CA LYS C 160 -60.00 7.65 -20.34
C LYS C 160 -59.93 6.97 -21.72
N LEU C 161 -58.73 6.88 -22.30
CA LEU C 161 -58.52 6.31 -23.63
C LEU C 161 -57.87 4.94 -23.55
N MET C 162 -57.68 4.47 -22.34
CA MET C 162 -57.06 3.18 -22.15
C MET C 162 -57.94 2.25 -21.29
N PRO C 163 -59.21 1.98 -21.72
CA PRO C 163 -60.12 1.21 -20.87
C PRO C 163 -59.59 -0.21 -20.62
N GLU C 164 -58.66 -0.63 -21.48
CA GLU C 164 -58.04 -1.95 -21.43
C GLU C 164 -56.70 -2.02 -20.70
N GLY C 165 -56.19 -0.89 -20.22
CA GLY C 165 -54.80 -0.78 -19.71
C GLY C 165 -53.87 -0.17 -20.74
N GLY C 166 -52.66 0.15 -20.30
CA GLY C 166 -51.64 0.68 -21.18
C GLY C 166 -50.39 1.09 -20.42
N SER C 167 -49.62 1.98 -21.04
CA SER C 167 -48.28 2.27 -20.54
C SER C 167 -47.96 3.75 -20.69
N ILE C 168 -47.46 4.40 -19.65
CA ILE C 168 -47.16 5.82 -19.63
C ILE C 168 -45.72 5.96 -19.14
N VAL C 169 -44.88 6.61 -19.93
CA VAL C 169 -43.46 6.70 -19.60
C VAL C 169 -43.06 8.17 -19.61
N ALA C 170 -42.49 8.68 -18.52
CA ALA C 170 -41.96 10.04 -18.46
C ALA C 170 -40.42 10.04 -18.59
N THR C 171 -39.84 11.21 -18.82
CA THR C 171 -38.42 11.29 -19.03
C THR C 171 -37.78 12.07 -17.87
N THR C 172 -36.85 11.45 -17.17
CA THR C 172 -36.23 12.15 -16.07
C THR C 172 -34.71 12.17 -16.20
N TYR C 173 -34.06 12.69 -15.17
CA TYR C 173 -32.62 12.78 -15.19
C TYR C 173 -32.13 12.51 -13.77
N LEU C 174 -31.04 11.78 -13.70
CA LEU C 174 -30.29 11.45 -12.51
C LEU C 174 -30.29 12.57 -11.49
N GLY C 175 -30.49 13.81 -11.93
CA GLY C 175 -30.38 14.96 -11.04
C GLY C 175 -31.61 15.04 -10.17
N GLY C 176 -32.69 14.34 -10.56
CA GLY C 176 -33.80 13.97 -9.67
C GLY C 176 -33.42 13.11 -8.47
N GLU C 177 -32.31 12.37 -8.56
CA GLU C 177 -31.93 11.44 -7.49
C GLU C 177 -30.76 11.92 -6.68
N PHE C 178 -29.88 12.72 -7.29
CA PHE C 178 -28.73 13.34 -6.62
C PHE C 178 -28.65 14.82 -6.94
N ALA C 179 -27.91 15.58 -6.14
CA ALA C 179 -27.78 16.99 -6.38
C ALA C 179 -26.65 17.15 -7.39
N VAL C 180 -26.99 17.40 -8.64
CA VAL C 180 -26.04 17.67 -9.73
C VAL C 180 -25.89 19.20 -9.88
N GLN C 181 -24.67 19.72 -9.86
CA GLN C 181 -24.43 21.17 -9.96
C GLN C 181 -25.14 21.82 -11.17
N ASN C 182 -25.77 22.97 -10.93
CA ASN C 182 -26.50 23.73 -11.96
C ASN C 182 -27.93 23.28 -12.23
N TYR C 183 -28.25 22.00 -12.14
CA TYR C 183 -29.57 21.50 -12.52
C TYR C 183 -30.65 21.96 -11.54
N ASN C 184 -30.22 22.31 -10.34
CA ASN C 184 -30.98 23.17 -9.44
C ASN C 184 -32.49 22.93 -9.44
N VAL C 185 -33.31 23.89 -9.88
CA VAL C 185 -34.76 23.75 -9.77
C VAL C 185 -35.31 22.54 -10.57
N MET C 186 -34.64 22.14 -11.65
CA MET C 186 -35.16 21.03 -12.45
C MET C 186 -34.97 19.67 -11.75
N GLY C 187 -33.92 19.58 -10.94
CA GLY C 187 -33.61 18.38 -10.22
C GLY C 187 -34.69 18.14 -9.18
N VAL C 188 -35.08 19.18 -8.49
CA VAL C 188 -36.21 19.05 -7.56
C VAL C 188 -37.49 18.79 -8.33
N ALA C 189 -37.64 19.33 -9.54
CA ALA C 189 -38.81 18.97 -10.31
C ALA C 189 -38.74 17.51 -10.76
N LYS C 190 -37.55 17.01 -11.09
CA LYS C 190 -37.42 15.59 -11.44
C LYS C 190 -37.62 14.63 -10.25
N ALA C 191 -37.22 15.01 -9.05
CA ALA C 191 -37.54 14.28 -7.84
C ALA C 191 -39.07 14.12 -7.68
N SER C 192 -39.76 15.23 -7.88
CA SER C 192 -41.22 15.28 -7.86
C SER C 192 -41.72 14.36 -8.95
N LEU C 193 -41.15 14.46 -10.15
CA LEU C 193 -41.64 13.68 -11.29
C LEU C 193 -41.52 12.19 -10.99
N GLU C 194 -40.36 11.81 -10.45
CA GLU C 194 -40.09 10.42 -10.19
C GLU C 194 -41.05 9.83 -9.16
N ALA C 195 -41.40 10.59 -8.11
CA ALA C 195 -42.35 10.11 -7.11
C ALA C 195 -43.74 10.01 -7.73
N ASN C 196 -43.97 10.87 -8.72
CA ASN C 196 -45.29 11.08 -9.38
C ASN C 196 -45.51 9.79 -10.15
N VAL C 197 -44.42 9.29 -10.71
CA VAL C 197 -44.46 8.01 -11.41
C VAL C 197 -44.90 6.89 -10.45
N LYS C 198 -44.33 6.86 -9.26
CA LYS C 198 -44.61 5.79 -8.31
C LYS C 198 -46.05 5.88 -7.83
N TYR C 199 -46.49 7.09 -7.55
CA TYR C 199 -47.85 7.22 -7.05
C TYR C 199 -48.83 6.97 -8.17
N LEU C 200 -48.48 7.31 -9.40
CA LEU C 200 -49.40 6.99 -10.50
C LEU C 200 -49.42 5.50 -10.70
N ALA C 201 -48.25 4.87 -10.57
CA ALA C 201 -48.10 3.41 -10.73
C ALA C 201 -49.04 2.67 -9.78
N LEU C 202 -49.06 3.11 -8.53
CA LEU C 202 -49.85 2.47 -7.48
C LEU C 202 -51.33 2.67 -7.80
N ASP C 203 -51.68 3.92 -8.05
CA ASP C 203 -53.07 4.32 -8.31
C ASP C 203 -53.65 3.64 -9.56
N LEU C 204 -52.92 3.63 -10.67
CA LEU C 204 -53.56 3.19 -11.91
C LEU C 204 -53.24 1.75 -12.25
N GLY C 205 -52.36 1.16 -11.43
CA GLY C 205 -52.16 -0.29 -11.39
C GLY C 205 -53.36 -1.24 -11.48
N PRO C 206 -54.38 -1.05 -10.61
CA PRO C 206 -55.51 -1.97 -10.70
C PRO C 206 -56.22 -1.82 -12.04
N ASP C 207 -55.91 -0.74 -12.76
CA ASP C 207 -56.53 -0.50 -14.07
C ASP C 207 -55.69 -1.07 -15.19
N ASN C 208 -54.65 -1.81 -14.81
CA ASN C 208 -53.63 -2.28 -15.76
C ASN C 208 -52.92 -1.17 -16.57
N ILE C 209 -52.75 0.01 -16.00
CA ILE C 209 -51.90 1.02 -16.64
C ILE C 209 -50.57 1.04 -15.88
N ARG C 210 -49.48 0.76 -16.59
CA ARG C 210 -48.14 0.84 -16.00
C ARG C 210 -47.57 2.23 -16.21
N VAL C 211 -46.80 2.68 -15.22
CA VAL C 211 -46.29 4.04 -15.23
C VAL C 211 -44.82 3.89 -14.82
N ASN C 212 -43.93 4.29 -15.72
CA ASN C 212 -42.48 4.19 -15.55
C ASN C 212 -41.81 5.47 -15.96
N ALA C 213 -40.52 5.55 -15.62
CA ALA C 213 -39.66 6.62 -16.11
C ALA C 213 -38.40 6.09 -16.80
N ILE C 214 -37.90 6.81 -17.80
CA ILE C 214 -36.50 6.69 -18.29
C ILE C 214 -35.59 7.82 -17.79
N SER C 215 -34.48 7.49 -17.16
CA SER C 215 -33.51 8.48 -16.72
C SER C 215 -32.44 8.55 -17.78
N ALA C 216 -32.55 9.54 -18.68
CA ALA C 216 -31.71 9.56 -19.86
C ALA C 216 -30.41 10.22 -19.49
N GLY C 217 -29.33 9.80 -20.16
CA GLY C 217 -28.05 10.45 -20.02
C GLY C 217 -28.12 11.80 -20.71
N PRO C 218 -27.06 12.63 -20.58
CA PRO C 218 -27.20 13.96 -21.21
C PRO C 218 -27.07 13.89 -22.75
N ILE C 219 -27.93 14.65 -23.45
CA ILE C 219 -28.03 14.57 -24.90
C ILE C 219 -28.14 16.00 -25.43
N ARG C 220 -27.41 16.36 -26.50
CA ARG C 220 -27.53 17.71 -27.06
C ARG C 220 -28.93 17.99 -27.59
N THR C 221 -29.74 18.71 -26.84
CA THR C 221 -31.06 19.15 -27.33
C THR C 221 -31.29 20.64 -27.18
N LEU C 222 -32.28 21.18 -27.89
CA LEU C 222 -32.67 22.57 -27.74
C LEU C 222 -32.71 22.98 -26.27
N SER C 223 -33.37 22.19 -25.43
CA SER C 223 -33.49 22.56 -24.03
C SER C 223 -32.19 22.46 -23.23
N ALA C 224 -31.32 21.51 -23.60
CA ALA C 224 -29.99 21.35 -23.02
C ALA C 224 -29.13 22.58 -23.18
N LYS C 225 -29.34 23.30 -24.28
CA LYS C 225 -28.54 24.50 -24.49
C LYS C 225 -28.77 25.50 -23.34
N GLY C 226 -29.84 25.31 -22.57
CA GLY C 226 -30.15 26.25 -21.50
C GLY C 226 -29.56 25.88 -20.16
N VAL C 227 -29.01 24.67 -20.02
CA VAL C 227 -28.51 24.18 -18.73
C VAL C 227 -27.04 24.55 -18.49
N GLY C 228 -26.75 25.22 -17.38
CA GLY C 228 -25.38 25.60 -17.08
C GLY C 228 -24.55 24.34 -16.97
N GLY C 229 -23.36 24.32 -17.57
CA GLY C 229 -22.41 23.22 -17.36
C GLY C 229 -22.73 21.98 -18.19
N PHE C 230 -23.76 22.05 -19.01
CA PHE C 230 -24.11 20.89 -19.84
C PHE C 230 -22.94 20.30 -20.64
N ASN C 231 -22.06 21.11 -21.20
CA ASN C 231 -20.94 20.55 -21.97
C ASN C 231 -19.94 19.75 -21.14
N THR C 232 -19.49 20.31 -20.01
CA THR C 232 -18.69 19.63 -19.01
C THR C 232 -19.19 18.23 -18.60
N ILE C 233 -20.50 18.08 -18.45
CA ILE C 233 -21.13 16.82 -18.06
C ILE C 233 -21.03 15.81 -19.21
N LEU C 234 -21.28 16.26 -20.43
CA LEU C 234 -21.13 15.41 -21.61
C LEU C 234 -19.75 14.75 -21.61
N LYS C 235 -18.73 15.58 -21.37
CA LYS C 235 -17.36 15.11 -21.39
C LYS C 235 -17.11 14.14 -20.22
N GLU C 236 -17.68 14.41 -19.05
CA GLU C 236 -17.46 13.51 -17.91
C GLU C 236 -18.10 12.12 -18.11
N ILE C 237 -19.28 12.04 -18.71
CA ILE C 237 -19.89 10.75 -18.98
C ILE C 237 -18.90 9.92 -19.76
N GLU C 238 -18.40 10.56 -20.82
CA GLU C 238 -17.56 9.91 -21.81
C GLU C 238 -16.28 9.41 -21.15
N GLU C 239 -15.76 10.16 -20.20
CA GLU C 239 -14.57 9.77 -19.46
C GLU C 239 -14.82 8.79 -18.30
N ARG C 240 -15.99 8.82 -17.67
CA ARG C 240 -16.18 8.17 -16.34
C ARG C 240 -17.25 7.07 -16.28
N ALA C 241 -18.32 7.20 -17.07
CA ALA C 241 -19.35 6.18 -17.19
C ALA C 241 -18.81 4.87 -17.78
N PRO C 242 -19.36 3.75 -17.32
CA PRO C 242 -18.93 2.44 -17.69
C PRO C 242 -18.80 2.23 -19.20
N LEU C 243 -19.69 2.78 -20.03
CA LEU C 243 -19.56 2.47 -21.46
C LEU C 243 -18.61 3.46 -22.11
N LYS C 244 -18.15 4.47 -21.35
CA LYS C 244 -17.21 5.48 -21.86
C LYS C 244 -17.74 6.27 -23.07
N ARG C 245 -19.04 6.53 -23.10
CA ARG C 245 -19.61 7.18 -24.26
C ARG C 245 -20.95 7.78 -23.84
N ASN C 246 -21.38 8.78 -24.58
CA ASN C 246 -22.68 9.37 -24.36
C ASN C 246 -23.79 8.58 -25.08
N VAL C 247 -25.01 8.74 -24.59
CA VAL C 247 -26.14 8.08 -25.22
C VAL C 247 -26.78 9.02 -26.23
N ASP C 248 -27.61 8.46 -27.10
CA ASP C 248 -28.43 9.30 -27.96
C ASP C 248 -29.91 9.01 -27.77
N GLN C 249 -30.72 9.74 -28.55
CA GLN C 249 -32.16 9.78 -28.50
C GLN C 249 -32.75 8.45 -28.97
N VAL C 250 -32.13 7.86 -29.98
CA VAL C 250 -32.59 6.55 -30.43
C VAL C 250 -32.45 5.50 -29.28
N GLU C 251 -31.32 5.49 -28.61
CA GLU C 251 -31.18 4.67 -27.43
C GLU C 251 -32.30 4.89 -26.41
N VAL C 252 -32.72 6.13 -26.16
CA VAL C 252 -33.86 6.36 -25.26
C VAL C 252 -35.14 5.79 -25.86
N GLY C 253 -35.29 5.96 -27.17
CA GLY C 253 -36.42 5.39 -27.89
C GLY C 253 -36.53 3.87 -27.81
N LYS C 254 -35.40 3.19 -28.03
CA LYS C 254 -35.34 1.74 -27.83
C LYS C 254 -35.87 1.27 -26.45
N THR C 255 -35.37 1.79 -25.32
CA THR C 255 -36.00 1.55 -24.02
C THR C 255 -37.45 2.04 -23.92
N ALA C 256 -37.80 3.14 -24.54
CA ALA C 256 -39.21 3.54 -24.55
C ALA C 256 -40.13 2.47 -25.17
N ALA C 257 -39.63 1.81 -26.24
CA ALA C 257 -40.38 0.75 -26.93
C ALA C 257 -40.59 -0.44 -26.01
N TYR C 258 -39.56 -0.73 -25.22
CA TYR C 258 -39.64 -1.81 -24.28
C TYR C 258 -40.71 -1.45 -23.23
N LEU C 259 -40.63 -0.25 -22.65
CA LEU C 259 -41.56 0.17 -21.59
C LEU C 259 -42.99 0.34 -22.07
N LEU C 260 -43.20 0.55 -23.37
CA LEU C 260 -44.53 0.88 -23.86
C LEU C 260 -45.15 -0.38 -24.43
N SER C 261 -44.35 -1.44 -24.47
CA SER C 261 -44.78 -2.67 -25.12
C SER C 261 -44.98 -3.75 -24.07
N ASP C 262 -45.60 -4.84 -24.52
CA ASP C 262 -45.84 -5.97 -23.64
C ASP C 262 -44.55 -6.54 -23.02
N LEU C 263 -43.42 -6.33 -23.66
CA LEU C 263 -42.17 -6.87 -23.16
C LEU C 263 -41.97 -6.49 -21.70
N SER C 264 -42.59 -5.40 -21.25
CA SER C 264 -42.34 -4.96 -19.89
C SER C 264 -43.54 -5.15 -18.99
N SER C 265 -44.36 -6.17 -19.27
N SER C 265 -44.42 -6.09 -19.33
CA SER C 265 -45.68 -6.29 -18.64
CA SER C 265 -45.46 -6.49 -18.38
C SER C 265 -45.73 -6.35 -17.11
C SER C 265 -44.80 -6.92 -17.07
N GLY C 266 -44.63 -6.77 -16.47
N GLY C 266 -45.38 -6.54 -15.94
CA GLY C 266 -44.57 -6.87 -15.01
CA GLY C 266 -44.74 -6.76 -14.66
C GLY C 266 -43.77 -5.77 -14.32
C GLY C 266 -43.88 -5.62 -14.16
N VAL C 267 -43.48 -4.73 -15.08
CA VAL C 267 -42.67 -3.58 -14.71
C VAL C 267 -43.58 -2.37 -14.59
N THR C 268 -43.66 -1.81 -13.38
CA THR C 268 -44.30 -0.52 -13.18
C THR C 268 -43.70 0.19 -11.98
N GLY C 269 -43.75 1.51 -11.98
CA GLY C 269 -43.19 2.34 -10.91
C GLY C 269 -41.66 2.30 -10.98
N GLU C 270 -41.13 1.89 -12.12
CA GLU C 270 -39.70 1.64 -12.24
C GLU C 270 -39.04 2.85 -12.90
N ASN C 271 -37.72 2.97 -12.75
CA ASN C 271 -36.96 4.05 -13.38
C ASN C 271 -35.72 3.44 -14.04
N ILE C 272 -35.72 3.32 -15.37
CA ILE C 272 -34.60 2.72 -16.08
C ILE C 272 -33.60 3.77 -16.54
N HIS C 273 -32.36 3.67 -16.08
CA HIS C 273 -31.30 4.60 -16.45
C HIS C 273 -30.75 4.25 -17.84
N VAL C 274 -30.99 5.09 -18.83
CA VAL C 274 -30.34 4.90 -20.14
C VAL C 274 -29.17 5.85 -20.29
N ASP C 275 -28.04 5.49 -19.70
CA ASP C 275 -27.06 6.49 -19.41
C ASP C 275 -25.65 5.92 -19.32
N SER C 276 -25.40 4.83 -20.07
CA SER C 276 -24.06 4.24 -20.10
C SER C 276 -23.52 3.83 -18.74
N GLY C 277 -24.42 3.68 -17.76
CA GLY C 277 -24.03 3.09 -16.47
C GLY C 277 -23.63 4.14 -15.46
N PHE C 278 -23.80 5.39 -15.82
CA PHE C 278 -23.29 6.47 -14.98
C PHE C 278 -23.95 6.46 -13.59
N HIS C 279 -25.22 6.07 -13.52
CA HIS C 279 -25.96 6.15 -12.27
C HIS C 279 -25.36 5.16 -11.28
N ALA C 280 -24.57 4.22 -11.80
CA ALA C 280 -24.19 3.11 -10.94
C ALA C 280 -22.86 3.35 -10.28
N ILE C 281 -22.18 4.42 -10.70
CA ILE C 281 -20.82 4.67 -10.23
C ILE C 281 -20.71 5.94 -9.36
N LYS C 282 -19.66 6.01 -8.58
CA LYS C 282 -19.36 7.21 -7.82
C LYS C 282 -17.85 7.44 -7.86
N ASN D 29 -24.51 19.06 24.68
CA ASN D 29 -24.99 20.34 25.28
C ASN D 29 -25.09 21.55 24.33
N LEU D 30 -26.18 22.29 24.42
CA LEU D 30 -26.48 23.33 23.44
C LEU D 30 -26.65 24.72 24.04
N GLU D 31 -26.01 24.97 25.17
CA GLU D 31 -25.99 26.32 25.73
C GLU D 31 -25.27 27.28 24.78
N ASN D 32 -25.70 28.53 24.72
CA ASN D 32 -25.09 29.49 23.79
C ASN D 32 -25.41 29.20 22.33
N LYS D 33 -26.41 28.34 22.11
CA LYS D 33 -26.91 28.04 20.78
C LYS D 33 -28.32 28.58 20.64
N THR D 34 -28.73 28.88 19.40
CA THR D 34 -30.05 29.44 19.16
C THR D 34 -30.65 28.81 17.91
N TYR D 35 -31.82 28.21 18.05
CA TYR D 35 -32.48 27.59 16.91
C TYR D 35 -33.86 28.18 16.73
N VAL D 36 -34.31 28.20 15.48
CA VAL D 36 -35.65 28.59 15.09
C VAL D 36 -36.42 27.33 14.77
N ILE D 37 -37.56 27.18 15.42
CA ILE D 37 -38.35 25.99 15.22
C ILE D 37 -39.62 26.43 14.51
N MET D 38 -39.86 25.84 13.34
CA MET D 38 -41.02 26.23 12.58
C MET D 38 -42.00 25.06 12.50
N GLY D 39 -43.23 25.31 12.94
CA GLY D 39 -44.31 24.36 12.76
C GLY D 39 -44.99 23.80 14.00
N ILE D 40 -44.84 24.44 15.15
CA ILE D 40 -45.61 24.02 16.32
C ILE D 40 -47.06 24.48 16.21
N ALA D 41 -47.98 23.53 16.41
CA ALA D 41 -49.40 23.80 16.35
C ALA D 41 -50.06 23.53 17.72
N ASN D 42 -49.71 22.40 18.35
CA ASN D 42 -50.20 22.04 19.68
C ASN D 42 -49.26 21.13 20.46
N LYS D 43 -49.70 20.63 21.61
CA LYS D 43 -48.88 19.73 22.45
C LYS D 43 -48.36 18.55 21.64
N ARG D 44 -49.09 18.17 20.60
CA ARG D 44 -48.70 16.99 19.86
C ARG D 44 -47.82 17.24 18.67
N SER D 45 -47.51 18.48 18.31
CA SER D 45 -46.70 18.66 17.10
C SER D 45 -45.32 18.00 17.21
N ILE D 46 -44.83 17.44 16.11
CA ILE D 46 -43.46 16.92 16.09
C ILE D 46 -42.48 18.00 16.53
N ALA D 47 -42.76 19.22 16.12
CA ALA D 47 -41.89 20.34 16.43
C ALA D 47 -41.82 20.62 17.94
N PHE D 48 -42.85 20.24 18.69
CA PHE D 48 -42.84 20.53 20.13
C PHE D 48 -41.97 19.47 20.81
N GLY D 49 -41.87 18.32 20.14
CA GLY D 49 -40.94 17.28 20.59
C GLY D 49 -39.51 17.75 20.50
N VAL D 50 -39.18 18.31 19.34
CA VAL D 50 -37.89 18.93 19.10
C VAL D 50 -37.71 20.05 20.13
N ALA D 51 -38.72 20.90 20.29
CA ALA D 51 -38.65 21.94 21.31
C ALA D 51 -38.23 21.41 22.67
N LYS D 52 -38.86 20.35 23.15
CA LYS D 52 -38.63 19.91 24.52
C LYS D 52 -37.19 19.42 24.66
N VAL D 53 -36.69 18.75 23.62
CA VAL D 53 -35.37 18.14 23.65
C VAL D 53 -34.27 19.21 23.63
N LEU D 54 -34.43 20.19 22.73
CA LEU D 54 -33.44 21.25 22.62
C LEU D 54 -33.47 22.17 23.84
N ASP D 55 -34.67 22.43 24.35
CA ASP D 55 -34.87 23.22 25.54
C ASP D 55 -34.16 22.56 26.72
N GLN D 56 -34.35 21.26 26.85
CA GLN D 56 -33.73 20.45 27.89
C GLN D 56 -32.20 20.49 27.81
N LEU D 57 -31.68 20.63 26.60
CA LEU D 57 -30.25 20.61 26.36
C LEU D 57 -29.64 22.01 26.43
N GLY D 58 -30.50 23.00 26.75
CA GLY D 58 -30.07 24.34 27.11
C GLY D 58 -30.00 25.37 25.99
N ALA D 59 -30.62 25.05 24.85
CA ALA D 59 -30.61 25.98 23.71
C ALA D 59 -31.61 27.11 23.92
N LYS D 60 -31.30 28.29 23.39
CA LYS D 60 -32.28 29.35 23.15
C LYS D 60 -33.13 29.02 21.92
N LEU D 61 -34.44 29.17 22.08
CA LEU D 61 -35.39 28.82 21.03
C LEU D 61 -36.21 30.03 20.59
N VAL D 62 -36.43 30.10 19.27
CA VAL D 62 -37.32 31.06 18.65
C VAL D 62 -38.31 30.20 17.92
N PHE D 63 -39.57 30.62 17.87
CA PHE D 63 -40.64 29.82 17.29
C PHE D 63 -41.39 30.59 16.21
N THR D 64 -41.74 29.96 15.10
CA THR D 64 -42.60 30.66 14.16
C THR D 64 -43.93 29.93 14.02
N TYR D 65 -45.04 30.65 13.85
CA TYR D 65 -46.35 30.00 13.75
C TYR D 65 -47.11 30.63 12.58
N ARG D 66 -48.11 29.94 12.06
CA ARG D 66 -48.73 30.33 10.80
C ARG D 66 -49.85 31.36 11.03
N LYS D 67 -50.71 31.13 12.00
CA LYS D 67 -51.89 31.98 12.12
C LYS D 67 -52.07 32.57 13.52
N GLU D 68 -52.50 33.83 13.54
CA GLU D 68 -52.38 34.68 14.73
C GLU D 68 -53.24 34.19 15.90
N ARG D 69 -54.27 33.39 15.60
CA ARG D 69 -55.06 32.80 16.68
C ARG D 69 -54.45 31.52 17.27
N SER D 70 -53.24 31.17 16.86
CA SER D 70 -52.52 30.05 17.47
C SER D 70 -51.33 30.58 18.26
N ARG D 71 -51.26 31.91 18.37
CA ARG D 71 -50.21 32.53 19.16
C ARG D 71 -50.42 32.22 20.65
N LYS D 72 -51.61 32.48 21.17
CA LYS D 72 -51.94 32.22 22.57
C LYS D 72 -51.70 30.76 23.00
N GLU D 73 -51.90 29.84 22.06
CA GLU D 73 -51.71 28.41 22.23
C GLU D 73 -50.23 28.07 22.38
N LEU D 74 -49.44 28.56 21.43
CA LEU D 74 -47.99 28.53 21.54
C LEU D 74 -47.55 29.10 22.88
N GLU D 75 -48.11 30.25 23.28
CA GLU D 75 -47.71 30.89 24.53
C GLU D 75 -47.90 29.99 25.74
N LYS D 76 -49.02 29.27 25.80
CA LYS D 76 -49.25 28.27 26.83
C LYS D 76 -48.26 27.10 26.79
N LEU D 77 -47.96 26.57 25.60
CA LEU D 77 -47.01 25.46 25.47
C LEU D 77 -45.65 25.82 26.03
N LEU D 78 -45.21 27.05 25.79
CA LEU D 78 -43.92 27.53 26.28
C LEU D 78 -43.77 27.61 27.80
N GLU D 79 -44.88 27.62 28.53
CA GLU D 79 -44.82 27.58 29.99
C GLU D 79 -44.07 26.36 30.51
N GLN D 80 -44.09 25.27 29.74
CA GLN D 80 -43.42 24.02 30.10
C GLN D 80 -41.94 23.94 29.73
N LEU D 81 -41.42 24.93 29.03
CA LEU D 81 -40.00 24.92 28.70
C LEU D 81 -39.24 25.86 29.63
N ASN D 82 -37.93 25.69 29.76
CA ASN D 82 -37.13 26.68 30.46
C ASN D 82 -36.63 27.76 29.52
N GLN D 83 -37.54 28.42 28.83
CA GLN D 83 -37.14 29.56 28.02
C GLN D 83 -37.37 30.79 28.88
N PRO D 84 -36.30 31.56 29.18
CA PRO D 84 -36.60 32.72 30.00
C PRO D 84 -37.65 33.58 29.31
N GLU D 85 -37.50 33.80 28.00
CA GLU D 85 -38.41 34.70 27.29
C GLU D 85 -38.96 34.10 26.01
N ALA D 86 -40.15 34.54 25.63
CA ALA D 86 -40.92 33.91 24.57
C ALA D 86 -40.74 34.64 23.25
N HIS D 87 -39.98 34.05 22.34
CA HIS D 87 -39.73 34.63 21.04
C HIS D 87 -40.60 33.97 19.98
N LEU D 88 -41.69 34.62 19.61
CA LEU D 88 -42.66 34.07 18.66
C LEU D 88 -42.88 35.03 17.50
N TYR D 89 -42.99 34.46 16.30
CA TYR D 89 -43.05 35.25 15.10
C TYR D 89 -44.09 34.60 14.22
N GLN D 90 -45.00 35.39 13.67
CA GLN D 90 -46.00 34.88 12.74
C GLN D 90 -45.33 34.77 11.37
N ILE D 91 -45.19 33.57 10.82
CA ILE D 91 -44.77 33.47 9.42
C ILE D 91 -45.65 32.45 8.72
N ASP D 92 -46.42 32.89 7.75
CA ASP D 92 -46.96 31.99 6.73
C ASP D 92 -45.96 31.78 5.59
N VAL D 93 -45.43 30.59 5.41
CA VAL D 93 -44.34 30.41 4.43
C VAL D 93 -44.81 30.53 2.99
N GLN D 94 -46.11 30.70 2.79
CA GLN D 94 -46.65 30.98 1.46
C GLN D 94 -46.33 32.39 0.95
N SER D 95 -45.84 33.25 1.84
CA SER D 95 -45.47 34.63 1.49
C SER D 95 -43.96 34.89 1.65
N ASP D 96 -43.29 35.25 0.57
CA ASP D 96 -41.88 35.65 0.64
C ASP D 96 -41.60 36.73 1.68
N GLU D 97 -42.39 37.80 1.60
CA GLU D 97 -42.33 38.93 2.52
C GLU D 97 -42.38 38.49 3.98
N GLU D 98 -43.29 37.58 4.32
CA GLU D 98 -43.37 37.16 5.70
C GLU D 98 -42.10 36.39 6.11
N VAL D 99 -41.59 35.57 5.19
CA VAL D 99 -40.40 34.79 5.51
C VAL D 99 -39.23 35.76 5.69
N ILE D 100 -39.12 36.68 4.72
CA ILE D 100 -38.02 37.64 4.67
C ILE D 100 -38.07 38.57 5.89
N ASN D 101 -39.23 39.13 6.18
CA ASN D 101 -39.39 40.07 7.29
C ASN D 101 -39.31 39.40 8.66
N GLY D 102 -39.96 38.24 8.76
CA GLY D 102 -39.78 37.32 9.87
C GLY D 102 -38.34 37.03 10.26
N PHE D 103 -37.52 36.59 9.31
CA PHE D 103 -36.16 36.17 9.68
C PHE D 103 -35.26 37.38 10.02
N GLU D 104 -35.50 38.48 9.31
CA GLU D 104 -34.87 39.76 9.61
C GLU D 104 -35.14 40.24 11.03
N GLN D 105 -36.41 40.18 11.44
CA GLN D 105 -36.84 40.54 12.77
C GLN D 105 -36.20 39.61 13.81
N ILE D 106 -36.10 38.32 13.49
CA ILE D 106 -35.46 37.34 14.37
C ILE D 106 -34.00 37.75 14.60
N GLY D 107 -33.35 38.20 13.53
CA GLY D 107 -31.97 38.63 13.57
C GLY D 107 -31.83 39.89 14.41
N LYS D 108 -32.70 40.87 14.19
CA LYS D 108 -32.67 42.06 15.02
C LYS D 108 -32.94 41.72 16.49
N ASP D 109 -33.84 40.80 16.77
CA ASP D 109 -34.21 40.51 18.15
C ASP D 109 -33.22 39.58 18.87
N VAL D 110 -32.52 38.72 18.14
CA VAL D 110 -31.78 37.63 18.78
C VAL D 110 -30.34 37.44 18.27
N GLY D 111 -30.05 38.02 17.11
CA GLY D 111 -28.70 37.96 16.58
C GLY D 111 -28.64 36.74 15.71
N ASN D 112 -27.41 36.34 15.40
CA ASN D 112 -27.13 35.14 14.63
C ASN D 112 -27.70 33.87 15.24
N ILE D 113 -28.21 33.01 14.38
CA ILE D 113 -28.70 31.70 14.80
C ILE D 113 -27.76 30.57 14.38
N ASP D 114 -27.97 29.42 15.00
CA ASP D 114 -27.20 28.22 14.78
C ASP D 114 -27.94 27.21 13.90
N GLY D 115 -29.24 27.40 13.69
CA GLY D 115 -30.00 26.46 12.88
C GLY D 115 -31.49 26.63 12.90
N VAL D 116 -32.14 25.89 12.01
CA VAL D 116 -33.59 25.93 11.81
C VAL D 116 -34.14 24.53 11.81
N TYR D 117 -35.16 24.29 12.64
CA TYR D 117 -35.93 23.07 12.46
C TYR D 117 -37.17 23.41 11.67
N HIS D 118 -37.25 22.88 10.46
CA HIS D 118 -38.43 23.00 9.61
C HIS D 118 -39.42 21.83 9.80
N SER D 119 -40.66 22.13 10.16
CA SER D 119 -41.64 21.10 10.52
C SER D 119 -43.01 21.52 9.98
N ILE D 120 -43.03 21.89 8.70
CA ILE D 120 -44.16 22.53 8.04
C ILE D 120 -44.51 21.76 6.78
N ALA D 121 -45.78 21.41 6.66
CA ALA D 121 -46.30 20.91 5.37
C ALA D 121 -47.79 21.20 5.34
N PHE D 122 -48.38 21.05 4.16
CA PHE D 122 -49.81 21.18 3.99
C PHE D 122 -50.23 20.56 2.66
N ALA D 123 -51.41 19.93 2.69
CA ALA D 123 -52.15 19.53 1.51
C ALA D 123 -53.62 19.57 1.88
N ASN D 124 -54.46 19.81 0.89
CA ASN D 124 -55.90 19.73 1.15
C ASN D 124 -56.29 18.29 1.47
N MET D 125 -57.10 18.15 2.53
CA MET D 125 -57.71 16.89 2.88
C MET D 125 -58.23 16.02 1.71
N GLU D 126 -59.02 16.53 0.78
CA GLU D 126 -59.49 15.64 -0.29
C GLU D 126 -58.40 15.01 -1.19
N ASP D 127 -57.16 15.45 -1.02
CA ASP D 127 -56.07 14.91 -1.81
C ASP D 127 -55.25 13.90 -1.00
N LEU D 128 -55.65 13.64 0.25
CA LEU D 128 -54.93 12.67 1.11
C LEU D 128 -55.71 11.37 1.33
N ARG D 129 -56.43 10.99 0.27
CA ARG D 129 -57.30 9.82 0.19
C ARG D 129 -57.71 9.61 -1.26
N GLY D 130 -58.42 8.52 -1.52
CA GLY D 130 -58.97 8.30 -2.87
C GLY D 130 -57.82 8.24 -3.87
N ARG D 131 -58.08 8.66 -5.10
CA ARG D 131 -57.17 8.39 -6.22
C ARG D 131 -56.20 9.56 -6.45
N PHE D 132 -54.90 9.29 -6.35
CA PHE D 132 -53.89 10.31 -6.63
C PHE D 132 -54.01 10.90 -8.05
N SER D 133 -54.40 10.11 -9.04
CA SER D 133 -54.53 10.65 -10.41
C SER D 133 -55.56 11.78 -10.55
N GLU D 134 -56.42 11.95 -9.54
CA GLU D 134 -57.45 12.97 -9.58
C GLU D 134 -57.09 14.25 -8.82
N THR D 135 -55.84 14.35 -8.38
CA THR D 135 -55.32 15.60 -7.78
C THR D 135 -55.38 16.80 -8.75
N SER D 136 -56.00 17.90 -8.30
CA SER D 136 -56.02 19.18 -9.02
C SER D 136 -54.64 19.86 -9.09
N ARG D 137 -54.44 20.71 -10.09
CA ARG D 137 -53.23 21.51 -10.21
C ARG D 137 -53.04 22.37 -8.95
N GLU D 138 -54.13 22.99 -8.51
CA GLU D 138 -54.07 23.90 -7.37
CA GLU D 138 -54.03 23.90 -7.38
C GLU D 138 -53.59 23.13 -6.14
N GLY D 139 -54.14 21.93 -5.97
CA GLY D 139 -53.80 21.15 -4.80
C GLY D 139 -52.40 20.58 -4.87
N PHE D 140 -51.97 20.16 -6.06
CA PHE D 140 -50.59 19.71 -6.19
C PHE D 140 -49.61 20.85 -5.91
N LEU D 141 -49.90 22.04 -6.46
CA LEU D 141 -48.96 23.14 -6.38
C LEU D 141 -48.97 23.73 -4.96
N LEU D 142 -50.14 23.72 -4.33
CA LEU D 142 -50.23 24.16 -2.96
C LEU D 142 -49.30 23.32 -2.06
N ALA D 143 -49.40 22.00 -2.19
CA ALA D 143 -48.53 21.15 -1.40
C ALA D 143 -47.02 21.41 -1.65
N GLN D 144 -46.59 21.42 -2.91
CA GLN D 144 -45.24 21.79 -3.27
C GLN D 144 -44.82 23.09 -2.63
N ASP D 145 -45.69 24.09 -2.73
CA ASP D 145 -45.36 25.45 -2.29
C ASP D 145 -44.98 25.44 -0.80
N ILE D 146 -45.91 24.93 0.02
CA ILE D 146 -45.80 24.93 1.46
C ILE D 146 -44.83 23.89 2.01
N SER D 147 -44.81 22.69 1.44
CA SER D 147 -44.10 21.58 2.06
C SER D 147 -42.68 21.42 1.50
N SER D 148 -42.38 22.05 0.37
CA SER D 148 -41.09 21.94 -0.27
C SER D 148 -40.38 23.29 -0.51
N TYR D 149 -40.99 24.13 -1.34
CA TYR D 149 -40.41 25.44 -1.63
C TYR D 149 -40.13 26.21 -0.34
N SER D 150 -41.04 26.14 0.65
CA SER D 150 -40.76 26.85 1.90
C SER D 150 -39.34 26.61 2.43
N LEU D 151 -38.78 25.42 2.27
CA LEU D 151 -37.42 25.20 2.79
C LEU D 151 -36.38 26.06 2.04
N THR D 152 -36.54 26.19 0.72
CA THR D 152 -35.61 26.98 -0.08
C THR D 152 -35.54 28.42 0.45
N ILE D 153 -36.68 29.08 0.52
CA ILE D 153 -36.74 30.48 0.92
C ILE D 153 -36.30 30.61 2.40
N VAL D 154 -36.76 29.72 3.26
CA VAL D 154 -36.30 29.73 4.64
C VAL D 154 -34.78 29.63 4.76
N ALA D 155 -34.19 28.73 3.97
CA ALA D 155 -32.75 28.51 3.91
C ALA D 155 -32.02 29.74 3.41
N HIS D 156 -32.49 30.29 2.29
CA HIS D 156 -31.98 31.59 1.83
C HIS D 156 -31.99 32.68 2.91
N GLU D 157 -33.09 32.77 3.64
CA GLU D 157 -33.25 33.90 4.56
C GLU D 157 -32.49 33.65 5.86
N ALA D 158 -32.51 32.40 6.29
CA ALA D 158 -31.84 31.97 7.52
C ALA D 158 -30.31 32.02 7.34
N LYS D 159 -29.83 31.69 6.14
CA LYS D 159 -28.41 31.82 5.84
C LYS D 159 -27.82 33.17 6.26
N LYS D 160 -28.61 34.22 6.06
CA LYS D 160 -28.16 35.55 6.41
C LYS D 160 -27.85 35.64 7.90
N LEU D 161 -28.39 34.71 8.69
CA LEU D 161 -28.21 34.75 10.14
C LEU D 161 -27.14 33.76 10.58
N MET D 162 -26.48 33.13 9.62
CA MET D 162 -25.45 32.16 9.96
C MET D 162 -24.14 32.40 9.22
N PRO D 163 -23.44 33.51 9.53
CA PRO D 163 -22.21 33.85 8.82
C PRO D 163 -21.12 32.79 8.97
N GLU D 164 -21.05 32.16 10.14
CA GLU D 164 -20.04 31.16 10.43
C GLU D 164 -20.55 29.72 10.25
N GLY D 165 -21.69 29.55 9.61
CA GLY D 165 -22.24 28.22 9.36
C GLY D 165 -23.35 27.84 10.31
N GLY D 166 -23.94 26.68 10.09
CA GLY D 166 -24.97 26.16 10.97
C GLY D 166 -25.70 24.99 10.34
N SER D 167 -26.92 24.72 10.80
CA SER D 167 -27.59 23.46 10.49
C SER D 167 -29.07 23.65 10.25
N ILE D 168 -29.60 23.03 9.21
CA ILE D 168 -31.01 23.15 8.88
C ILE D 168 -31.58 21.75 8.70
N VAL D 169 -32.69 21.47 9.38
CA VAL D 169 -33.28 20.14 9.38
C VAL D 169 -34.75 20.24 8.94
N ALA D 170 -35.14 19.42 7.97
CA ALA D 170 -36.55 19.34 7.59
C ALA D 170 -37.16 17.98 7.96
N THR D 171 -38.48 17.96 8.08
CA THR D 171 -39.18 16.72 8.42
C THR D 171 -39.85 16.05 7.22
N THR D 172 -39.46 14.83 6.95
CA THR D 172 -40.07 14.14 5.82
C THR D 172 -40.80 12.88 6.27
N TYR D 173 -41.39 12.16 5.34
CA TYR D 173 -42.01 10.91 5.67
C TYR D 173 -41.59 9.91 4.60
N LEU D 174 -41.50 8.63 4.96
CA LEU D 174 -41.16 7.58 4.00
C LEU D 174 -41.96 7.60 2.66
N GLY D 175 -43.17 8.15 2.68
CA GLY D 175 -43.99 8.27 1.46
C GLY D 175 -43.38 9.18 0.40
N GLY D 176 -42.31 9.90 0.72
CA GLY D 176 -41.61 10.55 -0.36
C GLY D 176 -40.54 9.70 -1.04
N GLU D 177 -40.26 8.49 -0.52
CA GLU D 177 -39.36 7.55 -1.20
C GLU D 177 -40.08 6.40 -1.86
N PHE D 178 -41.25 6.04 -1.32
CA PHE D 178 -42.09 4.99 -1.88
C PHE D 178 -43.52 5.50 -1.94
N ALA D 179 -44.33 4.98 -2.86
CA ALA D 179 -45.75 5.28 -2.89
C ALA D 179 -46.50 4.55 -1.77
N VAL D 180 -47.13 5.32 -0.88
CA VAL D 180 -47.88 4.77 0.25
C VAL D 180 -49.33 5.17 0.04
N GLN D 181 -50.22 4.18 -0.08
CA GLN D 181 -51.63 4.47 -0.25
C GLN D 181 -52.09 5.66 0.65
N ASN D 182 -52.76 6.61 0.00
CA ASN D 182 -53.38 7.75 0.67
C ASN D 182 -52.49 8.98 0.89
N TYR D 183 -51.19 8.76 1.06
CA TYR D 183 -50.29 9.90 1.27
C TYR D 183 -50.21 10.78 0.03
N ASN D 184 -50.35 10.16 -1.13
CA ASN D 184 -50.68 10.84 -2.39
C ASN D 184 -49.92 12.13 -2.68
N VAL D 185 -50.63 13.26 -2.78
CA VAL D 185 -49.99 14.54 -3.12
C VAL D 185 -48.85 14.88 -2.15
N MET D 186 -49.00 14.58 -0.86
CA MET D 186 -47.95 14.88 0.10
C MET D 186 -46.68 14.09 -0.15
N GLY D 187 -46.86 12.92 -0.73
CA GLY D 187 -45.75 12.05 -1.06
C GLY D 187 -44.90 12.65 -2.16
N VAL D 188 -45.54 13.09 -3.22
CA VAL D 188 -44.85 13.85 -4.25
C VAL D 188 -44.20 15.15 -3.68
N ALA D 189 -44.85 15.87 -2.75
CA ALA D 189 -44.19 17.02 -2.14
C ALA D 189 -43.03 16.64 -1.21
N LYS D 190 -43.12 15.54 -0.47
CA LYS D 190 -41.92 15.07 0.24
C LYS D 190 -40.76 14.63 -0.64
N ALA D 191 -41.02 14.00 -1.79
CA ALA D 191 -39.93 13.62 -2.72
C ALA D 191 -39.18 14.88 -3.09
N SER D 192 -39.98 15.93 -3.29
CA SER D 192 -39.51 17.23 -3.74
C SER D 192 -38.68 17.85 -2.61
N LEU D 193 -39.22 17.80 -1.39
CA LEU D 193 -38.52 18.31 -0.20
C LEU D 193 -37.16 17.62 0.01
N GLU D 194 -37.16 16.31 -0.16
CA GLU D 194 -35.97 15.52 0.05
C GLU D 194 -34.87 15.84 -0.98
N ALA D 195 -35.22 16.03 -2.27
CA ALA D 195 -34.33 16.65 -3.27
C ALA D 195 -33.84 18.08 -2.92
N ASN D 196 -34.78 18.92 -2.50
CA ASN D 196 -34.53 20.26 -2.00
C ASN D 196 -33.41 20.21 -0.95
N VAL D 197 -33.51 19.29 0.00
CA VAL D 197 -32.48 19.12 1.05
C VAL D 197 -31.08 18.86 0.42
N LYS D 198 -31.04 18.08 -0.66
CA LYS D 198 -29.76 17.74 -1.26
C LYS D 198 -29.18 18.92 -2.04
N TYR D 199 -30.05 19.64 -2.74
CA TYR D 199 -29.61 20.78 -3.52
C TYR D 199 -29.22 21.93 -2.58
N LEU D 200 -29.99 22.20 -1.55
CA LEU D 200 -29.54 23.11 -0.51
C LEU D 200 -28.23 22.68 0.13
N ALA D 201 -28.05 21.38 0.36
CA ALA D 201 -26.80 20.92 0.99
C ALA D 201 -25.59 21.13 0.10
N LEU D 202 -25.80 20.95 -1.21
CA LEU D 202 -24.73 21.17 -2.17
C LEU D 202 -24.43 22.67 -2.26
N ASP D 203 -25.48 23.49 -2.37
CA ASP D 203 -25.32 24.95 -2.48
C ASP D 203 -24.69 25.56 -1.22
N LEU D 204 -25.17 25.14 -0.07
CA LEU D 204 -24.87 25.84 1.18
C LEU D 204 -23.64 25.28 1.90
N GLY D 205 -23.18 24.11 1.46
CA GLY D 205 -22.03 23.44 2.07
C GLY D 205 -20.78 24.31 2.13
N PRO D 206 -20.48 25.06 1.05
CA PRO D 206 -19.26 25.87 1.12
C PRO D 206 -19.41 27.02 2.10
N ASP D 207 -20.64 27.32 2.48
CA ASP D 207 -20.85 28.32 3.51
C ASP D 207 -20.83 27.73 4.90
N ASN D 208 -20.57 26.43 4.96
CA ASN D 208 -20.58 25.63 6.20
C ASN D 208 -21.98 25.50 6.84
N ILE D 209 -22.98 25.40 5.97
CA ILE D 209 -24.31 25.15 6.45
C ILE D 209 -24.74 23.79 5.94
N ARG D 210 -25.12 22.94 6.88
CA ARG D 210 -25.50 21.57 6.59
C ARG D 210 -27.02 21.52 6.50
N VAL D 211 -27.52 20.69 5.60
CA VAL D 211 -28.97 20.60 5.40
C VAL D 211 -29.30 19.14 5.38
N ASN D 212 -30.16 18.72 6.30
CA ASN D 212 -30.55 17.31 6.42
C ASN D 212 -32.06 17.16 6.61
N ALA D 213 -32.53 15.92 6.44
CA ALA D 213 -33.93 15.56 6.76
C ALA D 213 -33.96 14.51 7.86
N ILE D 214 -34.99 14.57 8.68
CA ILE D 214 -35.38 13.44 9.47
C ILE D 214 -36.64 12.88 8.84
N SER D 215 -36.64 11.57 8.64
CA SER D 215 -37.82 10.86 8.14
C SER D 215 -38.52 10.15 9.28
N ALA D 216 -39.59 10.77 9.79
CA ALA D 216 -40.26 10.34 11.01
C ALA D 216 -41.27 9.22 10.73
N GLY D 217 -41.25 8.17 11.55
CA GLY D 217 -42.39 7.25 11.54
C GLY D 217 -43.71 7.95 11.85
N PRO D 218 -44.81 7.22 11.68
CA PRO D 218 -46.10 7.86 11.94
C PRO D 218 -46.29 8.21 13.41
N ILE D 219 -46.83 9.41 13.68
CA ILE D 219 -47.03 9.93 15.02
C ILE D 219 -48.40 10.61 15.06
N ARG D 220 -49.22 10.30 16.06
CA ARG D 220 -50.51 10.95 16.23
C ARG D 220 -50.38 12.47 16.46
N THR D 221 -50.73 13.26 15.46
CA THR D 221 -50.69 14.72 15.49
C THR D 221 -51.95 15.37 14.89
N LEU D 222 -52.08 16.68 15.11
CA LEU D 222 -53.19 17.42 14.50
C LEU D 222 -53.32 17.21 12.98
N SER D 223 -52.21 17.28 12.25
CA SER D 223 -52.24 17.10 10.80
C SER D 223 -52.50 15.67 10.36
N ALA D 224 -52.05 14.74 11.21
CA ALA D 224 -52.21 13.32 10.92
C ALA D 224 -53.67 12.86 10.87
N LYS D 225 -54.58 13.59 11.51
CA LYS D 225 -56.00 13.28 11.41
C LYS D 225 -56.49 13.48 9.96
N GLY D 226 -55.79 14.30 9.20
CA GLY D 226 -56.22 14.68 7.87
C GLY D 226 -55.88 13.63 6.83
N VAL D 227 -55.04 12.65 7.21
CA VAL D 227 -54.49 11.68 6.26
C VAL D 227 -55.32 10.38 6.32
N GLY D 228 -55.88 9.94 5.20
CA GLY D 228 -56.54 8.65 5.15
C GLY D 228 -55.68 7.45 5.55
N GLY D 229 -56.28 6.50 6.26
CA GLY D 229 -55.61 5.26 6.63
C GLY D 229 -54.50 5.39 7.67
N PHE D 230 -54.44 6.53 8.35
CA PHE D 230 -53.40 6.75 9.35
C PHE D 230 -53.36 5.66 10.42
N ASN D 231 -54.48 5.39 11.09
CA ASN D 231 -54.50 4.43 12.20
C ASN D 231 -53.99 3.06 11.75
N THR D 232 -54.33 2.70 10.53
CA THR D 232 -53.93 1.43 9.96
C THR D 232 -52.40 1.36 9.82
N ILE D 233 -51.76 2.48 9.57
CA ILE D 233 -50.31 2.49 9.48
C ILE D 233 -49.66 2.43 10.88
N LEU D 234 -50.24 3.14 11.84
CA LEU D 234 -49.82 3.01 13.23
C LEU D 234 -49.72 1.54 13.66
N LYS D 235 -50.75 0.80 13.28
CA LYS D 235 -50.87 -0.59 13.68
C LYS D 235 -49.80 -1.41 12.96
N GLU D 236 -49.56 -1.08 11.70
CA GLU D 236 -48.66 -1.91 10.92
C GLU D 236 -47.24 -1.79 11.45
N ILE D 237 -46.82 -0.57 11.75
CA ILE D 237 -45.49 -0.33 12.27
C ILE D 237 -45.24 -1.23 13.46
N GLU D 238 -46.17 -1.22 14.42
CA GLU D 238 -46.08 -2.06 15.61
C GLU D 238 -45.91 -3.53 15.29
N GLU D 239 -46.56 -4.01 14.24
CA GLU D 239 -46.49 -5.42 13.89
C GLU D 239 -45.21 -5.70 13.14
N ARG D 240 -44.82 -4.79 12.25
CA ARG D 240 -43.86 -5.11 11.20
C ARG D 240 -42.49 -4.43 11.36
N ALA D 241 -42.41 -3.22 11.93
CA ALA D 241 -41.09 -2.59 12.10
C ALA D 241 -40.16 -3.42 13.00
N PRO D 242 -38.84 -3.44 12.74
CA PRO D 242 -37.93 -4.15 13.65
C PRO D 242 -38.15 -3.87 15.15
N LEU D 243 -38.45 -2.64 15.56
CA LEU D 243 -38.52 -2.41 17.00
C LEU D 243 -39.88 -2.76 17.51
N LYS D 244 -40.78 -3.13 16.60
CA LYS D 244 -42.12 -3.59 16.96
C LYS D 244 -42.77 -2.59 17.89
N ARG D 245 -42.51 -1.31 17.67
CA ARG D 245 -43.22 -0.26 18.40
C ARG D 245 -43.23 0.99 17.53
N ASN D 246 -44.04 1.97 17.93
CA ASN D 246 -44.05 3.25 17.22
C ASN D 246 -43.11 4.22 17.86
N VAL D 247 -42.73 5.25 17.12
CA VAL D 247 -41.84 6.29 17.63
C VAL D 247 -42.66 7.44 18.17
N ASP D 248 -42.04 8.29 18.98
CA ASP D 248 -42.69 9.56 19.34
C ASP D 248 -41.91 10.84 19.00
N GLN D 249 -42.61 11.96 19.14
CA GLN D 249 -42.06 13.27 18.85
C GLN D 249 -40.71 13.49 19.57
N VAL D 250 -40.58 13.01 20.80
CA VAL D 250 -39.34 13.23 21.53
C VAL D 250 -38.19 12.43 20.90
N GLU D 251 -38.50 11.29 20.30
CA GLU D 251 -37.44 10.54 19.61
C GLU D 251 -37.04 11.27 18.35
N VAL D 252 -37.98 11.98 17.71
CA VAL D 252 -37.60 12.75 16.55
C VAL D 252 -36.69 13.90 16.98
N GLY D 253 -37.05 14.51 18.11
CA GLY D 253 -36.28 15.58 18.72
C GLY D 253 -34.87 15.24 19.13
N LYS D 254 -34.64 14.01 19.59
CA LYS D 254 -33.28 13.61 19.95
C LYS D 254 -32.39 13.51 18.72
N THR D 255 -32.93 12.98 17.62
CA THR D 255 -32.19 12.94 16.38
C THR D 255 -32.04 14.38 15.85
N ALA D 256 -33.05 15.22 16.06
CA ALA D 256 -32.91 16.63 15.71
C ALA D 256 -31.75 17.26 16.46
N ALA D 257 -31.63 16.98 17.76
CA ALA D 257 -30.50 17.52 18.50
C ALA D 257 -29.18 17.13 17.85
N TYR D 258 -29.06 15.90 17.38
CA TYR D 258 -27.80 15.45 16.80
C TYR D 258 -27.50 16.20 15.51
N LEU D 259 -28.48 16.21 14.61
CA LEU D 259 -28.40 16.92 13.34
C LEU D 259 -28.10 18.42 13.53
N LEU D 260 -28.71 19.03 14.55
CA LEU D 260 -28.56 20.46 14.77
C LEU D 260 -27.25 20.83 15.47
N SER D 261 -26.58 19.85 16.07
CA SER D 261 -25.32 20.10 16.79
C SER D 261 -24.06 19.69 16.00
N ASP D 262 -22.93 20.05 16.58
CA ASP D 262 -21.60 19.63 16.14
C ASP D 262 -21.42 18.11 16.08
N LEU D 263 -22.30 17.37 16.75
CA LEU D 263 -22.15 15.94 16.73
C LEU D 263 -22.26 15.44 15.29
N SER D 264 -23.07 16.10 14.46
CA SER D 264 -23.23 15.63 13.07
C SER D 264 -22.40 16.42 12.09
N SER D 265 -21.28 16.96 12.55
N SER D 265 -21.27 16.95 12.55
CA SER D 265 -20.34 17.53 11.60
CA SER D 265 -20.51 17.93 11.77
C SER D 265 -19.95 16.45 10.58
C SER D 265 -20.09 17.52 10.35
N GLY D 266 -19.72 16.87 9.34
N GLY D 266 -20.06 16.22 10.09
CA GLY D 266 -19.46 15.90 8.29
CA GLY D 266 -19.53 15.71 8.83
C GLY D 266 -20.73 15.30 7.69
C GLY D 266 -20.65 15.20 7.93
N VAL D 267 -21.88 15.48 8.33
CA VAL D 267 -23.09 14.86 7.78
C VAL D 267 -23.95 15.93 7.14
N THR D 268 -24.17 15.83 5.83
CA THR D 268 -25.04 16.77 5.13
C THR D 268 -25.68 16.08 3.91
N GLY D 269 -26.80 16.61 3.43
CA GLY D 269 -27.54 15.97 2.34
C GLY D 269 -28.09 14.62 2.79
N GLU D 270 -28.20 14.44 4.10
CA GLU D 270 -28.64 13.15 4.64
C GLU D 270 -30.13 13.15 5.08
N ASN D 271 -30.75 11.97 4.99
CA ASN D 271 -32.10 11.73 5.47
C ASN D 271 -32.03 10.63 6.52
N ILE D 272 -32.28 10.94 7.79
CA ILE D 272 -32.19 9.92 8.83
C ILE D 272 -33.59 9.42 9.18
N HIS D 273 -33.82 8.12 9.03
CA HIS D 273 -35.12 7.58 9.42
C HIS D 273 -35.26 7.33 10.92
N VAL D 274 -36.20 8.04 11.54
CA VAL D 274 -36.54 7.81 12.93
C VAL D 274 -37.91 7.15 13.03
N ASP D 275 -37.92 5.83 12.80
CA ASP D 275 -39.10 5.12 12.31
C ASP D 275 -39.09 3.65 12.72
N SER D 276 -38.39 3.35 13.82
CA SER D 276 -38.38 2.01 14.37
C SER D 276 -37.83 0.96 13.39
N GLY D 277 -37.14 1.38 12.34
CA GLY D 277 -36.50 0.50 11.37
C GLY D 277 -37.36 0.20 10.13
N PHE D 278 -38.56 0.77 10.05
CA PHE D 278 -39.50 0.41 8.98
C PHE D 278 -38.99 0.64 7.58
N HIS D 279 -38.22 1.68 7.40
CA HIS D 279 -37.62 1.96 6.10
C HIS D 279 -36.73 0.85 5.53
N ALA D 280 -36.09 0.07 6.40
CA ALA D 280 -35.10 -0.95 6.01
C ALA D 280 -35.74 -2.28 5.61
N ILE D 281 -37.03 -2.45 5.89
CA ILE D 281 -37.64 -3.73 5.68
C ILE D 281 -38.66 -3.65 4.58
N LYS D 282 -39.23 -4.78 4.22
CA LYS D 282 -40.19 -4.83 3.14
C LYS D 282 -40.96 -6.14 3.28
N VAL E 28 25.51 -16.65 -23.07
CA VAL E 28 24.30 -17.43 -22.70
C VAL E 28 23.62 -18.06 -23.94
N ASN E 29 23.30 -19.34 -23.81
CA ASN E 29 22.21 -20.00 -24.52
C ASN E 29 21.64 -21.00 -23.54
N LEU E 30 20.34 -20.93 -23.27
CA LEU E 30 19.80 -21.72 -22.16
C LEU E 30 18.86 -22.87 -22.55
N GLU E 31 18.93 -23.34 -23.79
CA GLU E 31 18.17 -24.53 -24.21
C GLU E 31 18.55 -25.76 -23.36
N ASN E 32 17.59 -26.61 -23.05
CA ASN E 32 17.85 -27.79 -22.20
C ASN E 32 18.34 -27.45 -20.80
N LYS E 33 18.19 -26.21 -20.37
CA LYS E 33 18.25 -25.91 -18.95
C LYS E 33 16.83 -25.82 -18.43
N THR E 34 16.66 -26.14 -17.14
CA THR E 34 15.37 -26.03 -16.49
C THR E 34 15.55 -25.23 -15.22
N TYR E 35 14.80 -24.14 -15.08
CA TYR E 35 14.88 -23.34 -13.87
C TYR E 35 13.54 -23.26 -13.21
N VAL E 36 13.56 -23.28 -11.89
CA VAL E 36 12.34 -23.04 -11.14
C VAL E 36 12.34 -21.59 -10.71
N ILE E 37 11.24 -20.91 -11.01
CA ILE E 37 11.09 -19.51 -10.64
C ILE E 37 10.01 -19.37 -9.60
N MET E 38 10.41 -18.91 -8.43
CA MET E 38 9.48 -18.72 -7.31
C MET E 38 9.12 -17.25 -7.07
N GLY E 39 7.81 -16.97 -7.02
CA GLY E 39 7.28 -15.68 -6.57
C GLY E 39 6.80 -14.70 -7.64
N ILE E 40 6.32 -15.17 -8.78
CA ILE E 40 5.58 -14.29 -9.69
C ILE E 40 4.17 -14.12 -9.15
N ALA E 41 3.70 -12.88 -8.96
CA ALA E 41 2.29 -12.64 -8.58
C ALA E 41 1.50 -12.03 -9.76
N ASN E 42 2.19 -11.28 -10.62
CA ASN E 42 1.58 -10.54 -11.75
C ASN E 42 2.65 -10.05 -12.74
N LYS E 43 2.24 -9.23 -13.70
CA LYS E 43 3.10 -8.96 -14.85
C LYS E 43 4.23 -8.03 -14.42
N ARG E 44 4.06 -7.41 -13.25
CA ARG E 44 5.03 -6.44 -12.76
CA ARG E 44 5.06 -6.47 -12.79
C ARG E 44 6.04 -7.09 -11.80
N SER E 45 5.89 -8.37 -11.49
CA SER E 45 6.82 -8.99 -10.52
C SER E 45 8.23 -9.05 -11.08
N ILE E 46 9.20 -8.92 -10.18
CA ILE E 46 10.59 -8.97 -10.61
C ILE E 46 10.81 -10.31 -11.27
N ALA E 47 10.23 -11.36 -10.70
CA ALA E 47 10.43 -12.71 -11.23
C ALA E 47 9.88 -12.95 -12.63
N PHE E 48 8.87 -12.18 -13.03
CA PHE E 48 8.35 -12.27 -14.38
C PHE E 48 9.35 -11.68 -15.37
N GLY E 49 10.03 -10.63 -14.94
CA GLY E 49 11.15 -10.08 -15.68
C GLY E 49 12.20 -11.17 -15.87
N VAL E 50 12.48 -11.90 -14.79
CA VAL E 50 13.40 -13.00 -14.88
C VAL E 50 12.86 -14.07 -15.86
N ALA E 51 11.58 -14.39 -15.75
CA ALA E 51 10.99 -15.42 -16.61
C ALA E 51 11.18 -15.05 -18.07
N LYS E 52 10.77 -13.83 -18.42
CA LYS E 52 10.84 -13.37 -19.81
C LYS E 52 12.24 -13.53 -20.37
N VAL E 53 13.25 -13.23 -19.55
CA VAL E 53 14.61 -13.27 -20.05
C VAL E 53 15.04 -14.71 -20.32
N LEU E 54 14.81 -15.59 -19.33
CA LEU E 54 15.17 -16.98 -19.47
C LEU E 54 14.35 -17.64 -20.58
N ASP E 55 13.06 -17.31 -20.63
CA ASP E 55 12.19 -17.86 -21.65
C ASP E 55 12.79 -17.55 -23.00
N GLN E 56 13.27 -16.31 -23.16
CA GLN E 56 13.74 -15.82 -24.44
C GLN E 56 15.01 -16.56 -24.82
N LEU E 57 15.67 -17.14 -23.83
CA LEU E 57 17.00 -17.68 -24.02
C LEU E 57 16.95 -19.20 -24.20
N GLY E 58 15.75 -19.78 -24.11
CA GLY E 58 15.55 -21.19 -24.45
C GLY E 58 15.33 -22.14 -23.27
N ALA E 59 15.36 -21.59 -22.05
CA ALA E 59 15.19 -22.35 -20.82
C ALA E 59 13.79 -22.94 -20.73
N LYS E 60 13.69 -24.15 -20.19
CA LYS E 60 12.41 -24.64 -19.70
C LYS E 60 12.15 -24.11 -18.28
N LEU E 61 10.93 -23.62 -18.06
CA LEU E 61 10.61 -22.95 -16.79
C LEU E 61 9.54 -23.68 -16.03
N VAL E 62 9.66 -23.65 -14.70
CA VAL E 62 8.67 -24.16 -13.77
C VAL E 62 8.38 -23.02 -12.81
N PHE E 63 7.12 -22.87 -12.39
CA PHE E 63 6.73 -21.72 -11.60
C PHE E 63 6.05 -22.07 -10.29
N THR E 64 6.42 -21.40 -9.20
CA THR E 64 5.72 -21.71 -7.98
C THR E 64 4.99 -20.48 -7.48
N TYR E 65 3.89 -20.69 -6.77
CA TYR E 65 3.05 -19.56 -6.36
C TYR E 65 2.41 -19.87 -5.02
N ARG E 66 1.83 -18.88 -4.35
CA ARG E 66 1.12 -19.16 -3.11
C ARG E 66 -0.39 -18.92 -3.25
N LYS E 67 -0.79 -17.74 -3.70
CA LYS E 67 -2.18 -17.32 -3.73
C LYS E 67 -2.89 -17.76 -5.01
N GLU E 68 -4.18 -18.06 -4.88
CA GLU E 68 -5.06 -18.41 -5.99
CA GLU E 68 -4.95 -18.47 -6.03
C GLU E 68 -4.84 -17.47 -7.19
N ARG E 69 -4.94 -16.18 -6.88
CA ARG E 69 -4.87 -15.12 -7.86
C ARG E 69 -3.54 -15.18 -8.61
N SER E 70 -2.47 -15.53 -7.92
CA SER E 70 -1.17 -15.62 -8.58
C SER E 70 -1.09 -16.71 -9.63
N ARG E 71 -1.63 -17.90 -9.36
CA ARG E 71 -1.74 -18.93 -10.39
C ARG E 71 -2.53 -18.41 -11.60
N LYS E 72 -3.60 -17.66 -11.38
CA LYS E 72 -4.44 -17.13 -12.47
C LYS E 72 -3.60 -16.25 -13.37
N GLU E 73 -2.94 -15.28 -12.73
CA GLU E 73 -2.08 -14.35 -13.43
C GLU E 73 -0.99 -15.13 -14.16
N LEU E 74 -0.43 -16.16 -13.51
CA LEU E 74 0.60 -16.99 -14.12
C LEU E 74 0.05 -17.65 -15.38
N GLU E 75 -1.20 -18.09 -15.34
CA GLU E 75 -1.73 -18.85 -16.48
C GLU E 75 -1.87 -17.95 -17.70
N LYS E 76 -2.18 -16.67 -17.46
CA LYS E 76 -2.38 -15.69 -18.52
C LYS E 76 -1.02 -15.18 -19.06
N LEU E 77 -0.08 -14.90 -18.16
CA LEU E 77 1.23 -14.40 -18.57
C LEU E 77 2.02 -15.45 -19.34
N LEU E 78 1.69 -16.72 -19.09
CA LEU E 78 2.28 -17.82 -19.84
C LEU E 78 2.02 -17.76 -21.35
N GLU E 79 0.89 -17.19 -21.77
CA GLU E 79 0.60 -16.96 -23.19
C GLU E 79 1.64 -16.10 -23.92
N GLN E 80 2.35 -15.27 -23.15
CA GLN E 80 3.41 -14.40 -23.66
C GLN E 80 4.77 -15.07 -23.76
N LEU E 81 4.92 -16.25 -23.14
CA LEU E 81 6.20 -16.94 -23.14
C LEU E 81 6.16 -18.01 -24.19
N ASN E 82 7.33 -18.59 -24.47
CA ASN E 82 7.43 -19.69 -25.38
C ASN E 82 7.40 -21.04 -24.69
N GLN E 83 7.19 -21.07 -23.37
CA GLN E 83 7.05 -22.35 -22.69
C GLN E 83 6.00 -23.13 -23.48
N PRO E 84 6.26 -24.41 -23.79
CA PRO E 84 5.15 -25.06 -24.47
C PRO E 84 4.14 -25.70 -23.50
N GLU E 85 4.52 -25.95 -22.25
CA GLU E 85 3.55 -26.40 -21.24
C GLU E 85 3.74 -25.69 -19.90
N ALA E 86 2.65 -25.59 -19.17
CA ALA E 86 2.57 -24.76 -17.96
C ALA E 86 2.94 -25.61 -16.74
N HIS E 87 4.03 -25.32 -16.06
CA HIS E 87 4.43 -26.12 -14.92
C HIS E 87 4.21 -25.26 -13.69
N LEU E 88 3.07 -25.43 -13.03
CA LEU E 88 2.66 -24.56 -11.93
C LEU E 88 2.50 -25.34 -10.63
N TYR E 89 3.14 -24.87 -9.56
CA TYR E 89 3.09 -25.58 -8.28
C TYR E 89 2.75 -24.64 -7.13
N GLN E 90 1.73 -24.97 -6.35
CA GLN E 90 1.41 -24.12 -5.20
C GLN E 90 2.37 -24.41 -4.06
N ILE E 91 3.28 -23.50 -3.76
CA ILE E 91 4.18 -23.70 -2.66
C ILE E 91 4.18 -22.45 -1.81
N ASP E 92 3.51 -22.52 -0.65
CA ASP E 92 3.65 -21.52 0.41
C ASP E 92 4.87 -21.85 1.26
N VAL E 93 5.90 -21.03 1.22
CA VAL E 93 7.21 -21.37 1.85
C VAL E 93 7.21 -21.30 3.38
N GLN E 94 6.04 -21.03 3.97
CA GLN E 94 5.82 -21.16 5.40
C GLN E 94 5.61 -22.60 5.86
N SER E 95 5.32 -23.46 4.89
CA SER E 95 5.12 -24.89 5.14
C SER E 95 6.27 -25.75 4.59
N ASP E 96 7.00 -26.42 5.48
CA ASP E 96 8.02 -27.39 5.07
C ASP E 96 7.45 -28.44 4.13
N GLU E 97 6.30 -28.98 4.54
CA GLU E 97 5.62 -30.04 3.83
CA GLU E 97 5.62 -30.05 3.80
C GLU E 97 5.43 -29.63 2.35
N GLU E 98 5.02 -28.39 2.11
CA GLU E 98 4.72 -27.91 0.77
C GLU E 98 5.96 -27.63 -0.04
N VAL E 99 6.99 -27.10 0.62
CA VAL E 99 8.28 -26.95 -0.06
C VAL E 99 8.81 -28.33 -0.43
N ILE E 100 8.79 -29.25 0.53
CA ILE E 100 9.33 -30.58 0.32
C ILE E 100 8.52 -31.32 -0.75
N ASN E 101 7.20 -31.31 -0.60
CA ASN E 101 6.33 -32.01 -1.55
C ASN E 101 6.26 -31.35 -2.91
N GLY E 102 6.22 -30.02 -2.93
CA GLY E 102 6.38 -29.22 -4.14
C GLY E 102 7.58 -29.59 -5.01
N PHE E 103 8.77 -29.60 -4.40
CA PHE E 103 10.01 -29.84 -5.16
C PHE E 103 10.15 -31.28 -5.58
N GLU E 104 9.67 -32.15 -4.71
CA GLU E 104 9.58 -33.56 -5.01
C GLU E 104 8.73 -33.85 -6.26
N GLN E 105 7.55 -33.22 -6.33
CA GLN E 105 6.67 -33.28 -7.49
C GLN E 105 7.37 -32.76 -8.74
N ILE E 106 8.14 -31.69 -8.59
CA ILE E 106 8.80 -31.02 -9.72
C ILE E 106 9.79 -31.96 -10.40
N GLY E 107 10.70 -32.54 -9.61
CA GLY E 107 11.58 -33.60 -10.11
C GLY E 107 10.85 -34.79 -10.73
N LYS E 108 9.77 -35.23 -10.10
CA LYS E 108 8.89 -36.20 -10.73
C LYS E 108 8.43 -35.71 -12.11
N ASP E 109 8.06 -34.43 -12.23
CA ASP E 109 7.41 -33.96 -13.45
C ASP E 109 8.38 -33.55 -14.57
N VAL E 110 9.42 -32.80 -14.23
CA VAL E 110 10.40 -32.34 -15.23
C VAL E 110 11.83 -32.87 -15.01
N GLY E 111 12.03 -33.68 -13.97
CA GLY E 111 13.34 -34.30 -13.76
C GLY E 111 14.27 -33.33 -13.08
N ASN E 112 15.56 -33.52 -13.29
CA ASN E 112 16.58 -32.65 -12.70
C ASN E 112 16.51 -31.23 -13.25
N ILE E 113 16.82 -30.27 -12.38
CA ILE E 113 16.82 -28.87 -12.74
C ILE E 113 18.22 -28.29 -12.66
N ASP E 114 18.38 -27.04 -13.11
CA ASP E 114 19.66 -26.35 -13.14
C ASP E 114 19.79 -25.18 -12.17
N GLY E 115 18.69 -24.72 -11.61
CA GLY E 115 18.78 -23.59 -10.69
C GLY E 115 17.40 -23.12 -10.27
N VAL E 116 17.38 -22.28 -9.25
CA VAL E 116 16.14 -21.74 -8.72
C VAL E 116 16.37 -20.25 -8.68
N TYR E 117 15.36 -19.50 -9.11
CA TYR E 117 15.23 -18.07 -8.83
C TYR E 117 14.21 -17.83 -7.72
N HIS E 118 14.71 -17.42 -6.55
CA HIS E 118 13.88 -17.12 -5.38
C HIS E 118 13.53 -15.63 -5.43
N SER E 119 12.26 -15.31 -5.62
CA SER E 119 11.80 -13.93 -5.66
C SER E 119 10.63 -13.76 -4.67
N ILE E 120 10.87 -14.11 -3.41
CA ILE E 120 9.80 -14.19 -2.42
C ILE E 120 10.14 -13.39 -1.16
N ALA E 121 9.24 -12.53 -0.69
CA ALA E 121 9.39 -12.03 0.66
C ALA E 121 8.04 -11.57 1.19
N PHE E 122 7.97 -11.23 2.48
CA PHE E 122 6.75 -10.71 3.03
C PHE E 122 7.07 -10.03 4.34
N ALA E 123 6.30 -9.00 4.67
CA ALA E 123 6.28 -8.43 6.01
C ALA E 123 4.96 -7.66 6.12
N ASN E 124 4.47 -7.47 7.33
CA ASN E 124 3.24 -6.73 7.52
C ASN E 124 3.47 -5.25 7.22
N MET E 125 2.48 -4.66 6.57
CA MET E 125 2.36 -3.21 6.35
C MET E 125 2.80 -2.35 7.49
N GLU E 126 2.38 -2.60 8.72
CA GLU E 126 2.73 -1.68 9.80
C GLU E 126 4.21 -1.74 10.17
N ASP E 127 4.97 -2.59 9.49
CA ASP E 127 6.37 -2.77 9.78
C ASP E 127 7.20 -2.24 8.61
N LEU E 128 6.58 -1.46 7.74
CA LEU E 128 7.29 -0.95 6.57
C LEU E 128 7.23 0.59 6.54
N ARG E 129 7.06 1.13 7.75
CA ARG E 129 6.82 2.55 8.01
C ARG E 129 6.88 2.83 9.51
N GLY E 130 7.04 4.10 9.87
CA GLY E 130 7.13 4.50 11.27
C GLY E 130 8.40 3.93 11.87
N ARG E 131 8.35 3.52 13.15
CA ARG E 131 9.58 3.26 13.89
C ARG E 131 9.92 1.77 14.01
N PHE E 132 11.13 1.42 13.58
CA PHE E 132 11.61 0.04 13.65
C PHE E 132 11.64 -0.54 15.07
N SER E 133 12.04 0.25 16.05
CA SER E 133 12.04 -0.18 17.45
C SER E 133 10.69 -0.70 17.95
N GLU E 134 9.63 -0.35 17.22
CA GLU E 134 8.27 -0.71 17.63
C GLU E 134 7.79 -2.04 17.01
N THR E 135 8.64 -2.66 16.20
CA THR E 135 8.32 -3.95 15.57
C THR E 135 7.98 -5.07 16.56
N SER E 136 6.87 -5.77 16.29
CA SER E 136 6.44 -6.90 17.12
C SER E 136 7.32 -8.13 16.82
N ARG E 137 7.47 -9.00 17.81
CA ARG E 137 8.11 -10.28 17.59
C ARG E 137 7.45 -11.08 16.44
N GLU E 138 6.12 -11.13 16.43
CA GLU E 138 5.37 -11.86 15.40
C GLU E 138 5.81 -11.35 14.02
N GLY E 139 5.83 -10.01 13.88
CA GLY E 139 6.11 -9.40 12.59
C GLY E 139 7.56 -9.62 12.18
N PHE E 140 8.46 -9.56 13.15
CA PHE E 140 9.88 -9.74 12.87
C PHE E 140 10.14 -11.17 12.41
N LEU E 141 9.59 -12.13 13.15
CA LEU E 141 9.86 -13.52 12.86
C LEU E 141 9.18 -13.95 11.58
N LEU E 142 8.02 -13.36 11.31
CA LEU E 142 7.25 -13.62 10.09
C LEU E 142 8.07 -13.24 8.85
N ALA E 143 8.70 -12.07 8.92
CA ALA E 143 9.51 -11.58 7.84
C ALA E 143 10.75 -12.48 7.66
N GLN E 144 11.39 -12.85 8.77
CA GLN E 144 12.55 -13.74 8.67
C GLN E 144 12.16 -15.04 8.02
N ASP E 145 11.06 -15.62 8.50
CA ASP E 145 10.59 -16.92 8.07
C ASP E 145 10.42 -16.94 6.55
N ILE E 146 9.62 -16.00 6.03
CA ILE E 146 9.23 -16.07 4.62
C ILE E 146 10.33 -15.52 3.72
N SER E 147 11.03 -14.50 4.20
CA SER E 147 11.99 -13.75 3.39
C SER E 147 13.42 -14.30 3.44
N SER E 148 13.74 -15.04 4.50
CA SER E 148 15.09 -15.59 4.63
C SER E 148 15.15 -17.11 4.81
N TYR E 149 14.38 -17.64 5.75
CA TYR E 149 14.46 -19.07 6.00
C TYR E 149 14.07 -19.85 4.75
N SER E 150 13.12 -19.31 4.00
CA SER E 150 12.59 -20.02 2.86
C SER E 150 13.68 -20.34 1.86
N LEU E 151 14.75 -19.55 1.83
CA LEU E 151 15.83 -19.86 0.88
C LEU E 151 16.59 -21.12 1.36
N THR E 152 16.76 -21.24 2.66
CA THR E 152 17.45 -22.39 3.21
C THR E 152 16.79 -23.75 2.85
N ILE E 153 15.51 -23.88 3.22
CA ILE E 153 14.74 -25.07 2.93
C ILE E 153 14.54 -25.27 1.43
N VAL E 154 14.27 -24.21 0.68
CA VAL E 154 14.23 -24.34 -0.78
C VAL E 154 15.53 -24.95 -1.30
N ALA E 155 16.68 -24.48 -0.79
CA ALA E 155 17.98 -24.90 -1.29
C ALA E 155 18.18 -26.38 -0.99
N HIS E 156 17.88 -26.76 0.24
CA HIS E 156 17.95 -28.15 0.64
C HIS E 156 17.14 -29.07 -0.25
N GLU E 157 15.97 -28.62 -0.67
CA GLU E 157 15.07 -29.50 -1.43
C GLU E 157 15.46 -29.46 -2.88
N ALA E 158 15.89 -28.29 -3.35
CA ALA E 158 16.26 -28.12 -4.74
C ALA E 158 17.55 -28.84 -5.04
N LYS E 159 18.43 -28.91 -4.06
CA LYS E 159 19.72 -29.59 -4.21
C LYS E 159 19.57 -31.02 -4.71
N LYS E 160 18.54 -31.71 -4.25
CA LYS E 160 18.18 -33.08 -4.62
C LYS E 160 17.89 -33.26 -6.10
N LEU E 161 17.40 -32.21 -6.76
CA LEU E 161 17.23 -32.21 -8.21
C LEU E 161 18.44 -31.62 -8.92
N MET E 162 19.54 -31.44 -8.19
CA MET E 162 20.75 -30.96 -8.85
C MET E 162 21.96 -31.84 -8.53
N PRO E 163 21.87 -33.13 -8.85
CA PRO E 163 23.01 -33.99 -8.57
C PRO E 163 24.34 -33.53 -9.19
N GLU E 164 24.31 -32.78 -10.28
CA GLU E 164 25.53 -32.34 -10.97
C GLU E 164 25.94 -30.89 -10.70
N GLY E 165 25.19 -30.22 -9.84
CA GLY E 165 25.40 -28.81 -9.56
C GLY E 165 24.34 -27.92 -10.19
N GLY E 166 24.34 -26.67 -9.78
CA GLY E 166 23.50 -25.68 -10.42
C GLY E 166 23.70 -24.34 -9.76
N SER E 167 22.65 -23.54 -9.82
CA SER E 167 22.74 -22.15 -9.42
C SER E 167 21.47 -21.72 -8.72
N ILE E 168 21.63 -21.09 -7.57
CA ILE E 168 20.48 -20.52 -6.87
C ILE E 168 20.67 -19.02 -6.70
N VAL E 169 19.66 -18.25 -7.10
CA VAL E 169 19.66 -16.78 -6.95
C VAL E 169 18.45 -16.30 -6.12
N ALA E 170 18.73 -15.54 -5.07
CA ALA E 170 17.71 -14.81 -4.31
C ALA E 170 17.78 -13.30 -4.61
N THR E 171 16.65 -12.64 -4.35
CA THR E 171 16.51 -11.21 -4.60
C THR E 171 16.62 -10.41 -3.32
N THR E 172 17.57 -9.50 -3.28
CA THR E 172 17.69 -8.67 -2.11
C THR E 172 17.57 -7.17 -2.43
N TYR E 173 17.66 -6.37 -1.38
CA TYR E 173 17.65 -4.95 -1.55
C TYR E 173 18.76 -4.31 -0.69
N LEU E 174 19.28 -3.18 -1.17
CA LEU E 174 20.30 -2.41 -0.47
C LEU E 174 20.00 -2.16 1.02
N GLY E 175 18.72 -2.13 1.39
CA GLY E 175 18.27 -1.99 2.78
C GLY E 175 18.68 -3.12 3.71
N GLY E 176 19.22 -4.19 3.12
CA GLY E 176 19.87 -5.22 3.90
C GLY E 176 21.32 -4.97 4.26
N GLU E 177 21.94 -3.97 3.63
CA GLU E 177 23.35 -3.64 3.84
C GLU E 177 23.47 -2.37 4.63
N PHE E 178 22.48 -1.50 4.46
CA PHE E 178 22.41 -0.25 5.21
C PHE E 178 20.97 -0.06 5.62
N ALA E 179 20.80 0.69 6.71
CA ALA E 179 19.51 1.18 7.19
C ALA E 179 18.91 2.24 6.25
N VAL E 180 17.84 1.87 5.56
CA VAL E 180 17.07 2.77 4.72
C VAL E 180 15.75 3.09 5.42
N GLN E 181 15.48 4.34 5.81
CA GLN E 181 14.15 4.79 6.26
C GLN E 181 12.95 3.97 5.73
N ASN E 182 12.07 3.53 6.64
CA ASN E 182 10.85 2.76 6.30
C ASN E 182 10.96 1.29 5.93
N TYR E 183 12.05 0.89 5.29
CA TYR E 183 12.24 -0.51 4.95
C TYR E 183 12.24 -1.46 6.15
N ASN E 184 12.83 -1.00 7.25
CA ASN E 184 12.56 -1.53 8.57
C ASN E 184 12.74 -3.05 8.73
N VAL E 185 11.69 -3.74 9.19
CA VAL E 185 11.79 -5.17 9.43
C VAL E 185 12.35 -5.91 8.20
N MET E 186 12.01 -5.48 7.00
CA MET E 186 12.51 -6.12 5.80
C MET E 186 14.04 -5.92 5.57
N GLY E 187 14.58 -4.83 6.10
CA GLY E 187 16.02 -4.65 6.04
C GLY E 187 16.73 -5.74 6.84
N VAL E 188 16.30 -5.92 8.08
CA VAL E 188 16.89 -6.96 8.91
C VAL E 188 16.62 -8.34 8.27
N ALA E 189 15.51 -8.50 7.57
CA ALA E 189 15.26 -9.78 6.94
C ALA E 189 16.19 -9.93 5.76
N LYS E 190 16.55 -8.83 5.08
CA LYS E 190 17.45 -8.95 3.92
C LYS E 190 18.91 -9.13 4.36
N ALA E 191 19.27 -8.59 5.53
CA ALA E 191 20.60 -8.82 6.12
C ALA E 191 20.77 -10.33 6.35
N SER E 192 19.74 -10.91 6.92
CA SER E 192 19.68 -12.33 7.18
C SER E 192 19.73 -13.15 5.87
N LEU E 193 19.02 -12.72 4.83
CA LEU E 193 18.93 -13.45 3.56
C LEU E 193 20.31 -13.46 2.88
N GLU E 194 20.97 -12.31 2.92
CA GLU E 194 22.26 -12.16 2.25
C GLU E 194 23.31 -13.00 2.96
N ALA E 195 23.24 -13.08 4.31
CA ALA E 195 24.03 -14.06 5.05
C ALA E 195 23.63 -15.49 4.69
N ASN E 196 22.33 -15.74 4.63
CA ASN E 196 21.82 -17.04 4.21
C ASN E 196 22.51 -17.49 2.90
N VAL E 197 22.57 -16.59 1.92
CA VAL E 197 23.28 -16.83 0.66
C VAL E 197 24.77 -17.23 0.80
N LYS E 198 25.48 -16.59 1.72
CA LYS E 198 26.88 -16.90 1.93
C LYS E 198 27.09 -18.24 2.62
N TYR E 199 26.27 -18.52 3.61
CA TYR E 199 26.38 -19.80 4.26
C TYR E 199 25.93 -20.91 3.33
N LEU E 200 24.84 -20.73 2.58
CA LEU E 200 24.50 -21.73 1.55
C LEU E 200 25.61 -21.89 0.52
N ALA E 201 26.31 -20.82 0.13
CA ALA E 201 27.35 -20.94 -0.91
C ALA E 201 28.53 -21.81 -0.45
N LEU E 202 28.88 -21.62 0.83
CA LEU E 202 29.96 -22.34 1.47
C LEU E 202 29.52 -23.78 1.51
N ASP E 203 28.31 -23.99 2.03
CA ASP E 203 27.79 -25.32 2.32
C ASP E 203 27.69 -26.14 1.03
N LEU E 204 27.17 -25.53 -0.04
CA LEU E 204 26.74 -26.31 -1.19
C LEU E 204 27.78 -26.24 -2.29
N GLY E 205 28.83 -25.49 -2.05
CA GLY E 205 29.87 -25.26 -3.06
C GLY E 205 30.58 -26.54 -3.40
N PRO E 206 30.84 -27.38 -2.40
CA PRO E 206 31.50 -28.65 -2.72
C PRO E 206 30.60 -29.54 -3.54
N ASP E 207 29.33 -29.20 -3.66
CA ASP E 207 28.44 -29.97 -4.51
C ASP E 207 28.29 -29.30 -5.86
N ASN E 208 29.12 -28.29 -6.12
CA ASN E 208 29.04 -27.51 -7.36
C ASN E 208 27.69 -26.76 -7.54
N ILE E 209 27.10 -26.31 -6.44
CA ILE E 209 25.93 -25.43 -6.44
C ILE E 209 26.34 -24.04 -5.94
N ARG E 210 26.25 -23.07 -6.86
CA ARG E 210 26.58 -21.68 -6.55
C ARG E 210 25.29 -21.01 -6.07
N VAL E 211 25.44 -20.11 -5.09
CA VAL E 211 24.34 -19.41 -4.48
C VAL E 211 24.75 -17.96 -4.44
N ASN E 212 23.93 -17.13 -5.07
CA ASN E 212 24.22 -15.71 -5.18
C ASN E 212 22.94 -14.90 -4.94
N ALA E 213 23.08 -13.59 -4.77
CA ALA E 213 21.95 -12.69 -4.72
C ALA E 213 21.99 -11.63 -5.84
N ILE E 214 20.82 -11.18 -6.32
CA ILE E 214 20.75 -9.88 -6.99
C ILE E 214 20.14 -8.80 -6.07
N SER E 215 20.85 -7.68 -5.93
CA SER E 215 20.35 -6.51 -5.19
C SER E 215 19.72 -5.50 -6.15
N ALA E 216 18.45 -5.71 -6.43
CA ALA E 216 17.65 -4.85 -7.30
C ALA E 216 17.44 -3.47 -6.69
N GLY E 217 17.57 -2.46 -7.55
CA GLY E 217 17.09 -1.12 -7.22
C GLY E 217 15.58 -1.12 -7.15
N PRO E 218 14.96 0.00 -6.75
CA PRO E 218 13.51 -0.04 -6.55
C PRO E 218 12.72 -0.10 -7.89
N ILE E 219 11.71 -0.95 -7.94
CA ILE E 219 10.91 -1.21 -9.13
C ILE E 219 9.44 -1.21 -8.68
N ARG E 220 8.56 -0.53 -9.43
CA ARG E 220 7.11 -0.60 -9.20
C ARG E 220 6.53 -2.00 -9.34
N THR E 221 6.35 -2.68 -8.20
CA THR E 221 5.68 -3.96 -8.13
C THR E 221 4.50 -3.90 -7.16
N LEU E 222 3.77 -5.00 -7.04
CA LEU E 222 2.64 -5.04 -6.11
C LEU E 222 3.09 -4.82 -4.66
N SER E 223 4.11 -5.57 -4.24
CA SER E 223 4.68 -5.46 -2.90
C SER E 223 5.30 -4.08 -2.59
N ALA E 224 6.00 -3.51 -3.56
CA ALA E 224 6.55 -2.16 -3.45
C ALA E 224 5.49 -1.16 -3.01
N LYS E 225 4.25 -1.39 -3.41
CA LYS E 225 3.17 -0.50 -2.99
C LYS E 225 2.93 -0.52 -1.49
N GLY E 226 3.36 -1.55 -0.79
CA GLY E 226 3.19 -1.57 0.67
C GLY E 226 4.30 -0.86 1.44
N VAL E 227 5.36 -0.42 0.77
CA VAL E 227 6.51 0.15 1.47
C VAL E 227 6.40 1.65 1.62
N GLY E 228 6.31 2.16 2.85
CA GLY E 228 6.43 3.60 3.07
C GLY E 228 7.56 4.26 2.28
N GLY E 229 7.29 5.42 1.68
CA GLY E 229 8.33 6.22 1.02
C GLY E 229 8.81 5.67 -0.32
N PHE E 230 8.15 4.66 -0.83
CA PHE E 230 8.68 4.04 -2.04
C PHE E 230 8.93 5.06 -3.16
N ASN E 231 7.94 5.93 -3.42
CA ASN E 231 8.01 6.82 -4.56
C ASN E 231 9.20 7.77 -4.43
N THR E 232 9.33 8.35 -3.24
CA THR E 232 10.46 9.20 -2.91
C THR E 232 11.78 8.60 -3.35
N ILE E 233 12.03 7.35 -2.98
CA ILE E 233 13.28 6.65 -3.25
C ILE E 233 13.45 6.49 -4.77
N LEU E 234 12.36 6.22 -5.46
CA LEU E 234 12.38 6.02 -6.91
C LEU E 234 12.92 7.27 -7.56
N LYS E 235 12.33 8.39 -7.19
CA LYS E 235 12.79 9.70 -7.61
C LYS E 235 14.24 9.93 -7.26
N GLU E 236 14.65 9.64 -6.03
CA GLU E 236 16.04 9.94 -5.67
C GLU E 236 17.06 9.18 -6.52
N ILE E 237 16.75 7.95 -6.89
CA ILE E 237 17.61 7.19 -7.78
C ILE E 237 17.83 7.91 -9.11
N GLU E 238 16.76 8.47 -9.69
CA GLU E 238 16.86 9.16 -10.97
C GLU E 238 17.84 10.30 -10.87
N GLU E 239 17.80 10.98 -9.73
CA GLU E 239 18.57 12.19 -9.53
C GLU E 239 20.01 11.89 -9.20
N ARG E 240 20.21 10.85 -8.38
CA ARG E 240 21.49 10.65 -7.71
C ARG E 240 22.29 9.43 -8.15
N ALA E 241 21.69 8.37 -8.67
CA ALA E 241 22.48 7.19 -9.07
C ALA E 241 23.34 7.55 -10.29
N PRO E 242 24.58 7.02 -10.39
CA PRO E 242 25.37 7.17 -11.60
C PRO E 242 24.60 7.15 -12.94
N LEU E 243 23.69 6.22 -13.15
CA LEU E 243 23.10 6.12 -14.48
C LEU E 243 21.93 7.09 -14.62
N LYS E 244 21.60 7.73 -13.51
CA LYS E 244 20.49 8.70 -13.47
C LYS E 244 19.17 8.16 -14.03
N ARG E 245 18.90 6.87 -13.82
CA ARG E 245 17.61 6.31 -14.22
C ARG E 245 17.26 5.19 -13.27
N ASN E 246 16.01 4.76 -13.27
CA ASN E 246 15.68 3.58 -12.50
C ASN E 246 15.93 2.37 -13.38
N VAL E 247 15.99 1.19 -12.77
CA VAL E 247 16.21 -0.05 -13.48
C VAL E 247 14.83 -0.69 -13.61
N ASP E 248 14.73 -1.73 -14.43
CA ASP E 248 13.48 -2.46 -14.52
C ASP E 248 13.67 -3.99 -14.38
N GLN E 249 12.56 -4.71 -14.32
CA GLN E 249 12.55 -6.13 -14.04
C GLN E 249 13.40 -6.93 -15.02
N VAL E 250 13.35 -6.54 -16.29
CA VAL E 250 14.10 -7.22 -17.33
C VAL E 250 15.60 -7.05 -17.03
N GLU E 251 16.00 -5.89 -16.53
CA GLU E 251 17.40 -5.70 -16.19
C GLU E 251 17.84 -6.66 -15.08
N VAL E 252 16.98 -6.86 -14.07
CA VAL E 252 17.21 -7.94 -13.11
C VAL E 252 17.33 -9.28 -13.83
N GLY E 253 16.35 -9.60 -14.67
CA GLY E 253 16.32 -10.85 -15.42
C GLY E 253 17.58 -11.15 -16.22
N LYS E 254 18.23 -10.10 -16.74
CA LYS E 254 19.40 -10.27 -17.59
C LYS E 254 20.57 -10.70 -16.72
N THR E 255 20.67 -10.09 -15.53
CA THR E 255 21.67 -10.48 -14.53
C THR E 255 21.35 -11.86 -13.92
N ALA E 256 20.07 -12.15 -13.71
CA ALA E 256 19.67 -13.51 -13.37
C ALA E 256 20.21 -14.50 -14.39
N ALA E 257 20.05 -14.19 -15.67
CA ALA E 257 20.52 -15.12 -16.68
C ALA E 257 22.02 -15.38 -16.52
N TYR E 258 22.79 -14.31 -16.30
CA TYR E 258 24.24 -14.44 -16.06
C TYR E 258 24.52 -15.45 -14.94
N LEU E 259 23.89 -15.20 -13.80
CA LEU E 259 24.09 -15.91 -12.54
C LEU E 259 23.61 -17.36 -12.60
N LEU E 260 22.54 -17.63 -13.35
CA LEU E 260 21.99 -18.97 -13.47
C LEU E 260 22.69 -19.75 -14.56
N SER E 261 23.60 -19.14 -15.31
CA SER E 261 24.28 -19.84 -16.40
C SER E 261 25.77 -20.11 -16.16
N ASP E 262 26.38 -20.88 -17.06
CA ASP E 262 27.81 -21.14 -17.03
C ASP E 262 28.63 -19.85 -17.11
N LEU E 263 28.02 -18.79 -17.63
CA LEU E 263 28.73 -17.53 -17.69
C LEU E 263 29.31 -17.16 -16.31
N SER E 264 28.59 -17.46 -15.22
CA SER E 264 29.08 -17.05 -13.89
C SER E 264 29.72 -18.18 -13.06
N SER E 265 30.44 -19.06 -13.74
N SER E 265 30.26 -19.18 -13.74
CA SER E 265 30.84 -20.35 -13.17
CA SER E 265 31.01 -20.24 -13.07
C SER E 265 31.83 -20.22 -12.02
C SER E 265 32.21 -19.55 -12.43
N GLY E 266 32.44 -19.06 -11.84
N GLY E 266 32.48 -19.87 -11.18
CA GLY E 266 33.47 -18.88 -10.83
CA GLY E 266 33.51 -19.16 -10.45
C GLY E 266 32.93 -18.13 -9.63
C GLY E 266 32.91 -18.17 -9.47
N VAL E 267 31.65 -17.79 -9.69
CA VAL E 267 31.05 -16.76 -8.86
C VAL E 267 30.01 -17.40 -7.97
N THR E 268 30.29 -17.38 -6.67
CA THR E 268 29.32 -17.85 -5.70
C THR E 268 29.49 -17.01 -4.43
N GLY E 269 28.40 -16.88 -3.69
CA GLY E 269 28.40 -16.19 -2.41
C GLY E 269 28.47 -14.71 -2.63
N GLU E 270 28.17 -14.33 -3.87
CA GLU E 270 28.23 -12.93 -4.35
C GLU E 270 26.87 -12.20 -4.30
N ASN E 271 26.95 -10.86 -4.29
CA ASN E 271 25.74 -10.04 -4.34
C ASN E 271 25.86 -9.01 -5.47
N ILE E 272 25.18 -9.23 -6.61
CA ILE E 272 25.33 -8.29 -7.72
C ILE E 272 24.27 -7.17 -7.69
N HIS E 273 24.68 -5.91 -7.69
CA HIS E 273 23.71 -4.81 -7.56
C HIS E 273 23.23 -4.36 -8.92
N VAL E 274 21.94 -4.46 -9.16
CA VAL E 274 21.39 -4.04 -10.44
C VAL E 274 20.49 -2.87 -10.11
N ASP E 275 21.15 -1.73 -9.94
CA ASP E 275 20.58 -0.63 -9.16
C ASP E 275 21.12 0.70 -9.67
N SER E 276 21.64 0.68 -10.90
CA SER E 276 22.03 1.90 -11.56
C SER E 276 23.28 2.51 -10.95
N GLY E 277 24.00 1.76 -10.13
CA GLY E 277 25.17 2.27 -9.43
C GLY E 277 24.90 2.82 -8.04
N PHE E 278 23.65 2.88 -7.59
CA PHE E 278 23.34 3.58 -6.33
C PHE E 278 24.12 3.07 -5.12
N HIS E 279 24.41 1.78 -5.11
CA HIS E 279 25.10 1.15 -3.99
C HIS E 279 26.52 1.67 -3.74
N ALA E 280 27.12 2.24 -4.79
CA ALA E 280 28.54 2.62 -4.84
C ALA E 280 28.70 4.07 -4.41
N ILE E 281 27.58 4.77 -4.34
CA ILE E 281 27.70 6.17 -4.04
C ILE E 281 27.20 6.46 -2.64
N LYS E 282 27.40 7.71 -2.26
CA LYS E 282 26.99 8.14 -0.94
C LYS E 282 26.95 9.65 -0.92
N VAL F 28 37.13 8.23 29.95
CA VAL F 28 36.04 7.36 30.50
C VAL F 28 36.02 7.38 32.06
N ASN F 29 34.95 7.90 32.66
CA ASN F 29 34.68 7.76 34.10
C ASN F 29 33.18 7.75 34.36
N LEU F 30 32.68 6.67 34.93
CA LEU F 30 31.28 6.33 34.79
C LEU F 30 30.56 6.47 36.13
N GLU F 31 31.12 7.24 37.06
CA GLU F 31 30.44 7.45 38.33
C GLU F 31 29.09 8.10 38.03
N ASN F 32 28.05 7.68 38.74
CA ASN F 32 26.72 8.27 38.54
C ASN F 32 26.03 7.79 37.25
N LYS F 33 26.71 6.97 36.45
CA LYS F 33 26.03 6.21 35.38
C LYS F 33 25.39 4.90 35.86
N THR F 34 24.34 4.46 35.15
CA THR F 34 23.78 3.16 35.37
C THR F 34 23.68 2.38 34.06
N TYR F 35 24.31 1.21 33.99
CA TYR F 35 24.10 0.31 32.86
C TYR F 35 23.46 -1.04 33.22
N VAL F 36 22.52 -1.51 32.41
CA VAL F 36 22.00 -2.86 32.51
C VAL F 36 22.86 -3.82 31.70
N ILE F 37 23.34 -4.88 32.34
CA ILE F 37 24.13 -5.88 31.63
C ILE F 37 23.35 -7.18 31.54
N MET F 38 23.12 -7.62 30.30
CA MET F 38 22.29 -8.77 30.03
C MET F 38 23.16 -9.93 29.55
N GLY F 39 23.11 -11.08 30.22
CA GLY F 39 23.76 -12.26 29.65
C GLY F 39 25.03 -12.74 30.34
N ILE F 40 25.14 -12.48 31.63
CA ILE F 40 26.13 -13.20 32.44
C ILE F 40 25.58 -14.57 32.87
N ALA F 41 26.28 -15.65 32.51
CA ALA F 41 26.05 -16.99 33.06
C ALA F 41 27.05 -17.42 34.16
N ASN F 42 28.33 -17.08 33.99
CA ASN F 42 29.35 -17.49 34.96
C ASN F 42 30.52 -16.56 34.77
N LYS F 43 31.68 -16.94 35.29
CA LYS F 43 32.83 -16.03 35.35
C LYS F 43 33.51 -15.90 33.98
N ARG F 44 33.19 -16.80 33.05
CA ARG F 44 33.77 -16.80 31.72
CA ARG F 44 33.81 -16.74 31.74
C ARG F 44 32.96 -15.95 30.72
N SER F 45 31.79 -15.47 31.12
CA SER F 45 30.95 -14.74 30.16
C SER F 45 31.63 -13.45 29.73
N ILE F 46 31.70 -13.25 28.42
CA ILE F 46 31.99 -11.94 27.88
C ILE F 46 31.30 -10.88 28.76
N ALA F 47 29.98 -10.96 28.97
CA ALA F 47 29.33 -9.86 29.70
C ALA F 47 29.98 -9.62 31.08
N PHE F 48 30.69 -10.58 31.64
CA PHE F 48 31.26 -10.34 32.96
C PHE F 48 32.60 -9.57 32.84
N GLY F 49 33.32 -9.76 31.72
CA GLY F 49 34.35 -8.83 31.27
C GLY F 49 33.88 -7.38 31.19
N VAL F 50 32.79 -7.13 30.48
CA VAL F 50 32.12 -5.84 30.53
C VAL F 50 31.91 -5.36 31.98
N ALA F 51 31.21 -6.18 32.78
CA ALA F 51 30.88 -5.81 34.15
C ALA F 51 32.11 -5.36 35.00
N LYS F 52 33.18 -6.14 35.04
CA LYS F 52 34.40 -5.77 35.79
C LYS F 52 34.96 -4.46 35.31
N VAL F 53 34.98 -4.25 33.99
CA VAL F 53 35.47 -2.96 33.47
C VAL F 53 34.55 -1.79 33.88
N LEU F 54 33.24 -1.87 33.64
CA LEU F 54 32.34 -0.80 34.10
C LEU F 54 32.36 -0.62 35.62
N ASP F 55 32.63 -1.71 36.33
CA ASP F 55 32.54 -1.67 37.79
C ASP F 55 33.77 -0.91 38.29
N GLN F 56 34.92 -1.25 37.70
CA GLN F 56 36.18 -0.58 37.94
C GLN F 56 36.04 0.90 37.65
N LEU F 57 35.27 1.23 36.61
CA LEU F 57 35.13 2.61 36.15
C LEU F 57 34.11 3.43 36.95
N GLY F 58 33.46 2.83 37.94
CA GLY F 58 32.55 3.60 38.77
C GLY F 58 31.08 3.37 38.52
N ALA F 59 30.71 2.66 37.44
CA ALA F 59 29.30 2.48 37.04
C ALA F 59 28.46 1.74 38.06
N LYS F 60 27.17 2.06 38.10
CA LYS F 60 26.22 1.27 38.85
C LYS F 60 25.76 0.27 37.83
N LEU F 61 25.66 -0.99 38.27
CA LEU F 61 25.41 -2.14 37.38
C LEU F 61 24.13 -2.92 37.78
N VAL F 62 23.32 -3.23 36.78
CA VAL F 62 22.08 -3.95 37.00
C VAL F 62 22.18 -5.18 36.13
N PHE F 63 21.80 -6.35 36.62
CA PHE F 63 22.11 -7.56 35.87
C PHE F 63 20.84 -8.29 35.53
N THR F 64 20.75 -8.76 34.28
CA THR F 64 19.69 -9.65 33.91
C THR F 64 20.16 -11.06 33.51
N TYR F 65 19.36 -12.05 33.90
CA TYR F 65 19.72 -13.46 33.75
C TYR F 65 18.48 -14.25 33.33
N ARG F 66 18.69 -15.41 32.69
CA ARG F 66 17.61 -16.37 32.44
C ARG F 66 17.56 -17.53 33.45
N LYS F 67 18.66 -18.30 33.58
CA LYS F 67 18.64 -19.54 34.38
C LYS F 67 18.73 -19.23 35.87
N GLU F 68 18.22 -20.13 36.72
CA GLU F 68 18.41 -19.89 38.14
C GLU F 68 19.87 -19.97 38.49
N ARG F 69 20.62 -20.77 37.73
CA ARG F 69 22.05 -21.01 37.97
C ARG F 69 22.86 -19.75 37.62
N SER F 70 22.40 -18.99 36.63
CA SER F 70 23.05 -17.74 36.30
C SER F 70 22.91 -16.75 37.46
N ARG F 71 21.71 -16.66 38.04
CA ARG F 71 21.49 -15.76 39.15
C ARG F 71 22.43 -16.17 40.29
N LYS F 72 22.52 -17.47 40.55
CA LYS F 72 23.42 -17.98 41.59
C LYS F 72 24.88 -17.63 41.30
N GLU F 73 25.29 -17.68 40.04
CA GLU F 73 26.67 -17.35 39.71
C GLU F 73 26.92 -15.85 39.91
N LEU F 74 25.93 -15.05 39.52
CA LEU F 74 26.01 -13.60 39.69
C LEU F 74 26.17 -13.23 41.16
N GLU F 75 25.38 -13.84 42.04
CA GLU F 75 25.45 -13.50 43.45
C GLU F 75 26.84 -13.77 44.00
N LYS F 76 27.51 -14.78 43.44
CA LYS F 76 28.87 -15.13 43.83
C LYS F 76 29.88 -14.19 43.17
N LEU F 77 29.64 -13.84 41.91
CA LEU F 77 30.53 -12.97 41.14
C LEU F 77 30.53 -11.52 41.63
N LEU F 78 29.41 -11.08 42.21
CA LEU F 78 29.27 -9.75 42.77
C LEU F 78 30.19 -9.48 43.95
N GLU F 79 30.68 -10.53 44.59
CA GLU F 79 31.58 -10.34 45.71
C GLU F 79 32.94 -9.90 45.21
N GLN F 80 33.14 -9.93 43.90
CA GLN F 80 34.40 -9.48 43.28
C GLN F 80 34.35 -8.02 42.84
N LEU F 81 33.18 -7.40 42.97
CA LEU F 81 32.88 -6.15 42.32
C LEU F 81 32.63 -5.09 43.40
N ASN F 82 32.72 -3.82 43.02
CA ASN F 82 32.47 -2.73 43.93
C ASN F 82 31.00 -2.47 44.19
N GLN F 83 30.13 -2.99 43.32
CA GLN F 83 28.70 -2.87 43.51
C GLN F 83 28.33 -3.11 44.96
N PRO F 84 27.89 -2.05 45.65
CA PRO F 84 27.42 -2.20 47.03
C PRO F 84 26.06 -2.91 47.08
N GLU F 85 25.40 -3.06 45.94
CA GLU F 85 24.07 -3.66 45.88
C GLU F 85 23.87 -4.61 44.69
N ALA F 86 23.16 -5.70 44.94
CA ALA F 86 22.80 -6.65 43.88
C ALA F 86 21.46 -6.24 43.24
N HIS F 87 21.51 -5.79 41.98
CA HIS F 87 20.28 -5.59 41.21
C HIS F 87 20.11 -6.66 40.12
N LEU F 88 19.49 -7.79 40.48
CA LEU F 88 19.37 -8.92 39.56
C LEU F 88 17.92 -9.12 39.11
N TYR F 89 17.71 -9.30 37.81
CA TYR F 89 16.35 -9.42 37.30
C TYR F 89 16.25 -10.58 36.32
N GLN F 90 15.28 -11.45 36.55
CA GLN F 90 15.06 -12.54 35.62
C GLN F 90 14.41 -11.98 34.36
N ILE F 91 15.09 -12.12 33.23
CA ILE F 91 14.49 -11.76 31.96
C ILE F 91 14.92 -12.80 30.96
N ASP F 92 13.97 -13.65 30.61
CA ASP F 92 14.07 -14.40 29.37
C ASP F 92 13.57 -13.58 28.18
N VAL F 93 14.47 -13.26 27.26
CA VAL F 93 14.14 -12.37 26.12
C VAL F 93 13.22 -13.01 25.08
N GLN F 94 12.88 -14.27 25.29
CA GLN F 94 11.78 -14.87 24.53
C GLN F 94 10.40 -14.39 25.00
N SER F 95 10.27 -13.75 26.16
CA SER F 95 8.93 -13.27 26.49
C SER F 95 8.83 -11.74 26.50
N ASP F 96 7.83 -11.21 25.82
CA ASP F 96 7.65 -9.76 25.79
C ASP F 96 7.36 -9.29 27.20
N GLU F 97 6.48 -10.02 27.90
CA GLU F 97 6.09 -9.55 29.22
CA GLU F 97 6.08 -9.76 29.29
C GLU F 97 7.28 -9.49 30.19
N GLU F 98 8.22 -10.42 30.14
CA GLU F 98 9.38 -10.39 31.03
C GLU F 98 10.34 -9.25 30.73
N VAL F 99 10.55 -8.96 29.44
CA VAL F 99 11.35 -7.83 29.04
C VAL F 99 10.67 -6.54 29.48
N ILE F 100 9.37 -6.42 29.17
CA ILE F 100 8.61 -5.23 29.50
C ILE F 100 8.52 -5.06 31.03
N ASN F 101 8.20 -6.11 31.77
CA ASN F 101 8.03 -6.00 33.22
C ASN F 101 9.39 -5.84 33.90
N GLY F 102 10.45 -6.35 33.26
CA GLY F 102 11.76 -6.35 33.87
C GLY F 102 12.32 -4.95 33.84
N PHE F 103 12.23 -4.31 32.67
CA PHE F 103 12.75 -2.95 32.50
C PHE F 103 11.90 -1.92 33.26
N GLU F 104 10.58 -2.14 33.27
CA GLU F 104 9.71 -1.30 34.10
C GLU F 104 10.15 -1.39 35.55
N GLN F 105 10.44 -2.59 36.02
CA GLN F 105 10.77 -2.71 37.43
C GLN F 105 12.17 -2.15 37.68
N ILE F 106 13.08 -2.34 36.71
CA ILE F 106 14.44 -1.82 36.80
C ILE F 106 14.39 -0.29 36.96
N GLY F 107 13.54 0.31 36.13
CA GLY F 107 13.25 1.74 36.18
C GLY F 107 12.74 2.19 37.55
N LYS F 108 11.77 1.48 38.12
CA LYS F 108 11.27 1.82 39.47
C LYS F 108 12.33 1.59 40.55
N ASP F 109 13.23 0.63 40.36
CA ASP F 109 14.22 0.34 41.40
C ASP F 109 15.44 1.27 41.41
N VAL F 110 15.95 1.64 40.22
CA VAL F 110 17.20 2.43 40.11
C VAL F 110 17.08 3.76 39.34
N GLY F 111 15.89 4.03 38.83
CA GLY F 111 15.63 5.20 37.97
C GLY F 111 16.13 5.01 36.56
N ASN F 112 16.42 6.14 35.91
CA ASN F 112 16.89 6.15 34.53
C ASN F 112 18.29 5.59 34.34
N ILE F 113 18.51 4.99 33.17
CA ILE F 113 19.73 4.28 32.95
C ILE F 113 20.45 4.97 31.81
N ASP F 114 21.72 4.63 31.65
CA ASP F 114 22.59 5.32 30.72
C ASP F 114 22.88 4.40 29.54
N GLY F 115 22.62 3.12 29.73
CA GLY F 115 22.84 2.21 28.62
C GLY F 115 22.56 0.77 28.96
N VAL F 116 22.65 -0.07 27.92
CA VAL F 116 22.39 -1.49 27.98
C VAL F 116 23.49 -2.24 27.25
N TYR F 117 24.04 -3.27 27.89
CA TYR F 117 25.00 -4.12 27.20
C TYR F 117 24.29 -5.44 26.98
N HIS F 118 24.12 -5.80 25.72
CA HIS F 118 23.40 -6.99 25.31
C HIS F 118 24.41 -8.07 24.93
N SER F 119 24.45 -9.13 25.72
CA SER F 119 25.39 -10.24 25.55
C SER F 119 24.59 -11.55 25.46
N ILE F 120 23.62 -11.61 24.56
CA ILE F 120 22.68 -12.72 24.50
C ILE F 120 22.59 -13.32 23.11
N ALA F 121 22.78 -14.63 23.04
CA ALA F 121 22.51 -15.38 21.82
C ALA F 121 22.09 -16.79 22.18
N PHE F 122 21.48 -17.49 21.23
CA PHE F 122 21.24 -18.90 21.46
C PHE F 122 20.92 -19.68 20.16
N ALA F 123 21.40 -20.90 20.04
CA ALA F 123 21.04 -21.79 18.94
C ALA F 123 21.20 -23.19 19.49
N ASN F 124 20.50 -24.15 18.90
CA ASN F 124 20.69 -25.56 19.23
C ASN F 124 22.05 -26.07 18.74
N MET F 125 22.63 -27.03 19.45
CA MET F 125 23.89 -27.65 19.06
C MET F 125 23.82 -28.35 17.73
N GLU F 126 22.64 -28.88 17.41
CA GLU F 126 22.42 -29.56 16.14
C GLU F 126 22.79 -28.56 15.05
N ASP F 127 22.50 -27.29 15.31
CA ASP F 127 22.54 -26.31 14.26
C ASP F 127 23.86 -25.54 14.35
N LEU F 128 24.94 -26.14 14.84
CA LEU F 128 26.16 -25.38 15.11
C LEU F 128 27.37 -26.19 14.64
N ARG F 129 27.07 -26.99 13.61
CA ARG F 129 27.99 -27.94 13.04
C ARG F 129 27.31 -28.59 11.84
N GLY F 130 28.04 -29.49 11.18
CA GLY F 130 27.59 -30.04 9.90
C GLY F 130 26.99 -28.97 9.01
N ARG F 131 25.88 -29.31 8.35
CA ARG F 131 25.48 -28.63 7.10
C ARG F 131 24.43 -27.58 7.41
N PHE F 132 24.75 -26.32 7.08
CA PHE F 132 23.81 -25.22 7.23
C PHE F 132 22.48 -25.48 6.48
N SER F 133 22.58 -26.06 5.29
CA SER F 133 21.40 -26.25 4.44
C SER F 133 20.36 -27.13 5.14
N GLU F 134 20.76 -27.75 6.25
CA GLU F 134 19.93 -28.75 6.92
C GLU F 134 19.21 -28.11 8.13
N THR F 135 19.49 -26.84 8.39
CA THR F 135 18.87 -26.16 9.51
C THR F 135 17.33 -26.24 9.43
N SER F 136 16.73 -26.52 10.59
CA SER F 136 15.29 -26.60 10.71
C SER F 136 14.79 -25.17 10.80
N ARG F 137 13.54 -24.98 10.38
CA ARG F 137 12.80 -23.75 10.59
C ARG F 137 12.83 -23.36 12.07
N GLU F 138 12.60 -24.30 12.95
CA GLU F 138 12.35 -23.97 14.35
C GLU F 138 13.65 -23.51 15.00
N GLY F 139 14.75 -24.16 14.61
CA GLY F 139 16.08 -23.79 15.07
C GLY F 139 16.55 -22.46 14.51
N PHE F 140 16.25 -22.23 13.24
CA PHE F 140 16.48 -20.93 12.62
C PHE F 140 15.76 -19.77 13.28
N LEU F 141 14.44 -19.88 13.43
CA LEU F 141 13.67 -18.79 14.06
C LEU F 141 14.04 -18.63 15.54
N LEU F 142 14.42 -19.74 16.20
CA LEU F 142 14.88 -19.74 17.60
C LEU F 142 16.13 -18.87 17.78
N ALA F 143 17.08 -19.05 16.87
CA ALA F 143 18.28 -18.22 16.82
C ALA F 143 17.98 -16.72 16.52
N GLN F 144 17.20 -16.45 15.48
CA GLN F 144 16.75 -15.08 15.22
C GLN F 144 16.03 -14.45 16.45
N ASP F 145 15.14 -15.22 17.05
CA ASP F 145 14.31 -14.72 18.13
C ASP F 145 15.17 -14.31 19.31
N ILE F 146 16.07 -15.18 19.77
CA ILE F 146 16.86 -14.89 20.97
C ILE F 146 18.02 -13.96 20.61
N SER F 147 18.66 -14.20 19.47
CA SER F 147 19.97 -13.59 19.22
C SER F 147 19.88 -12.26 18.47
N SER F 148 18.72 -11.93 17.94
CA SER F 148 18.58 -10.69 17.17
C SER F 148 17.36 -9.89 17.58
N TYR F 149 16.18 -10.51 17.53
CA TYR F 149 14.97 -9.77 17.81
C TYR F 149 15.04 -9.33 19.27
N SER F 150 15.68 -10.09 20.14
CA SER F 150 15.70 -9.68 21.55
C SER F 150 16.24 -8.25 21.67
N LEU F 151 17.16 -7.87 20.79
CA LEU F 151 17.75 -6.52 20.89
C LEU F 151 16.75 -5.37 20.64
N THR F 152 15.85 -5.60 19.68
CA THR F 152 14.87 -4.64 19.25
C THR F 152 13.93 -4.38 20.38
N ILE F 153 13.46 -5.44 21.04
CA ILE F 153 12.49 -5.19 22.10
C ILE F 153 13.19 -4.65 23.34
N VAL F 154 14.41 -5.10 23.60
CA VAL F 154 15.15 -4.56 24.72
C VAL F 154 15.36 -3.05 24.49
N ALA F 155 15.67 -2.70 23.25
CA ALA F 155 15.90 -1.30 22.92
C ALA F 155 14.61 -0.53 23.17
N HIS F 156 13.48 -1.06 22.68
CA HIS F 156 12.24 -0.35 22.82
C HIS F 156 11.92 -0.14 24.28
N GLU F 157 12.20 -1.12 25.13
CA GLU F 157 11.78 -0.96 26.51
C GLU F 157 12.79 -0.10 27.24
N ALA F 158 14.06 -0.25 26.87
CA ALA F 158 15.15 0.48 27.53
C ALA F 158 15.11 1.98 27.23
N LYS F 159 14.77 2.33 25.99
CA LYS F 159 14.39 3.72 25.65
C LYS F 159 13.56 4.47 26.72
N LYS F 160 12.50 3.86 27.23
CA LYS F 160 11.66 4.49 28.21
C LYS F 160 12.47 4.95 29.39
N LEU F 161 13.63 4.33 29.62
CA LEU F 161 14.44 4.66 30.79
C LEU F 161 15.60 5.58 30.43
N MET F 162 15.62 6.04 29.19
CA MET F 162 16.70 6.88 28.71
C MET F 162 16.17 8.17 28.06
N PRO F 163 15.42 8.99 28.83
CA PRO F 163 14.72 10.12 28.24
C PRO F 163 15.64 11.22 27.68
N GLU F 164 16.89 11.32 28.14
CA GLU F 164 17.81 12.25 27.48
C GLU F 164 18.98 11.64 26.76
N GLY F 165 18.83 10.38 26.36
CA GLY F 165 19.82 9.73 25.52
C GLY F 165 20.51 8.58 26.23
N GLY F 166 21.14 7.72 25.42
CA GLY F 166 22.05 6.75 25.96
C GLY F 166 22.69 5.87 24.93
N SER F 167 23.21 4.75 25.41
CA SER F 167 24.00 3.92 24.53
C SER F 167 23.62 2.46 24.72
N ILE F 168 23.36 1.76 23.63
CA ILE F 168 23.06 0.34 23.66
C ILE F 168 24.11 -0.43 22.84
N VAL F 169 24.70 -1.47 23.42
CA VAL F 169 25.76 -2.22 22.74
C VAL F 169 25.41 -3.71 22.74
N ALA F 170 25.51 -4.32 21.57
CA ALA F 170 25.25 -5.75 21.41
C ALA F 170 26.53 -6.51 21.01
N THR F 171 26.55 -7.83 21.22
CA THR F 171 27.77 -8.53 20.92
C THR F 171 27.58 -9.38 19.65
N THR F 172 28.50 -9.30 18.72
CA THR F 172 28.36 -10.13 17.53
C THR F 172 29.67 -10.81 17.17
N TYR F 173 29.70 -11.48 16.04
CA TYR F 173 30.88 -12.20 15.62
C TYR F 173 30.99 -12.14 14.09
N LEU F 174 32.24 -12.14 13.62
CA LEU F 174 32.65 -11.98 12.24
C LEU F 174 31.90 -12.93 11.30
N GLY F 175 31.46 -14.06 11.85
CA GLY F 175 30.59 -14.99 11.16
C GLY F 175 29.24 -14.40 10.75
N GLY F 176 28.94 -13.19 11.25
CA GLY F 176 27.81 -12.38 10.75
C GLY F 176 28.08 -11.69 9.42
N GLU F 177 29.36 -11.47 9.12
CA GLU F 177 29.75 -10.75 7.92
C GLU F 177 30.23 -11.69 6.84
N PHE F 178 30.82 -12.83 7.23
CA PHE F 178 31.34 -13.81 6.28
C PHE F 178 30.85 -15.16 6.75
N ALA F 179 30.71 -16.08 5.80
CA ALA F 179 30.42 -17.47 6.11
C ALA F 179 31.67 -18.15 6.70
N VAL F 180 31.58 -18.45 7.99
CA VAL F 180 32.59 -19.18 8.75
C VAL F 180 32.10 -20.63 8.98
N GLN F 181 32.80 -21.62 8.45
CA GLN F 181 32.49 -23.04 8.74
C GLN F 181 32.03 -23.30 10.18
N ASN F 182 30.88 -23.99 10.30
CA ASN F 182 30.25 -24.47 11.54
C ASN F 182 29.38 -23.47 12.24
N TYR F 183 29.53 -22.18 11.94
CA TYR F 183 28.86 -21.20 12.77
C TYR F 183 27.43 -21.05 12.26
N ASN F 184 27.24 -21.35 10.98
CA ASN F 184 25.94 -21.83 10.47
C ASN F 184 24.76 -20.98 10.91
N VAL F 185 23.77 -21.49 11.62
CA VAL F 185 22.59 -20.69 11.93
C VAL F 185 22.93 -19.45 12.78
N MET F 186 24.02 -19.48 13.56
CA MET F 186 24.32 -18.30 14.36
C MET F 186 24.83 -17.13 13.49
N GLY F 187 25.53 -17.45 12.40
CA GLY F 187 26.09 -16.43 11.54
C GLY F 187 24.96 -15.66 10.85
N VAL F 188 23.89 -16.37 10.50
CA VAL F 188 22.75 -15.72 9.89
C VAL F 188 21.99 -14.90 10.95
N ALA F 189 22.01 -15.32 12.21
CA ALA F 189 21.38 -14.51 13.27
C ALA F 189 22.23 -13.30 13.65
N LYS F 190 23.55 -13.43 13.59
CA LYS F 190 24.47 -12.28 13.67
C LYS F 190 24.35 -11.26 12.53
N ALA F 191 24.24 -11.74 11.29
CA ALA F 191 23.93 -10.85 10.19
C ALA F 191 22.67 -10.02 10.50
N SER F 192 21.61 -10.72 10.94
CA SER F 192 20.37 -10.11 11.36
C SER F 192 20.61 -9.09 12.46
N LEU F 193 21.41 -9.45 13.46
CA LEU F 193 21.67 -8.62 14.63
C LEU F 193 22.37 -7.34 14.18
N GLU F 194 23.40 -7.51 13.36
CA GLU F 194 24.12 -6.39 12.78
C GLU F 194 23.20 -5.45 12.01
N ALA F 195 22.24 -5.95 11.26
CA ALA F 195 21.29 -5.04 10.62
C ALA F 195 20.37 -4.43 11.67
N ASN F 196 19.98 -5.20 12.67
CA ASN F 196 19.15 -4.69 13.76
C ASN F 196 19.81 -3.46 14.41
N VAL F 197 21.11 -3.56 14.66
CA VAL F 197 21.89 -2.43 15.14
C VAL F 197 21.78 -1.20 14.20
N LYS F 198 21.94 -1.35 12.89
CA LYS F 198 21.88 -0.17 12.01
C LYS F 198 20.48 0.49 11.98
N TYR F 199 19.43 -0.31 11.88
CA TYR F 199 18.09 0.22 11.88
C TYR F 199 17.77 0.79 13.22
N LEU F 200 18.28 0.22 14.31
CA LEU F 200 17.94 0.83 15.60
C LEU F 200 18.66 2.18 15.75
N ALA F 201 19.88 2.27 15.22
CA ALA F 201 20.64 3.54 15.31
C ALA F 201 19.93 4.67 14.56
N LEU F 202 19.41 4.34 13.37
CA LEU F 202 18.65 5.29 12.55
C LEU F 202 17.39 5.75 13.26
N ASP F 203 16.62 4.81 13.79
CA ASP F 203 15.32 5.09 14.44
C ASP F 203 15.51 5.83 15.77
N LEU F 204 16.56 5.50 16.52
CA LEU F 204 16.65 5.96 17.91
C LEU F 204 17.63 7.13 18.07
N GLY F 205 18.47 7.33 17.07
CA GLY F 205 19.30 8.53 16.95
C GLY F 205 18.69 9.88 17.27
N PRO F 206 17.48 10.17 16.75
CA PRO F 206 16.88 11.45 17.06
C PRO F 206 16.57 11.56 18.55
N ASP F 207 16.57 10.44 19.26
CA ASP F 207 16.31 10.44 20.70
C ASP F 207 17.66 10.48 21.40
N ASN F 208 18.72 10.58 20.61
CA ASN F 208 20.07 10.63 21.14
C ASN F 208 20.48 9.32 21.84
N ILE F 209 19.90 8.22 21.38
CA ILE F 209 20.30 6.92 21.85
C ILE F 209 21.17 6.31 20.75
N ARG F 210 22.41 5.95 21.09
CA ARG F 210 23.33 5.41 20.08
C ARG F 210 23.30 3.90 20.14
N VAL F 211 23.42 3.21 19.00
CA VAL F 211 23.27 1.77 19.03
C VAL F 211 24.43 1.18 18.24
N ASN F 212 25.21 0.31 18.89
CA ASN F 212 26.39 -0.24 18.25
C ASN F 212 26.63 -1.70 18.57
N ALA F 213 27.63 -2.25 17.89
CA ALA F 213 28.05 -3.64 18.01
C ALA F 213 29.55 -3.75 18.37
N ILE F 214 29.89 -4.71 19.22
CA ILE F 214 31.27 -5.21 19.30
C ILE F 214 31.33 -6.59 18.62
N SER F 215 32.27 -6.74 17.69
CA SER F 215 32.51 -8.02 17.05
C SER F 215 33.74 -8.66 17.74
N ALA F 216 33.49 -9.38 18.84
CA ALA F 216 34.51 -10.06 19.58
C ALA F 216 35.19 -11.16 18.75
N GLY F 217 36.50 -11.36 18.93
CA GLY F 217 37.17 -12.55 18.42
C GLY F 217 36.82 -13.71 19.34
N PRO F 218 37.22 -14.95 18.99
CA PRO F 218 36.69 -16.03 19.82
C PRO F 218 37.31 -16.14 21.24
N ILE F 219 36.46 -16.46 22.23
CA ILE F 219 36.81 -16.48 23.63
C ILE F 219 36.22 -17.75 24.26
N ARG F 220 37.02 -18.44 25.08
CA ARG F 220 36.49 -19.58 25.84
C ARG F 220 35.34 -19.29 26.80
N THR F 221 34.13 -19.52 26.36
CA THR F 221 32.97 -19.34 27.22
C THR F 221 32.09 -20.61 27.23
N LEU F 222 31.18 -20.71 28.19
CA LEU F 222 30.21 -21.78 28.23
C LEU F 222 29.57 -22.05 26.83
N SER F 223 29.15 -21.00 26.15
CA SER F 223 28.44 -21.13 24.89
C SER F 223 29.41 -21.51 23.77
N ALA F 224 30.65 -21.05 23.89
CA ALA F 224 31.71 -21.41 22.93
C ALA F 224 31.88 -22.92 22.84
N LYS F 225 31.60 -23.58 23.96
CA LYS F 225 31.74 -25.04 24.06
C LYS F 225 30.82 -25.81 23.13
N GLY F 226 29.68 -25.21 22.80
CA GLY F 226 28.74 -25.82 21.86
C GLY F 226 29.05 -25.61 20.40
N VAL F 227 30.02 -24.77 20.06
CA VAL F 227 30.27 -24.49 18.64
C VAL F 227 31.33 -25.40 18.03
N GLY F 228 31.01 -26.03 16.91
CA GLY F 228 31.94 -26.96 16.29
C GLY F 228 33.20 -26.22 15.87
N GLY F 229 34.35 -26.88 15.94
CA GLY F 229 35.61 -26.34 15.40
C GLY F 229 36.15 -25.10 16.11
N PHE F 230 35.54 -24.72 17.23
CA PHE F 230 36.01 -23.57 18.03
C PHE F 230 37.50 -23.59 18.44
N ASN F 231 38.06 -24.73 18.82
CA ASN F 231 39.46 -24.69 19.22
C ASN F 231 40.35 -24.43 18.00
N THR F 232 39.98 -24.98 16.86
CA THR F 232 40.84 -24.84 15.70
C THR F 232 40.79 -23.42 15.13
N ILE F 233 39.78 -22.64 15.53
CA ILE F 233 39.68 -21.22 15.13
C ILE F 233 40.55 -20.36 16.05
N LEU F 234 40.48 -20.61 17.35
CA LEU F 234 41.32 -19.98 18.35
C LEU F 234 42.79 -19.99 17.95
N LYS F 235 43.21 -21.16 17.50
CA LYS F 235 44.57 -21.40 17.07
C LYS F 235 44.86 -20.60 15.81
N GLU F 236 43.89 -20.49 14.91
CA GLU F 236 44.15 -19.82 13.65
C GLU F 236 44.36 -18.32 13.92
N ILE F 237 43.62 -17.78 14.88
CA ILE F 237 43.82 -16.40 15.29
C ILE F 237 45.27 -16.18 15.72
N GLU F 238 45.79 -17.03 16.60
CA GLU F 238 47.13 -16.84 17.14
C GLU F 238 48.13 -16.87 16.02
N GLU F 239 47.93 -17.77 15.06
CA GLU F 239 48.84 -17.94 13.93
C GLU F 239 48.76 -16.83 12.89
N ARG F 240 47.56 -16.27 12.71
CA ARG F 240 47.25 -15.45 11.53
C ARG F 240 46.78 -14.00 11.73
N ALA F 241 46.01 -13.71 12.79
CA ALA F 241 45.64 -12.33 13.15
C ALA F 241 46.87 -11.43 13.30
N PRO F 242 46.74 -10.17 12.89
CA PRO F 242 47.81 -9.20 13.00
C PRO F 242 48.46 -9.18 14.38
N LEU F 243 47.70 -9.23 15.46
CA LEU F 243 48.36 -9.18 16.78
C LEU F 243 48.93 -10.54 17.17
N LYS F 244 48.60 -11.57 16.41
CA LYS F 244 49.17 -12.92 16.62
C LYS F 244 48.88 -13.47 18.02
N ARG F 245 47.66 -13.24 18.49
CA ARG F 245 47.20 -13.68 19.81
C ARG F 245 45.70 -13.51 19.83
N ASN F 246 45.07 -14.23 20.75
CA ASN F 246 43.64 -14.09 20.97
C ASN F 246 43.32 -12.96 21.95
N VAL F 247 42.04 -12.61 22.06
CA VAL F 247 41.59 -11.52 22.93
C VAL F 247 40.83 -12.13 24.09
N ASP F 248 40.40 -11.29 25.03
CA ASP F 248 39.75 -11.80 26.22
C ASP F 248 38.54 -10.96 26.54
N GLN F 249 37.74 -11.41 27.51
CA GLN F 249 36.49 -10.74 27.88
C GLN F 249 36.73 -9.29 28.34
N VAL F 250 37.91 -9.07 28.94
CA VAL F 250 38.23 -7.78 29.52
C VAL F 250 38.48 -6.76 28.40
N GLU F 251 39.00 -7.23 27.28
CA GLU F 251 39.26 -6.38 26.13
C GLU F 251 37.95 -6.01 25.48
N VAL F 252 36.98 -6.91 25.49
CA VAL F 252 35.66 -6.55 24.98
C VAL F 252 35.05 -5.51 25.91
N GLY F 253 35.24 -5.76 27.21
CA GLY F 253 34.79 -4.84 28.23
C GLY F 253 35.31 -3.41 28.07
N LYS F 254 36.61 -3.28 27.84
CA LYS F 254 37.19 -1.96 27.59
C LYS F 254 36.61 -1.26 26.34
N THR F 255 36.44 -1.93 25.20
CA THR F 255 35.67 -1.33 24.10
C THR F 255 34.19 -1.14 24.44
N ALA F 256 33.61 -1.95 25.32
CA ALA F 256 32.24 -1.64 25.73
C ALA F 256 32.15 -0.32 26.52
N ALA F 257 33.18 -0.02 27.31
CA ALA F 257 33.19 1.19 28.12
C ALA F 257 33.23 2.41 27.21
N TYR F 258 34.11 2.36 26.19
CA TYR F 258 34.19 3.38 25.16
C TYR F 258 32.81 3.61 24.55
N LEU F 259 32.18 2.56 24.03
CA LEU F 259 30.88 2.67 23.33
C LEU F 259 29.74 3.12 24.25
N LEU F 260 29.91 2.98 25.56
CA LEU F 260 28.78 3.16 26.46
C LEU F 260 28.93 4.51 27.12
N SER F 261 30.07 5.11 26.84
CA SER F 261 30.41 6.39 27.44
C SER F 261 30.41 7.46 26.35
N ASP F 262 30.47 8.70 26.80
CA ASP F 262 30.54 9.89 25.95
C ASP F 262 31.79 9.90 25.06
N LEU F 263 32.76 9.05 25.36
CA LEU F 263 33.97 8.99 24.56
C LEU F 263 33.59 8.72 23.12
N SER F 264 32.48 8.02 22.94
CA SER F 264 32.08 7.55 21.62
C SER F 264 30.90 8.34 21.07
N SER F 265 30.73 9.55 21.58
N SER F 265 30.77 9.59 21.52
CA SER F 265 29.68 10.42 21.06
CA SER F 265 29.52 10.35 21.32
C SER F 265 29.92 10.67 19.56
C SER F 265 29.10 10.63 19.86
N GLY F 266 28.85 10.58 18.78
N GLY F 266 30.02 10.49 18.92
CA GLY F 266 28.96 10.68 17.34
CA GLY F 266 29.70 10.71 17.50
C GLY F 266 29.15 9.35 16.64
C GLY F 266 29.52 9.43 16.71
N VAL F 267 29.45 8.31 17.42
CA VAL F 267 29.58 6.99 16.89
C VAL F 267 28.26 6.26 17.09
N THR F 268 27.66 5.73 16.02
CA THR F 268 26.43 4.97 16.11
C THR F 268 26.21 4.19 14.81
N GLY F 269 25.71 2.97 14.92
CA GLY F 269 25.48 2.12 13.77
C GLY F 269 26.79 1.45 13.42
N GLU F 270 27.74 1.48 14.35
CA GLU F 270 29.08 1.00 14.08
C GLU F 270 29.24 -0.43 14.62
N ASN F 271 30.24 -1.12 14.10
CA ASN F 271 30.54 -2.49 14.48
C ASN F 271 32.04 -2.53 14.72
N ILE F 272 32.44 -2.42 15.99
CA ILE F 272 33.87 -2.47 16.31
C ILE F 272 34.37 -3.88 16.53
N HIS F 273 35.38 -4.28 15.75
CA HIS F 273 35.97 -5.61 15.83
C HIS F 273 37.01 -5.62 16.92
N VAL F 274 36.75 -6.33 18.01
CA VAL F 274 37.78 -6.57 19.01
C VAL F 274 38.38 -7.97 18.84
N ASP F 275 39.28 -8.11 17.87
CA ASP F 275 39.58 -9.45 17.41
C ASP F 275 41.01 -9.54 16.90
N SER F 276 41.90 -8.76 17.48
CA SER F 276 43.30 -8.80 17.09
C SER F 276 43.62 -8.54 15.62
N GLY F 277 42.67 -7.96 14.90
CA GLY F 277 42.86 -7.49 13.51
C GLY F 277 42.40 -8.48 12.47
N PHE F 278 41.77 -9.55 12.95
CA PHE F 278 41.53 -10.70 12.09
C PHE F 278 40.53 -10.37 10.96
N HIS F 279 39.60 -9.45 11.23
CA HIS F 279 38.58 -9.10 10.24
C HIS F 279 39.28 -8.45 9.05
N ALA F 280 40.45 -7.87 9.32
CA ALA F 280 41.04 -7.01 8.31
C ALA F 280 41.91 -7.77 7.31
N ILE F 281 42.16 -9.05 7.53
CA ILE F 281 43.01 -9.85 6.65
C ILE F 281 42.21 -10.97 5.94
N LYS F 282 42.75 -11.44 4.83
CA LYS F 282 42.33 -12.70 4.24
C LYS F 282 43.63 -13.47 3.99
N VAL G 28 40.48 5.69 30.30
CA VAL G 28 41.55 6.48 29.57
C VAL G 28 42.13 7.69 30.39
N ASN G 29 43.17 7.43 31.19
CA ASN G 29 44.12 8.46 31.65
C ASN G 29 45.55 8.24 31.11
N LEU G 30 46.14 9.24 30.45
CA LEU G 30 47.33 8.99 29.63
C LEU G 30 48.60 9.68 30.14
N GLU G 31 48.74 9.89 31.44
CA GLU G 31 50.01 10.34 31.99
C GLU G 31 51.16 9.42 31.63
N ASN G 32 52.35 10.01 31.46
CA ASN G 32 53.50 9.21 31.06
C ASN G 32 53.41 8.62 29.65
N LYS G 33 52.28 8.82 28.96
CA LYS G 33 52.18 8.64 27.50
C LYS G 33 52.72 9.82 26.66
N THR G 34 53.33 9.52 25.50
CA THR G 34 53.69 10.54 24.51
C THR G 34 53.14 10.22 23.13
N TYR G 35 52.47 11.20 22.53
CA TYR G 35 51.86 11.02 21.23
C TYR G 35 52.36 12.13 20.28
N VAL G 36 52.81 11.75 19.08
CA VAL G 36 53.10 12.68 18.01
C VAL G 36 51.82 12.97 17.20
N ILE G 37 51.43 14.24 17.13
CA ILE G 37 50.25 14.67 16.38
C ILE G 37 50.71 15.41 15.13
N MET G 38 50.34 14.89 13.96
CA MET G 38 50.79 15.42 12.66
C MET G 38 49.65 16.07 11.88
N GLY G 39 49.76 17.38 11.61
CA GLY G 39 48.84 18.05 10.71
C GLY G 39 47.89 19.08 11.33
N ILE G 40 48.31 19.72 12.41
CA ILE G 40 47.61 20.94 12.81
C ILE G 40 48.01 22.11 11.92
N ALA G 41 47.02 22.80 11.34
CA ALA G 41 47.24 24.08 10.65
C ALA G 41 46.71 25.28 11.43
N ASN G 42 45.61 25.09 12.13
CA ASN G 42 45.02 26.16 12.94
C ASN G 42 44.00 25.61 13.94
N LYS G 43 43.23 26.50 14.56
CA LYS G 43 42.37 26.10 15.67
C LYS G 43 41.24 25.20 15.18
N ARG G 44 40.91 25.28 13.90
CA ARG G 44 39.82 24.51 13.31
CA ARG G 44 39.82 24.48 13.37
C ARG G 44 40.29 23.10 12.90
N SER G 45 41.61 22.89 12.83
CA SER G 45 42.14 21.57 12.44
C SER G 45 41.57 20.40 13.25
N ILE G 46 41.32 19.28 12.58
CA ILE G 46 40.91 18.08 13.32
C ILE G 46 42.02 17.69 14.30
N ALA G 47 43.28 17.75 13.86
CA ALA G 47 44.34 17.28 14.75
C ALA G 47 44.40 18.15 16.01
N PHE G 48 43.80 19.35 15.96
CA PHE G 48 43.72 20.17 17.18
C PHE G 48 42.66 19.69 18.17
N GLY G 49 41.55 19.14 17.65
CA GLY G 49 40.63 18.34 18.44
C GLY G 49 41.34 17.20 19.17
N VAL G 50 42.08 16.39 18.42
CA VAL G 50 42.81 15.28 18.99
C VAL G 50 43.68 15.78 20.14
N ALA G 51 44.47 16.82 19.86
CA ALA G 51 45.36 17.43 20.85
C ALA G 51 44.69 17.88 22.16
N LYS G 52 43.63 18.69 22.07
CA LYS G 52 42.87 19.14 23.24
C LYS G 52 42.43 17.98 24.12
N VAL G 53 41.99 16.90 23.50
CA VAL G 53 41.52 15.71 24.22
C VAL G 53 42.67 14.96 24.86
N LEU G 54 43.70 14.58 24.09
CA LEU G 54 44.88 13.95 24.68
C LEU G 54 45.53 14.82 25.75
N ASP G 55 45.56 16.13 25.53
CA ASP G 55 46.25 17.03 26.45
C ASP G 55 45.46 17.05 27.74
N GLN G 56 44.14 17.17 27.63
CA GLN G 56 43.21 17.09 28.74
C GLN G 56 43.39 15.80 29.56
N LEU G 57 43.83 14.73 28.91
CA LEU G 57 43.98 13.43 29.57
C LEU G 57 45.38 13.15 30.12
N GLY G 58 46.26 14.16 30.16
CA GLY G 58 47.58 14.01 30.77
C GLY G 58 48.72 13.69 29.81
N ALA G 59 48.40 13.43 28.54
CA ALA G 59 49.42 13.06 27.54
C ALA G 59 50.48 14.13 27.28
N LYS G 60 51.71 13.71 27.01
CA LYS G 60 52.72 14.62 26.50
C LYS G 60 52.64 14.59 24.99
N LEU G 61 52.74 15.76 24.36
CA LEU G 61 52.48 15.87 22.91
C LEU G 61 53.62 16.55 22.17
N VAL G 62 53.89 16.01 20.98
CA VAL G 62 54.90 16.51 20.04
C VAL G 62 54.07 16.79 18.80
N PHE G 63 54.45 17.84 18.07
CA PHE G 63 53.64 18.37 16.99
C PHE G 63 54.50 18.51 15.76
N THR G 64 54.06 17.96 14.63
CA THR G 64 54.75 18.24 13.37
C THR G 64 53.88 19.08 12.41
N TYR G 65 54.52 19.93 11.60
CA TYR G 65 53.80 20.90 10.76
C TYR G 65 54.53 21.02 9.42
N ARG G 66 53.86 21.52 8.39
CA ARG G 66 54.58 21.82 7.15
C ARG G 66 54.92 23.31 6.95
N LYS G 67 53.93 24.20 6.93
CA LYS G 67 54.12 25.62 6.62
C LYS G 67 54.50 26.43 7.86
N GLU G 68 55.24 27.51 7.67
CA GLU G 68 55.67 28.26 8.82
CA GLU G 68 55.67 28.40 8.74
C GLU G 68 54.45 28.82 9.53
N ARG G 69 53.40 29.13 8.78
CA ARG G 69 52.14 29.61 9.32
C ARG G 69 51.59 28.62 10.37
N SER G 70 51.75 27.34 10.10
CA SER G 70 51.16 26.31 10.94
C SER G 70 51.92 26.27 12.25
N ARG G 71 53.25 26.37 12.19
CA ARG G 71 54.03 26.42 13.42
C ARG G 71 53.57 27.61 14.24
N LYS G 72 53.40 28.75 13.58
CA LYS G 72 52.93 29.95 14.26
C LYS G 72 51.54 29.76 14.89
N GLU G 73 50.64 29.08 14.18
CA GLU G 73 49.36 28.75 14.78
C GLU G 73 49.58 27.89 16.02
N LEU G 74 50.48 26.92 15.87
CA LEU G 74 50.79 25.97 16.95
C LEU G 74 51.32 26.68 18.18
N GLU G 75 52.23 27.62 17.97
CA GLU G 75 52.79 28.38 19.07
C GLU G 75 51.69 29.11 19.83
N LYS G 76 50.74 29.67 19.11
CA LYS G 76 49.62 30.38 19.72
C LYS G 76 48.67 29.41 20.43
N LEU G 77 48.37 28.27 19.79
CA LEU G 77 47.43 27.28 20.32
C LEU G 77 47.95 26.55 21.57
N LEU G 78 49.25 26.35 21.64
CA LEU G 78 49.92 25.78 22.82
C LEU G 78 49.68 26.47 24.17
N GLU G 79 49.16 27.69 24.16
CA GLU G 79 48.91 28.38 25.43
C GLU G 79 47.58 27.98 26.04
N GLN G 80 46.69 27.42 25.21
CA GLN G 80 45.45 26.77 25.67
C GLN G 80 45.59 25.35 26.22
N LEU G 81 46.74 24.74 25.93
CA LEU G 81 47.08 23.38 26.33
C LEU G 81 47.84 23.34 27.66
N ASN G 82 47.99 22.15 28.24
CA ASN G 82 48.70 22.00 29.50
C ASN G 82 50.17 21.65 29.28
N GLN G 83 50.55 21.41 28.04
CA GLN G 83 51.92 21.04 27.72
C GLN G 83 52.87 22.08 28.24
N PRO G 84 53.85 21.66 29.06
CA PRO G 84 54.76 22.64 29.64
C PRO G 84 55.92 22.99 28.69
N GLU G 85 56.09 22.23 27.62
CA GLU G 85 56.96 22.69 26.55
C GLU G 85 56.46 22.42 25.13
N ALA G 86 56.85 23.31 24.22
CA ALA G 86 56.56 23.18 22.81
C ALA G 86 57.58 22.22 22.20
N HIS G 87 57.09 21.11 21.67
CA HIS G 87 57.93 20.27 20.83
C HIS G 87 57.37 20.32 19.40
N LEU G 88 57.94 21.15 18.54
CA LEU G 88 57.40 21.32 17.18
C LEU G 88 58.44 21.02 16.12
N TYR G 89 58.02 20.28 15.09
CA TYR G 89 58.96 19.81 14.08
C TYR G 89 58.39 19.99 12.67
N GLN G 90 59.21 20.53 11.79
CA GLN G 90 58.75 20.83 10.45
C GLN G 90 58.97 19.50 9.76
N ILE G 91 57.91 18.87 9.26
CA ILE G 91 58.06 17.67 8.48
C ILE G 91 57.10 17.82 7.32
N ASP G 92 57.67 18.04 6.14
CA ASP G 92 56.93 17.87 4.91
C ASP G 92 57.07 16.41 4.49
N VAL G 93 55.96 15.68 4.64
CA VAL G 93 55.91 14.24 4.34
C VAL G 93 56.15 13.89 2.86
N GLN G 94 56.29 14.90 2.02
CA GLN G 94 56.76 14.67 0.67
C GLN G 94 58.27 14.36 0.62
N SER G 95 58.99 14.70 1.68
CA SER G 95 60.42 14.44 1.70
C SER G 95 60.75 13.30 2.67
N ASP G 96 61.26 12.21 2.11
CA ASP G 96 61.78 11.09 2.90
C ASP G 96 62.74 11.54 4.00
N GLU G 97 63.65 12.43 3.64
CA GLU G 97 64.64 12.86 4.61
CA GLU G 97 64.66 13.00 4.54
C GLU G 97 63.99 13.66 5.74
N GLU G 98 62.89 14.34 5.48
CA GLU G 98 62.39 15.22 6.51
C GLU G 98 61.64 14.39 7.55
N VAL G 99 60.98 13.34 7.07
CA VAL G 99 60.31 12.37 7.93
C VAL G 99 61.33 11.57 8.76
N ILE G 100 62.32 11.04 8.05
CA ILE G 100 63.44 10.34 8.68
C ILE G 100 64.18 11.17 9.76
N ASN G 101 64.66 12.36 9.39
CA ASN G 101 65.37 13.21 10.33
C ASN G 101 64.43 13.79 11.37
N GLY G 102 63.17 13.96 11.00
CA GLY G 102 62.14 14.43 11.91
C GLY G 102 61.88 13.50 13.08
N PHE G 103 61.59 12.23 12.78
CA PHE G 103 61.28 11.29 13.85
C PHE G 103 62.54 10.92 14.61
N GLU G 104 63.66 10.87 13.91
CA GLU G 104 64.95 10.65 14.57
C GLU G 104 65.20 11.72 15.65
N GLN G 105 64.93 12.97 15.30
CA GLN G 105 65.08 14.07 16.21
C GLN G 105 64.01 14.04 17.31
N ILE G 106 62.79 13.62 16.97
CA ILE G 106 61.74 13.51 17.97
C ILE G 106 62.25 12.56 19.06
N GLY G 107 62.89 11.49 18.60
CA GLY G 107 63.39 10.42 19.47
C GLY G 107 64.52 10.83 20.40
N LYS G 108 65.42 11.68 19.92
CA LYS G 108 66.46 12.25 20.77
C LYS G 108 65.93 13.29 21.77
N ASP G 109 64.80 13.91 21.47
CA ASP G 109 64.28 15.00 22.30
C ASP G 109 63.31 14.53 23.39
N VAL G 110 62.44 13.56 23.07
CA VAL G 110 61.49 13.01 24.05
C VAL G 110 61.62 11.51 24.35
N GLY G 111 62.58 10.84 23.71
CA GLY G 111 62.65 9.38 23.83
C GLY G 111 61.52 8.67 23.13
N ASN G 112 61.08 7.55 23.70
CA ASN G 112 60.12 6.65 23.04
C ASN G 112 58.68 7.16 23.06
N ILE G 113 57.96 6.94 21.97
CA ILE G 113 56.61 7.46 21.92
C ILE G 113 55.63 6.32 22.02
N ASP G 114 54.38 6.68 22.32
CA ASP G 114 53.31 5.71 22.48
C ASP G 114 52.39 5.67 21.27
N GLY G 115 52.54 6.61 20.35
CA GLY G 115 51.75 6.55 19.16
C GLY G 115 51.76 7.83 18.37
N VAL G 116 51.11 7.76 17.22
CA VAL G 116 51.10 8.84 16.23
C VAL G 116 49.67 9.14 15.79
N TYR G 117 49.28 10.40 15.77
CA TYR G 117 47.99 10.70 15.17
C TYR G 117 48.24 11.38 13.83
N HIS G 118 47.88 10.75 12.72
CA HIS G 118 48.19 11.30 11.39
C HIS G 118 46.94 11.95 10.79
N SER G 119 47.06 13.26 10.55
CA SER G 119 45.94 14.15 10.17
C SER G 119 46.35 14.99 8.95
N ILE G 120 46.76 14.30 7.88
CA ILE G 120 47.48 14.90 6.77
C ILE G 120 46.87 14.42 5.45
N ALA G 121 46.42 15.37 4.66
CA ALA G 121 46.05 15.09 3.28
C ALA G 121 46.24 16.33 2.41
N PHE G 122 46.40 16.12 1.10
CA PHE G 122 46.40 17.24 0.19
C PHE G 122 45.99 16.84 -1.23
N ALA G 123 45.29 17.74 -1.91
CA ALA G 123 44.95 17.53 -3.31
C ALA G 123 44.81 18.95 -3.86
N ASN G 124 45.12 19.15 -5.13
CA ASN G 124 44.81 20.43 -5.76
C ASN G 124 43.33 20.70 -5.85
N MET G 125 42.99 21.99 -5.81
CA MET G 125 41.61 22.41 -5.97
C MET G 125 40.98 22.04 -7.30
N GLU G 126 41.74 22.10 -8.39
CA GLU G 126 41.18 21.67 -9.67
C GLU G 126 40.51 20.29 -9.53
N ASP G 127 40.94 19.52 -8.53
CA ASP G 127 40.60 18.11 -8.47
C ASP G 127 39.58 17.81 -7.39
N LEU G 128 38.85 18.81 -6.89
CA LEU G 128 37.94 18.58 -5.77
C LEU G 128 36.54 19.08 -6.15
N ARG G 129 36.32 18.99 -7.46
CA ARG G 129 35.13 19.51 -8.10
C ARG G 129 35.15 19.06 -9.56
N GLY G 130 34.06 19.30 -10.28
CA GLY G 130 33.93 18.84 -11.66
C GLY G 130 34.13 17.34 -11.82
N ARG G 131 34.82 16.98 -12.91
CA ARG G 131 34.77 15.60 -13.44
C ARG G 131 36.01 14.84 -13.05
N PHE G 132 35.83 13.76 -12.29
CA PHE G 132 36.94 12.95 -11.80
C PHE G 132 37.75 12.39 -12.98
N SER G 133 37.08 12.08 -14.08
CA SER G 133 37.74 11.43 -15.21
C SER G 133 38.81 12.34 -15.83
N GLU G 134 38.79 13.61 -15.41
CA GLU G 134 39.66 14.61 -16.01
C GLU G 134 40.86 14.84 -15.10
N THR G 135 40.98 14.06 -14.03
CA THR G 135 42.13 14.20 -13.14
C THR G 135 43.49 13.98 -13.85
N SER G 136 44.42 14.91 -13.65
CA SER G 136 45.74 14.77 -14.26
C SER G 136 46.54 13.71 -13.49
N ARG G 137 47.48 13.06 -14.18
CA ARG G 137 48.38 12.17 -13.49
C ARG G 137 49.02 12.86 -12.26
N GLU G 138 49.55 14.05 -12.49
CA GLU G 138 50.39 14.69 -11.49
C GLU G 138 49.50 15.01 -10.28
N GLY G 139 48.25 15.38 -10.54
CA GLY G 139 47.30 15.66 -9.47
C GLY G 139 46.96 14.42 -8.67
N PHE G 140 46.77 13.30 -9.37
CA PHE G 140 46.51 11.98 -8.78
C PHE G 140 47.66 11.47 -7.94
N LEU G 141 48.87 11.44 -8.49
CA LEU G 141 50.02 10.96 -7.70
C LEU G 141 50.32 11.83 -6.45
N LEU G 142 49.95 13.11 -6.53
CA LEU G 142 50.24 14.08 -5.49
C LEU G 142 49.33 13.82 -4.29
N ALA G 143 48.07 13.49 -4.59
CA ALA G 143 47.09 13.21 -3.54
C ALA G 143 47.47 11.92 -2.84
N GLN G 144 47.98 10.97 -3.64
CA GLN G 144 48.42 9.66 -3.15
C GLN G 144 49.67 9.84 -2.30
N ASP G 145 50.66 10.51 -2.88
CA ASP G 145 51.90 10.78 -2.16
C ASP G 145 51.62 11.38 -0.78
N ILE G 146 50.77 12.40 -0.67
CA ILE G 146 50.72 13.13 0.59
C ILE G 146 49.69 12.47 1.52
N SER G 147 48.64 11.97 0.90
CA SER G 147 47.47 11.53 1.67
C SER G 147 47.52 10.08 2.10
N SER G 148 48.42 9.29 1.52
CA SER G 148 48.44 7.85 1.77
C SER G 148 49.84 7.38 2.07
N TYR G 149 50.75 7.59 1.13
CA TYR G 149 52.08 7.02 1.30
C TYR G 149 52.75 7.61 2.53
N SER G 150 52.50 8.87 2.82
CA SER G 150 53.09 9.48 4.02
C SER G 150 52.87 8.64 5.28
N LEU G 151 51.73 7.96 5.40
CA LEU G 151 51.46 7.08 6.55
C LEU G 151 52.40 5.89 6.64
N THR G 152 52.69 5.27 5.49
CA THR G 152 53.64 4.16 5.44
C THR G 152 54.99 4.54 6.00
N ILE G 153 55.54 5.65 5.49
CA ILE G 153 56.89 6.07 5.88
C ILE G 153 56.87 6.65 7.31
N VAL G 154 55.80 7.32 7.70
CA VAL G 154 55.67 7.74 9.10
C VAL G 154 55.71 6.52 10.02
N ALA G 155 54.95 5.49 9.67
CA ALA G 155 54.86 4.29 10.48
C ALA G 155 56.21 3.61 10.62
N HIS G 156 56.89 3.44 9.47
CA HIS G 156 58.24 2.88 9.41
C HIS G 156 59.19 3.63 10.33
N GLU G 157 59.18 4.95 10.29
CA GLU G 157 60.07 5.72 11.19
C GLU G 157 59.50 5.81 12.59
N ALA G 158 58.19 5.94 12.77
CA ALA G 158 57.64 5.97 14.13
C ALA G 158 57.91 4.66 14.89
N LYS G 159 57.89 3.54 14.16
CA LYS G 159 58.15 2.23 14.76
C LYS G 159 59.48 2.18 15.51
N LYS G 160 60.47 2.94 15.07
CA LYS G 160 61.79 2.95 15.73
C LYS G 160 61.73 3.50 17.15
N LEU G 161 60.66 4.22 17.48
CA LEU G 161 60.48 4.88 18.76
C LEU G 161 59.45 4.15 19.59
N MET G 162 59.12 2.96 19.15
CA MET G 162 58.07 2.19 19.79
C MET G 162 58.49 0.73 20.04
N PRO G 163 59.71 0.52 20.61
CA PRO G 163 60.23 -0.83 20.80
C PRO G 163 59.27 -1.75 21.56
N GLU G 164 58.40 -1.12 22.34
CA GLU G 164 57.46 -1.80 23.21
C GLU G 164 56.07 -1.97 22.62
N GLY G 165 55.86 -1.47 21.41
CA GLY G 165 54.50 -1.36 20.86
C GLY G 165 53.87 0.03 20.97
N GLY G 166 52.78 0.23 20.23
CA GLY G 166 52.02 1.47 20.30
C GLY G 166 50.79 1.50 19.43
N SER G 167 50.39 2.73 19.05
CA SER G 167 49.16 2.92 18.29
C SER G 167 49.29 4.06 17.27
N ILE G 168 48.88 3.83 16.03
CA ILE G 168 48.96 4.81 14.98
C ILE G 168 47.57 4.99 14.42
N VAL G 169 47.10 6.23 14.31
CA VAL G 169 45.73 6.48 13.86
C VAL G 169 45.79 7.49 12.72
N ALA G 170 45.13 7.19 11.61
CA ALA G 170 45.08 8.09 10.46
C ALA G 170 43.63 8.58 10.25
N THR G 171 43.47 9.68 9.52
CA THR G 171 42.15 10.28 9.44
C THR G 171 41.56 10.09 8.04
N THR G 172 40.41 9.46 7.97
CA THR G 172 39.87 9.30 6.64
C THR G 172 38.45 9.84 6.50
N TYR G 173 37.86 9.60 5.34
CA TYR G 173 36.52 10.11 5.05
C TYR G 173 35.79 9.05 4.20
N LEU G 174 34.51 8.92 4.51
CA LEU G 174 33.56 8.03 3.87
C LEU G 174 33.73 7.94 2.35
N GLY G 175 34.26 8.98 1.75
CA GLY G 175 34.41 9.03 0.28
C GLY G 175 35.53 8.11 -0.16
N GLY G 176 36.35 7.65 0.79
CA GLY G 176 37.20 6.46 0.63
C GLY G 176 36.47 5.15 0.40
N GLU G 177 35.24 5.04 0.89
CA GLU G 177 34.52 3.77 0.74
C GLU G 177 33.41 3.85 -0.29
N PHE G 178 32.84 5.03 -0.49
CA PHE G 178 31.83 5.26 -1.53
C PHE G 178 32.20 6.46 -2.39
N ALA G 179 31.72 6.48 -3.62
CA ALA G 179 31.95 7.58 -4.53
C ALA G 179 31.04 8.73 -4.14
N VAL G 180 31.61 9.73 -3.45
CA VAL G 180 30.92 10.97 -3.09
C VAL G 180 31.22 12.06 -4.14
N GLN G 181 30.17 12.69 -4.70
CA GLN G 181 30.34 13.75 -5.70
C GLN G 181 31.37 14.83 -5.26
N ASN G 182 32.28 15.23 -6.17
CA ASN G 182 33.32 16.25 -5.89
C ASN G 182 34.55 15.80 -5.10
N TYR G 183 34.44 14.83 -4.20
CA TYR G 183 35.60 14.44 -3.41
C TYR G 183 36.67 13.78 -4.30
N ASN G 184 36.21 13.26 -5.42
CA ASN G 184 37.07 12.90 -6.56
C ASN G 184 38.44 12.32 -6.22
N VAL G 185 39.54 12.98 -6.57
CA VAL G 185 40.87 12.41 -6.36
C VAL G 185 41.13 12.14 -4.86
N MET G 186 40.49 12.86 -3.94
CA MET G 186 40.74 12.55 -2.51
C MET G 186 40.08 11.23 -2.04
N GLY G 187 38.90 10.92 -2.60
CA GLY G 187 38.30 9.60 -2.42
C GLY G 187 39.20 8.41 -2.77
N VAL G 188 39.94 8.50 -3.88
CA VAL G 188 40.82 7.43 -4.28
C VAL G 188 42.04 7.48 -3.38
N ALA G 189 42.54 8.66 -3.07
CA ALA G 189 43.57 8.68 -2.06
C ALA G 189 43.11 8.13 -0.70
N LYS G 190 41.85 8.32 -0.30
CA LYS G 190 41.44 7.80 1.03
C LYS G 190 41.22 6.29 1.03
N ALA G 191 40.85 5.76 -0.14
CA ALA G 191 40.76 4.31 -0.32
C ALA G 191 42.14 3.66 -0.19
N SER G 192 43.10 4.22 -0.90
CA SER G 192 44.51 3.86 -0.73
C SER G 192 44.86 3.96 0.74
N LEU G 193 44.44 5.02 1.43
CA LEU G 193 44.83 5.17 2.85
C LEU G 193 44.23 4.07 3.72
N GLU G 194 42.96 3.77 3.50
CA GLU G 194 42.32 2.76 4.33
C GLU G 194 42.99 1.40 4.14
N ALA G 195 43.46 1.10 2.93
CA ALA G 195 44.07 -0.19 2.65
C ALA G 195 45.44 -0.16 3.31
N ASN G 196 46.09 0.99 3.26
CA ASN G 196 47.39 1.26 3.88
C ASN G 196 47.35 0.96 5.37
N VAL G 197 46.29 1.40 6.03
CA VAL G 197 46.05 1.05 7.42
C VAL G 197 45.99 -0.47 7.67
N LYS G 198 45.28 -1.20 6.82
CA LYS G 198 45.12 -2.65 7.00
C LYS G 198 46.47 -3.34 6.81
N TYR G 199 47.16 -2.99 5.73
CA TYR G 199 48.47 -3.59 5.49
C TYR G 199 49.49 -3.23 6.56
N LEU G 200 49.45 -2.00 7.07
CA LEU G 200 50.30 -1.65 8.22
C LEU G 200 49.94 -2.44 9.49
N ALA G 201 48.64 -2.66 9.70
CA ALA G 201 48.11 -3.44 10.84
C ALA G 201 48.67 -4.86 10.84
N LEU G 202 48.59 -5.51 9.68
CA LEU G 202 49.17 -6.83 9.47
C LEU G 202 50.68 -6.85 9.74
N ASP G 203 51.39 -5.90 9.18
CA ASP G 203 52.84 -5.99 9.20
C ASP G 203 53.38 -5.60 10.59
N LEU G 204 52.72 -4.68 11.28
CA LEU G 204 53.31 -4.20 12.51
C LEU G 204 52.66 -4.76 13.76
N GLY G 205 51.48 -5.36 13.62
CA GLY G 205 50.92 -6.25 14.66
C GLY G 205 51.84 -7.12 15.50
N PRO G 206 52.75 -7.89 14.87
CA PRO G 206 53.64 -8.73 15.69
C PRO G 206 54.56 -7.90 16.57
N ASP G 207 54.76 -6.63 16.23
CA ASP G 207 55.56 -5.74 17.08
C ASP G 207 54.66 -5.05 18.06
N ASN G 208 53.38 -5.46 18.06
CA ASN G 208 52.44 -4.87 18.99
C ASN G 208 52.15 -3.38 18.71
N ILE G 209 52.23 -2.97 17.45
CA ILE G 209 51.82 -1.63 17.06
C ILE G 209 50.46 -1.72 16.37
N ARG G 210 49.42 -1.12 16.96
CA ARG G 210 48.07 -1.18 16.37
C ARG G 210 47.90 -0.03 15.37
N VAL G 211 47.14 -0.27 14.31
CA VAL G 211 47.05 0.72 13.25
C VAL G 211 45.59 0.80 12.83
N ASN G 212 45.05 2.01 12.81
CA ASN G 212 43.62 2.18 12.69
C ASN G 212 43.29 3.50 12.02
N ALA G 213 42.01 3.67 11.67
CA ALA G 213 41.50 4.90 11.09
C ALA G 213 40.25 5.41 11.80
N ILE G 214 40.14 6.73 11.94
CA ILE G 214 38.87 7.38 12.21
C ILE G 214 38.37 7.98 10.91
N SER G 215 37.11 7.72 10.59
CA SER G 215 36.46 8.23 9.39
C SER G 215 35.55 9.35 9.87
N ALA G 216 36.00 10.60 9.75
CA ALA G 216 35.32 11.68 10.41
C ALA G 216 34.23 12.19 9.47
N GLY G 217 33.12 12.64 10.05
CA GLY G 217 32.08 13.35 9.32
C GLY G 217 32.60 14.69 8.84
N PRO G 218 31.83 15.43 8.02
CA PRO G 218 32.34 16.74 7.57
C PRO G 218 32.39 17.79 8.69
N ILE G 219 33.51 18.51 8.77
CA ILE G 219 33.81 19.47 9.82
C ILE G 219 34.43 20.69 9.12
N ARG G 220 33.95 21.90 9.42
CA ARG G 220 34.48 23.10 8.76
C ARG G 220 35.95 23.26 9.10
N THR G 221 36.84 22.89 8.19
CA THR G 221 38.26 23.19 8.38
C THR G 221 38.81 24.00 7.22
N LEU G 222 40.03 24.50 7.37
CA LEU G 222 40.67 25.23 6.30
C LEU G 222 40.71 24.44 4.99
N SER G 223 41.04 23.16 5.06
CA SER G 223 41.07 22.36 3.87
C SER G 223 39.68 22.06 3.28
N ALA G 224 38.67 21.98 4.16
CA ALA G 224 37.27 21.80 3.79
C ALA G 224 36.81 22.91 2.87
N LYS G 225 37.35 24.09 3.13
CA LYS G 225 37.06 25.28 2.33
C LYS G 225 37.39 25.05 0.87
N GLY G 226 38.31 24.16 0.56
CA GLY G 226 38.56 23.92 -0.86
C GLY G 226 37.85 22.76 -1.53
N VAL G 227 36.89 22.11 -0.86
CA VAL G 227 36.18 20.96 -1.42
C VAL G 227 34.81 21.34 -2.02
N GLY G 228 34.59 21.09 -3.30
CA GLY G 228 33.32 21.42 -3.95
C GLY G 228 32.12 20.80 -3.22
N GLY G 229 31.09 21.58 -2.94
CA GLY G 229 29.85 21.05 -2.42
C GLY G 229 29.97 20.69 -0.95
N PHE G 230 31.00 21.15 -0.28
CA PHE G 230 31.14 20.86 1.15
C PHE G 230 29.93 21.31 1.99
N ASN G 231 29.35 22.49 1.74
CA ASN G 231 28.22 22.95 2.57
C ASN G 231 26.92 22.17 2.39
N THR G 232 26.60 21.75 1.18
CA THR G 232 25.37 21.02 0.95
C THR G 232 25.41 19.63 1.63
N ILE G 233 26.61 19.08 1.78
CA ILE G 233 26.87 17.84 2.51
C ILE G 233 26.77 18.07 4.04
N LEU G 234 27.32 19.16 4.56
CA LEU G 234 27.08 19.50 5.97
C LEU G 234 25.59 19.50 6.32
N LYS G 235 24.80 20.15 5.47
CA LYS G 235 23.37 20.24 5.72
C LYS G 235 22.71 18.87 5.56
N GLU G 236 23.18 18.05 4.62
CA GLU G 236 22.62 16.71 4.42
C GLU G 236 22.79 15.82 5.63
N ILE G 237 23.93 15.88 6.31
CA ILE G 237 24.19 15.10 7.51
C ILE G 237 23.13 15.41 8.56
N GLU G 238 22.84 16.70 8.77
CA GLU G 238 21.89 17.12 9.77
C GLU G 238 20.50 16.56 9.48
N GLU G 239 20.17 16.50 8.21
CA GLU G 239 18.82 16.14 7.84
C GLU G 239 18.62 14.62 7.88
N ARG G 240 19.69 13.86 7.61
CA ARG G 240 19.55 12.45 7.28
C ARG G 240 20.31 11.52 8.24
N ALA G 241 21.50 11.91 8.68
CA ALA G 241 22.27 11.08 9.61
C ALA G 241 21.46 10.81 10.90
N PRO G 242 21.68 9.61 11.46
CA PRO G 242 20.91 9.15 12.59
C PRO G 242 20.87 10.13 13.75
N LEU G 243 22.01 10.74 14.10
CA LEU G 243 21.96 11.67 15.22
C LEU G 243 21.41 13.02 14.77
N LYS G 244 21.15 13.19 13.48
CA LYS G 244 20.63 14.46 13.00
C LYS G 244 21.46 15.68 13.43
N ARG G 245 22.78 15.57 13.37
CA ARG G 245 23.66 16.66 13.74
C ARG G 245 25.04 16.34 13.16
N ASN G 246 25.86 17.37 12.94
CA ASN G 246 27.22 17.19 12.48
C ASN G 246 28.14 16.89 13.67
N VAL G 247 29.36 16.42 13.40
CA VAL G 247 30.27 16.05 14.47
C VAL G 247 31.29 17.17 14.63
N ASP G 248 32.08 17.14 15.70
CA ASP G 248 33.19 18.08 15.72
C ASP G 248 34.52 17.41 15.96
N GLN G 249 35.54 18.26 15.89
CA GLN G 249 36.92 17.90 16.08
C GLN G 249 37.14 17.18 17.40
N VAL G 250 36.54 17.69 18.48
CA VAL G 250 36.62 17.07 19.82
C VAL G 250 36.10 15.61 19.88
N GLU G 251 34.98 15.35 19.18
CA GLU G 251 34.45 14.02 18.99
C GLU G 251 35.43 13.15 18.23
N VAL G 252 36.20 13.71 17.31
CA VAL G 252 37.26 12.91 16.70
C VAL G 252 38.36 12.68 17.72
N GLY G 253 38.69 13.70 18.48
CA GLY G 253 39.68 13.55 19.55
C GLY G 253 39.34 12.47 20.59
N LYS G 254 38.13 12.53 21.16
CA LYS G 254 37.62 11.45 22.03
C LYS G 254 37.74 10.01 21.48
N THR G 255 37.37 9.74 20.23
CA THR G 255 37.65 8.44 19.65
C THR G 255 39.15 8.18 19.42
N ALA G 256 39.89 9.22 19.05
CA ALA G 256 41.34 9.12 18.93
C ALA G 256 41.99 8.64 20.23
N ALA G 257 41.53 9.16 21.36
CA ALA G 257 42.04 8.78 22.68
C ALA G 257 41.75 7.32 23.00
N TYR G 258 40.56 6.86 22.65
CA TYR G 258 40.24 5.45 22.72
C TYR G 258 41.26 4.65 21.91
N LEU G 259 41.39 4.99 20.62
CA LEU G 259 42.24 4.21 19.71
C LEU G 259 43.72 4.28 20.11
N LEU G 260 44.10 5.37 20.78
CA LEU G 260 45.50 5.55 21.11
C LEU G 260 45.82 4.98 22.48
N SER G 261 44.80 4.65 23.25
CA SER G 261 45.03 4.19 24.60
C SER G 261 44.89 2.66 24.74
N ASP G 262 45.13 2.17 25.95
CA ASP G 262 44.92 0.75 26.25
C ASP G 262 43.47 0.29 26.05
N LEU G 263 42.53 1.23 25.97
CA LEU G 263 41.13 0.85 25.91
C LEU G 263 40.86 0.06 24.63
N SER G 264 41.68 0.25 23.60
CA SER G 264 41.45 -0.44 22.35
C SER G 264 42.50 -1.47 22.06
N SER G 265 43.10 -2.06 23.10
N SER G 265 43.04 -2.13 23.09
CA SER G 265 43.88 -3.28 22.89
CA SER G 265 44.21 -3.02 22.95
C SER G 265 42.93 -4.32 22.30
C SER G 265 43.99 -4.18 21.98
N GLY G 266 43.43 -5.08 21.33
N GLY G 266 42.73 -4.56 21.76
CA GLY G 266 42.58 -5.97 20.57
CA GLY G 266 42.38 -5.70 20.90
C GLY G 266 42.01 -5.37 19.30
C GLY G 266 41.97 -5.34 19.49
N VAL G 267 42.03 -4.04 19.20
CA VAL G 267 41.51 -3.40 18.00
C VAL G 267 42.65 -2.99 17.06
N THR G 268 42.74 -3.57 15.87
CA THR G 268 43.70 -3.03 14.93
C THR G 268 43.18 -3.29 13.51
N GLY G 269 43.52 -2.43 12.55
CA GLY G 269 43.12 -2.63 11.17
C GLY G 269 41.69 -2.14 10.99
N GLU G 270 41.18 -1.38 11.97
CA GLU G 270 39.78 -1.00 12.05
C GLU G 270 39.51 0.45 11.59
N ASN G 271 38.26 0.73 11.21
CA ASN G 271 37.85 2.05 10.74
C ASN G 271 36.63 2.55 11.53
N ILE G 272 36.83 3.44 12.51
CA ILE G 272 35.71 3.90 13.34
C ILE G 272 35.11 5.18 12.72
N HIS G 273 33.88 5.11 12.24
CA HIS G 273 33.16 6.27 11.74
C HIS G 273 32.66 7.14 12.88
N VAL G 274 33.24 8.33 13.01
CA VAL G 274 32.72 9.32 13.94
C VAL G 274 31.89 10.34 13.15
N ASP G 275 30.66 9.98 12.80
CA ASP G 275 29.97 10.68 11.74
C ASP G 275 28.45 10.69 11.95
N SER G 276 28.02 10.57 13.20
CA SER G 276 26.60 10.64 13.50
C SER G 276 25.77 9.52 12.86
N GLY G 277 26.47 8.45 12.48
CA GLY G 277 25.82 7.27 11.95
C GLY G 277 25.58 7.31 10.46
N PHE G 278 26.05 8.36 9.78
CA PHE G 278 25.79 8.53 8.35
C PHE G 278 26.25 7.34 7.50
N HIS G 279 27.40 6.77 7.83
CA HIS G 279 27.95 5.67 7.05
C HIS G 279 27.00 4.49 7.08
N ALA G 280 26.18 4.35 8.12
CA ALA G 280 25.29 3.17 8.23
C ALA G 280 23.98 3.24 7.44
N ILE G 281 23.65 4.39 6.87
CA ILE G 281 22.38 4.59 6.18
C ILE G 281 22.57 4.78 4.67
N LYS G 282 21.48 4.66 3.95
CA LYS G 282 21.48 4.88 2.51
C LYS G 282 20.05 5.33 2.14
N ASN H 29 25.93 -12.53 -27.38
CA ASN H 29 26.36 -12.30 -28.79
C ASN H 29 26.95 -10.91 -29.04
N LEU H 30 28.25 -10.85 -29.29
CA LEU H 30 28.93 -9.57 -29.32
C LEU H 30 29.36 -9.13 -30.73
N GLU H 31 28.63 -9.59 -31.75
CA GLU H 31 28.91 -9.25 -33.13
C GLU H 31 28.68 -7.75 -33.32
N ASN H 32 29.57 -7.08 -34.03
CA ASN H 32 29.41 -5.65 -34.20
C ASN H 32 29.70 -4.81 -32.97
N LYS H 33 29.99 -5.42 -31.83
CA LYS H 33 30.69 -4.70 -30.77
C LYS H 33 32.17 -4.65 -31.10
N THR H 34 32.86 -3.68 -30.53
CA THR H 34 34.31 -3.60 -30.66
C THR H 34 34.91 -3.25 -29.30
N TYR H 35 35.89 -4.04 -28.87
CA TYR H 35 36.50 -3.85 -27.56
C TYR H 35 38.01 -3.75 -27.67
N VAL H 36 38.55 -2.90 -26.80
CA VAL H 36 39.99 -2.75 -26.65
C VAL H 36 40.42 -3.53 -25.41
N ILE H 37 41.39 -4.41 -25.61
CA ILE H 37 41.84 -5.28 -24.55
C ILE H 37 43.27 -4.85 -24.24
N MET H 38 43.45 -4.30 -23.05
CA MET H 38 44.79 -3.86 -22.67
C MET H 38 45.44 -4.86 -21.70
N GLY H 39 46.66 -5.30 -22.01
CA GLY H 39 47.49 -6.04 -21.04
C GLY H 39 47.71 -7.53 -21.23
N ILE H 40 47.57 -8.02 -22.46
CA ILE H 40 48.11 -9.31 -22.88
C ILE H 40 49.63 -9.32 -22.99
N ALA H 41 50.27 -10.20 -22.23
CA ALA H 41 51.71 -10.47 -22.35
C ALA H 41 52.01 -11.81 -23.02
N ASN H 42 51.21 -12.83 -22.71
CA ASN H 42 51.42 -14.19 -23.20
C ASN H 42 50.12 -14.98 -23.16
N LYS H 43 50.19 -16.25 -23.54
CA LYS H 43 48.99 -17.10 -23.52
C LYS H 43 48.37 -17.22 -22.11
N ARG H 44 49.11 -16.86 -21.07
CA ARG H 44 48.61 -17.05 -19.73
C ARG H 44 47.97 -15.81 -19.13
N SER H 45 48.16 -14.68 -19.80
CA SER H 45 47.58 -13.42 -19.35
C SER H 45 46.08 -13.56 -19.11
N ILE H 46 45.61 -13.03 -17.99
CA ILE H 46 44.17 -13.02 -17.76
C ILE H 46 43.47 -12.38 -18.97
N ALA H 47 44.05 -11.30 -19.50
CA ALA H 47 43.44 -10.57 -20.60
C ALA H 47 43.25 -11.43 -21.85
N PHE H 48 44.09 -12.44 -22.03
CA PHE H 48 43.94 -13.33 -23.18
C PHE H 48 42.72 -14.22 -22.98
N GLY H 49 42.48 -14.58 -21.73
CA GLY H 49 41.27 -15.29 -21.38
C GLY H 49 40.07 -14.48 -21.80
N VAL H 50 40.10 -13.21 -21.43
CA VAL H 50 39.04 -12.31 -21.81
C VAL H 50 38.94 -12.31 -23.35
N ALA H 51 40.09 -12.23 -24.03
CA ALA H 51 40.14 -12.16 -25.49
C ALA H 51 39.51 -13.37 -26.13
N LYS H 52 39.90 -14.57 -25.69
CA LYS H 52 39.35 -15.82 -26.22
C LYS H 52 37.84 -15.84 -26.06
N VAL H 53 37.33 -15.35 -24.93
CA VAL H 53 35.88 -15.31 -24.73
C VAL H 53 35.12 -14.36 -25.70
N LEU H 54 35.60 -13.12 -25.82
CA LEU H 54 34.92 -12.16 -26.70
C LEU H 54 35.13 -12.55 -28.16
N ASP H 55 36.30 -13.11 -28.48
CA ASP H 55 36.58 -13.44 -29.85
C ASP H 55 35.54 -14.48 -30.24
N GLN H 56 35.29 -15.41 -29.31
CA GLN H 56 34.34 -16.46 -29.52
C GLN H 56 32.93 -15.92 -29.66
N LEU H 57 32.60 -14.91 -28.87
CA LEU H 57 31.28 -14.34 -28.94
C LEU H 57 31.11 -13.42 -30.16
N GLY H 58 32.17 -13.28 -30.96
CA GLY H 58 32.10 -12.56 -32.24
C GLY H 58 32.47 -11.09 -32.28
N ALA H 59 32.96 -10.55 -31.17
CA ALA H 59 33.42 -9.16 -31.06
C ALA H 59 34.62 -8.89 -31.96
N LYS H 60 34.77 -7.63 -32.41
CA LYS H 60 36.04 -7.19 -32.97
C LYS H 60 36.97 -6.69 -31.84
N LEU H 61 38.23 -7.07 -31.94
CA LEU H 61 39.16 -6.79 -30.83
C LEU H 61 40.30 -5.91 -31.29
N VAL H 62 40.63 -4.98 -30.41
CA VAL H 62 41.82 -4.17 -30.53
C VAL H 62 42.61 -4.43 -29.25
N PHE H 63 43.92 -4.55 -29.46
CA PHE H 63 44.83 -4.99 -28.41
C PHE H 63 45.87 -3.91 -28.14
N THR H 64 46.16 -3.62 -26.88
CA THR H 64 47.29 -2.75 -26.59
C THR H 64 48.36 -3.47 -25.77
N TYR H 65 49.62 -3.09 -26.00
CA TYR H 65 50.75 -3.75 -25.37
C TYR H 65 51.77 -2.69 -25.00
N ARG H 66 52.69 -3.04 -24.11
CA ARG H 66 53.74 -2.10 -23.72
C ARG H 66 55.08 -2.40 -24.40
N LYS H 67 55.61 -3.60 -24.29
CA LYS H 67 56.95 -3.79 -24.83
C LYS H 67 56.89 -4.64 -26.10
N GLU H 68 57.88 -4.48 -26.97
CA GLU H 68 57.72 -5.00 -28.32
C GLU H 68 57.62 -6.52 -28.34
N ARG H 69 58.11 -7.15 -27.27
CA ARG H 69 58.05 -8.60 -27.07
C ARG H 69 56.62 -9.06 -26.79
N SER H 70 55.82 -8.17 -26.23
CA SER H 70 54.41 -8.51 -26.12
C SER H 70 53.68 -8.35 -27.44
N ARG H 71 54.25 -7.56 -28.35
CA ARG H 71 53.64 -7.35 -29.66
C ARG H 71 53.77 -8.63 -30.47
N LYS H 72 55.00 -9.09 -30.61
CA LYS H 72 55.30 -10.31 -31.36
C LYS H 72 54.52 -11.50 -30.80
N GLU H 73 54.57 -11.64 -29.48
CA GLU H 73 53.71 -12.53 -28.74
C GLU H 73 52.27 -12.41 -29.18
N LEU H 74 51.72 -11.22 -29.04
CA LEU H 74 50.40 -10.90 -29.54
C LEU H 74 50.18 -11.37 -30.96
N GLU H 75 51.17 -11.18 -31.83
CA GLU H 75 51.01 -11.52 -33.21
C GLU H 75 50.81 -13.02 -33.34
N LYS H 76 51.58 -13.82 -32.58
CA LYS H 76 51.41 -15.30 -32.56
C LYS H 76 50.09 -15.78 -31.91
N LEU H 77 49.69 -15.18 -30.78
CA LEU H 77 48.46 -15.56 -30.10
C LEU H 77 47.23 -15.35 -30.98
N LEU H 78 47.27 -14.34 -31.83
CA LEU H 78 46.11 -13.98 -32.64
C LEU H 78 45.74 -14.99 -33.72
N GLU H 79 46.66 -15.92 -33.98
CA GLU H 79 46.44 -16.93 -35.00
C GLU H 79 45.36 -17.88 -34.50
N GLN H 80 45.28 -17.92 -33.17
CA GLN H 80 44.28 -18.67 -32.41
C GLN H 80 42.87 -18.06 -32.33
N LEU H 81 42.69 -16.82 -32.77
CA LEU H 81 41.39 -16.19 -32.61
C LEU H 81 40.74 -16.03 -33.97
N ASN H 82 39.49 -15.58 -34.04
CA ASN H 82 38.81 -15.41 -35.30
C ASN H 82 39.09 -14.07 -35.98
N GLN H 83 39.79 -13.19 -35.29
CA GLN H 83 40.03 -11.82 -35.78
C GLN H 83 40.58 -11.81 -37.20
N PRO H 84 39.86 -11.22 -38.16
CA PRO H 84 40.39 -11.11 -39.52
C PRO H 84 41.56 -10.13 -39.65
N GLU H 85 41.69 -9.15 -38.76
CA GLU H 85 42.97 -8.44 -38.67
C GLU H 85 43.51 -8.17 -37.28
N ALA H 86 44.82 -7.92 -37.28
CA ALA H 86 45.54 -7.54 -36.09
C ALA H 86 45.45 -6.04 -35.99
N HIS H 87 44.80 -5.60 -34.91
CA HIS H 87 44.79 -4.22 -34.52
C HIS H 87 45.58 -4.12 -33.22
N LEU H 88 46.87 -3.78 -33.32
CA LEU H 88 47.76 -3.77 -32.16
C LEU H 88 48.44 -2.42 -31.99
N TYR H 89 48.40 -1.87 -30.78
CA TYR H 89 48.85 -0.52 -30.50
C TYR H 89 49.74 -0.55 -29.28
N GLN H 90 50.96 -0.03 -29.38
CA GLN H 90 51.77 0.18 -28.19
C GLN H 90 51.18 1.31 -27.34
N ILE H 91 50.81 1.01 -26.10
CA ILE H 91 50.47 2.07 -25.16
C ILE H 91 51.09 1.69 -23.82
N ASP H 92 52.16 2.35 -23.44
CA ASP H 92 52.62 2.34 -22.05
C ASP H 92 51.71 3.29 -21.27
N VAL H 93 50.90 2.79 -20.35
CA VAL H 93 50.01 3.69 -19.59
C VAL H 93 50.74 4.67 -18.68
N GLN H 94 52.06 4.61 -18.60
CA GLN H 94 52.77 5.66 -17.85
C GLN H 94 52.89 6.99 -18.62
N SER H 95 52.71 6.96 -19.93
CA SER H 95 52.80 8.17 -20.74
C SER H 95 51.40 8.63 -21.19
N ASP H 96 50.95 9.80 -20.75
CA ASP H 96 49.70 10.37 -21.27
C ASP H 96 49.66 10.37 -22.80
N GLU H 97 50.69 10.95 -23.40
CA GLU H 97 50.88 10.98 -24.84
C GLU H 97 50.47 9.67 -25.51
N GLU H 98 51.01 8.57 -25.02
CA GLU H 98 50.80 7.30 -25.71
C GLU H 98 49.36 6.81 -25.54
N VAL H 99 48.79 7.10 -24.37
CA VAL H 99 47.37 6.81 -24.10
C VAL H 99 46.45 7.62 -25.00
N ILE H 100 46.69 8.94 -25.06
CA ILE H 100 45.91 9.88 -25.87
C ILE H 100 46.06 9.55 -27.35
N ASN H 101 47.30 9.39 -27.79
CA ASN H 101 47.61 9.10 -29.21
C ASN H 101 47.16 7.72 -29.69
N GLY H 102 47.42 6.71 -28.87
CA GLY H 102 46.87 5.37 -29.02
C GLY H 102 45.35 5.32 -29.18
N PHE H 103 44.62 5.92 -28.27
CA PHE H 103 43.16 5.85 -28.41
C PHE H 103 42.63 6.58 -29.65
N GLU H 104 43.27 7.71 -29.96
CA GLU H 104 42.97 8.45 -31.18
C GLU H 104 43.25 7.69 -32.48
N GLN H 105 44.36 6.95 -32.53
CA GLN H 105 44.65 6.07 -33.67
C GLN H 105 43.62 4.94 -33.81
N ILE H 106 43.20 4.39 -32.67
CA ILE H 106 42.15 3.37 -32.62
C ILE H 106 40.85 3.91 -33.20
N GLY H 107 40.49 5.13 -32.82
CA GLY H 107 39.32 5.80 -33.33
C GLY H 107 39.40 6.00 -34.84
N LYS H 108 40.55 6.49 -35.29
CA LYS H 108 40.79 6.56 -36.74
C LYS H 108 40.81 5.21 -37.47
N ASP H 109 41.41 4.17 -36.89
CA ASP H 109 41.57 2.93 -37.67
C ASP H 109 40.34 2.03 -37.56
N VAL H 110 39.55 2.23 -36.52
CA VAL H 110 38.56 1.23 -36.21
C VAL H 110 37.18 1.87 -35.97
N GLY H 111 37.18 3.10 -35.47
CA GLY H 111 35.91 3.78 -35.29
C GLY H 111 35.62 3.79 -33.82
N ASN H 112 34.34 3.96 -33.49
CA ASN H 112 33.87 3.96 -32.12
C ASN H 112 33.93 2.56 -31.54
N ILE H 113 34.26 2.49 -30.25
CA ILE H 113 34.31 1.23 -29.54
C ILE H 113 33.12 1.13 -28.57
N ASP H 114 32.88 -0.07 -28.06
CA ASP H 114 31.80 -0.36 -27.14
C ASP H 114 32.29 -0.58 -25.71
N GLY H 115 33.57 -0.85 -25.54
CA GLY H 115 34.13 -0.94 -24.19
C GLY H 115 35.63 -1.15 -24.20
N VAL H 116 36.19 -1.16 -22.99
CA VAL H 116 37.60 -1.44 -22.74
C VAL H 116 37.77 -2.44 -21.60
N TYR H 117 38.65 -3.42 -21.80
CA TYR H 117 39.08 -4.32 -20.73
C TYR H 117 40.51 -3.97 -20.36
N HIS H 118 40.65 -3.51 -19.11
CA HIS H 118 41.92 -3.12 -18.53
C HIS H 118 42.47 -4.22 -17.68
N SER H 119 43.61 -4.76 -18.09
CA SER H 119 44.24 -5.87 -17.39
C SER H 119 45.69 -5.51 -17.13
N ILE H 120 45.90 -4.37 -16.50
CA ILE H 120 47.24 -3.79 -16.39
C ILE H 120 47.59 -3.51 -14.91
N ALA H 121 48.74 -3.99 -14.46
CA ALA H 121 49.17 -3.53 -13.15
C ALA H 121 50.67 -3.68 -13.10
N PHE H 122 51.30 -3.03 -12.13
CA PHE H 122 52.69 -3.30 -11.94
C PHE H 122 53.16 -2.88 -10.57
N ALA H 123 54.12 -3.62 -10.00
CA ALA H 123 54.88 -3.15 -8.84
C ALA H 123 56.26 -3.80 -8.89
N ASN H 124 57.21 -3.21 -8.19
CA ASN H 124 58.56 -3.80 -8.16
C ASN H 124 58.55 -5.08 -7.35
N MET H 125 59.28 -6.08 -7.83
CA MET H 125 59.30 -7.39 -7.21
C MET H 125 59.67 -7.33 -5.74
N GLU H 126 60.61 -6.48 -5.34
CA GLU H 126 60.96 -6.49 -3.93
C GLU H 126 59.87 -5.93 -3.00
N ASP H 127 58.83 -5.37 -3.60
CA ASP H 127 57.78 -4.81 -2.78
C ASP H 127 56.71 -5.88 -2.54
N LEU H 128 56.78 -7.00 -3.26
CA LEU H 128 55.71 -8.02 -3.23
C LEU H 128 55.99 -9.20 -2.28
N ARG H 129 56.64 -8.84 -1.18
CA ARG H 129 57.23 -9.79 -0.22
C ARG H 129 57.87 -8.98 0.91
N GLY H 130 58.25 -9.62 2.00
CA GLY H 130 58.82 -8.89 3.12
C GLY H 130 57.81 -7.97 3.76
N ARG H 131 58.31 -6.89 4.36
CA ARG H 131 57.52 -6.06 5.28
C ARG H 131 56.97 -4.87 4.51
N PHE H 132 55.65 -4.69 4.52
CA PHE H 132 55.03 -3.62 3.75
C PHE H 132 55.50 -2.23 4.20
N SER H 133 55.73 -2.05 5.50
CA SER H 133 56.16 -0.77 6.05
C SER H 133 57.51 -0.30 5.51
N GLU H 134 58.23 -1.21 4.85
CA GLU H 134 59.51 -0.85 4.27
C GLU H 134 59.39 -0.39 2.83
N THR H 135 58.18 -0.33 2.28
CA THR H 135 58.04 0.16 0.91
C THR H 135 58.58 1.59 0.60
N SER H 136 59.32 1.74 -0.49
CA SER H 136 59.78 3.05 -0.93
C SER H 136 58.65 3.89 -1.54
N ARG H 137 58.79 5.21 -1.48
CA ARG H 137 57.84 6.14 -2.07
C ARG H 137 57.78 5.85 -3.57
N GLU H 138 58.96 5.69 -4.17
CA GLU H 138 59.08 5.49 -5.59
CA GLU H 138 59.02 5.53 -5.62
C GLU H 138 58.24 4.26 -5.97
N GLY H 139 58.45 3.19 -5.20
CA GLY H 139 57.76 1.96 -5.55
C GLY H 139 56.27 2.00 -5.25
N PHE H 140 55.91 2.73 -4.20
CA PHE H 140 54.53 2.90 -3.87
C PHE H 140 53.83 3.72 -4.96
N LEU H 141 54.50 4.77 -5.46
CA LEU H 141 53.92 5.61 -6.48
C LEU H 141 53.89 4.94 -7.85
N LEU H 142 54.91 4.11 -8.16
CA LEU H 142 54.98 3.40 -9.44
C LEU H 142 53.73 2.52 -9.61
N ALA H 143 53.32 1.92 -8.49
CA ALA H 143 52.23 0.97 -8.53
C ALA H 143 50.89 1.66 -8.67
N GLN H 144 50.66 2.76 -7.93
CA GLN H 144 49.50 3.63 -8.11
C GLN H 144 49.33 4.09 -9.54
N ASP H 145 50.43 4.61 -10.07
CA ASP H 145 50.54 5.09 -11.44
C ASP H 145 50.03 4.05 -12.44
N ILE H 146 50.62 2.86 -12.44
CA ILE H 146 50.41 1.90 -13.52
C ILE H 146 49.15 1.11 -13.22
N SER H 147 48.89 0.85 -11.94
CA SER H 147 47.77 -0.05 -11.57
C SER H 147 46.44 0.65 -11.22
N SER H 148 46.46 1.97 -11.09
CA SER H 148 45.26 2.72 -10.73
C SER H 148 45.03 3.92 -11.64
N TYR H 149 45.92 4.90 -11.59
CA TYR H 149 45.72 6.09 -12.43
C TYR H 149 45.47 5.69 -13.88
N SER H 150 46.17 4.68 -14.39
CA SER H 150 46.04 4.41 -15.82
C SER H 150 44.58 4.19 -16.21
N LEU H 151 43.73 3.74 -15.29
CA LEU H 151 42.31 3.50 -15.61
C LEU H 151 41.58 4.81 -15.86
N THR H 152 41.83 5.80 -15.00
CA THR H 152 41.32 7.15 -15.20
C THR H 152 41.62 7.75 -16.59
N ILE H 153 42.90 7.85 -16.94
CA ILE H 153 43.32 8.44 -18.20
C ILE H 153 42.84 7.60 -19.38
N VAL H 154 42.79 6.28 -19.16
CA VAL H 154 42.22 5.38 -20.17
C VAL H 154 40.71 5.58 -20.35
N ALA H 155 39.96 5.74 -19.26
CA ALA H 155 38.52 6.08 -19.28
C ALA H 155 38.25 7.41 -20.02
N HIS H 156 38.97 8.45 -19.61
CA HIS H 156 38.90 9.74 -20.29
C HIS H 156 39.07 9.65 -21.80
N GLU H 157 40.13 8.99 -22.27
CA GLU H 157 40.45 8.98 -23.71
C GLU H 157 39.47 8.11 -24.48
N ALA H 158 39.05 7.01 -23.85
CA ALA H 158 38.19 5.99 -24.44
C ALA H 158 36.75 6.48 -24.54
N LYS H 159 36.30 7.21 -23.53
CA LYS H 159 35.04 7.94 -23.61
C LYS H 159 34.79 8.61 -24.98
N LYS H 160 35.84 9.22 -25.53
CA LYS H 160 35.78 9.90 -26.82
C LYS H 160 35.35 8.95 -27.94
N LEU H 161 35.61 7.66 -27.81
CA LEU H 161 35.14 6.69 -28.82
C LEU H 161 33.85 5.99 -28.40
N MET H 162 33.22 6.51 -27.34
CA MET H 162 31.95 5.95 -26.88
C MET H 162 30.82 6.99 -26.80
N PRO H 163 30.52 7.67 -27.92
CA PRO H 163 29.43 8.65 -27.90
C PRO H 163 28.07 8.11 -27.40
N GLU H 164 27.75 6.84 -27.67
CA GLU H 164 26.47 6.25 -27.29
C GLU H 164 26.45 5.60 -25.93
N GLY H 165 27.56 5.67 -25.20
CA GLY H 165 27.77 4.83 -24.03
C GLY H 165 28.61 3.59 -24.30
N GLY H 166 28.90 2.83 -23.25
CA GLY H 166 29.81 1.70 -23.38
C GLY H 166 30.21 1.10 -22.06
N SER H 167 31.26 0.27 -22.08
CA SER H 167 31.58 -0.45 -20.86
C SER H 167 33.07 -0.54 -20.56
N ILE H 168 33.43 -0.20 -19.33
CA ILE H 168 34.84 -0.29 -18.91
C ILE H 168 35.04 -1.25 -17.74
N VAL H 169 35.94 -2.24 -17.92
CA VAL H 169 36.19 -3.22 -16.85
C VAL H 169 37.67 -3.26 -16.47
N ALA H 170 37.96 -3.17 -15.18
CA ALA H 170 39.33 -3.37 -14.69
C ALA H 170 39.43 -4.64 -13.83
N THR H 171 40.64 -5.15 -13.71
CA THR H 171 40.85 -6.41 -13.02
C THR H 171 41.48 -6.16 -11.67
N THR H 172 40.81 -6.58 -10.61
CA THR H 172 41.39 -6.37 -9.27
C THR H 172 41.66 -7.68 -8.48
N TYR H 173 41.96 -7.53 -7.20
CA TYR H 173 42.22 -8.71 -6.42
C TYR H 173 41.77 -8.48 -4.96
N LEU H 174 41.26 -9.54 -4.34
CA LEU H 174 40.78 -9.48 -2.96
C LEU H 174 41.73 -8.72 -2.03
N GLY H 175 43.02 -8.74 -2.33
CA GLY H 175 44.00 -8.02 -1.52
C GLY H 175 43.82 -6.51 -1.56
N GLY H 176 42.88 -6.05 -2.35
CA GLY H 176 42.50 -4.65 -2.32
C GLY H 176 41.44 -4.31 -1.29
N GLU H 177 40.83 -5.35 -0.68
CA GLU H 177 39.76 -5.20 0.31
C GLU H 177 40.22 -5.67 1.67
N PHE H 178 41.20 -6.58 1.68
CA PHE H 178 41.73 -7.10 2.93
C PHE H 178 43.23 -7.20 2.72
N ALA H 179 43.97 -7.14 3.82
CA ALA H 179 45.42 -7.25 3.81
C ALA H 179 45.81 -8.72 3.64
N VAL H 180 46.39 -9.05 2.49
CA VAL H 180 46.90 -10.39 2.21
C VAL H 180 48.43 -10.34 2.26
N GLN H 181 48.99 -11.02 3.25
CA GLN H 181 50.42 -11.13 3.41
C GLN H 181 51.16 -11.15 2.05
N ASN H 182 52.19 -10.32 1.92
CA ASN H 182 53.00 -10.26 0.68
C ASN H 182 52.46 -9.42 -0.48
N TYR H 183 51.16 -9.32 -0.65
CA TYR H 183 50.63 -8.54 -1.76
C TYR H 183 50.88 -7.06 -1.56
N ASN H 184 50.88 -6.65 -0.29
CA ASN H 184 51.53 -5.43 0.14
C ASN H 184 51.16 -4.20 -0.69
N VAL H 185 52.17 -3.60 -1.32
CA VAL H 185 51.97 -2.40 -2.14
C VAL H 185 50.91 -2.58 -3.25
N MET H 186 50.76 -3.79 -3.79
CA MET H 186 49.79 -3.93 -4.89
C MET H 186 48.39 -3.91 -4.29
N GLY H 187 48.35 -4.21 -2.99
CA GLY H 187 47.06 -4.26 -2.30
C GLY H 187 46.54 -2.84 -2.12
N VAL H 188 47.42 -1.97 -1.64
CA VAL H 188 47.06 -0.58 -1.52
C VAL H 188 46.72 -0.02 -2.91
N ALA H 189 47.41 -0.48 -3.96
CA ALA H 189 47.12 0.07 -5.26
C ALA H 189 45.82 -0.47 -5.86
N LYS H 190 45.42 -1.68 -5.47
CA LYS H 190 44.11 -2.22 -5.86
C LYS H 190 42.99 -1.57 -5.06
N ALA H 191 43.26 -1.19 -3.80
CA ALA H 191 42.26 -0.49 -3.01
C ALA H 191 41.90 0.78 -3.76
N SER H 192 42.95 1.51 -4.15
CA SER H 192 42.83 2.68 -4.98
C SER H 192 42.12 2.42 -6.33
N LEU H 193 42.46 1.35 -7.03
CA LEU H 193 41.79 1.07 -8.33
C LEU H 193 40.27 0.81 -8.17
N GLU H 194 39.91 0.19 -7.06
CA GLU H 194 38.52 -0.16 -6.84
C GLU H 194 37.71 1.09 -6.48
N ALA H 195 38.35 2.05 -5.82
CA ALA H 195 37.73 3.37 -5.65
C ALA H 195 37.68 4.13 -6.97
N ASN H 196 38.75 4.09 -7.74
CA ASN H 196 38.80 4.61 -9.10
C ASN H 196 37.61 4.16 -9.97
N VAL H 197 37.31 2.87 -9.93
CA VAL H 197 36.09 2.31 -10.53
C VAL H 197 34.82 3.02 -10.02
N LYS H 198 34.69 3.27 -8.72
CA LYS H 198 33.47 3.86 -8.21
C LYS H 198 33.29 5.30 -8.66
N TYR H 199 34.37 6.09 -8.60
CA TYR H 199 34.32 7.48 -9.04
C TYR H 199 34.16 7.58 -10.56
N LEU H 200 34.85 6.75 -11.34
CA LEU H 200 34.59 6.76 -12.77
C LEU H 200 33.12 6.36 -13.06
N ALA H 201 32.55 5.46 -12.25
CA ALA H 201 31.16 5.04 -12.52
C ALA H 201 30.20 6.19 -12.25
N LEU H 202 30.43 6.91 -11.15
CA LEU H 202 29.66 8.12 -10.87
C LEU H 202 29.83 9.13 -12.00
N ASP H 203 31.06 9.45 -12.36
CA ASP H 203 31.34 10.49 -13.36
C ASP H 203 30.76 10.11 -14.72
N LEU H 204 31.01 8.90 -15.18
CA LEU H 204 30.72 8.59 -16.57
C LEU H 204 29.32 8.10 -16.78
N GLY H 205 28.57 7.88 -15.71
CA GLY H 205 27.27 7.21 -15.77
C GLY H 205 26.25 8.02 -16.55
N PRO H 206 26.27 9.35 -16.38
CA PRO H 206 25.32 10.15 -17.17
C PRO H 206 25.64 10.09 -18.66
N ASP H 207 26.88 9.73 -18.99
CA ASP H 207 27.26 9.52 -20.39
C ASP H 207 26.93 8.12 -20.84
N ASN H 208 26.22 7.38 -19.97
CA ASN H 208 25.90 5.98 -20.21
C ASN H 208 27.12 5.09 -20.45
N ILE H 209 28.21 5.40 -19.76
CA ILE H 209 29.34 4.48 -19.71
C ILE H 209 29.43 3.83 -18.34
N ARG H 210 29.38 2.51 -18.30
CA ARG H 210 29.43 1.79 -17.03
C ARG H 210 30.85 1.41 -16.65
N VAL H 211 31.20 1.45 -15.38
CA VAL H 211 32.54 1.03 -15.00
C VAL H 211 32.44 0.03 -13.88
N ASN H 212 33.16 -1.08 -14.07
CA ASN H 212 33.08 -2.18 -13.11
C ASN H 212 34.44 -2.88 -12.95
N ALA H 213 34.58 -3.63 -11.86
CA ALA H 213 35.79 -4.43 -11.64
C ALA H 213 35.46 -5.93 -11.53
N ILE H 214 36.37 -6.76 -12.08
CA ILE H 214 36.35 -8.16 -11.75
C ILE H 214 37.45 -8.40 -10.73
N SER H 215 37.10 -9.00 -9.60
CA SER H 215 38.09 -9.40 -8.60
C SER H 215 38.42 -10.89 -8.76
N ALA H 216 39.46 -11.19 -9.54
CA ALA H 216 39.80 -12.58 -9.87
C ALA H 216 40.50 -13.22 -8.70
N GLY H 217 40.29 -14.53 -8.55
CA GLY H 217 41.10 -15.32 -7.66
C GLY H 217 42.50 -15.55 -8.23
N PRO H 218 43.39 -16.15 -7.44
CA PRO H 218 44.77 -16.38 -7.90
C PRO H 218 44.82 -17.28 -9.14
N ILE H 219 45.66 -16.94 -10.13
CA ILE H 219 45.77 -17.63 -11.40
C ILE H 219 47.23 -17.58 -11.80
N ARG H 220 47.84 -18.71 -12.15
CA ARG H 220 49.25 -18.71 -12.54
CA ARG H 220 49.25 -18.71 -12.54
C ARG H 220 49.50 -17.92 -13.85
N THR H 221 49.99 -16.69 -13.70
CA THR H 221 50.41 -15.82 -14.83
C THR H 221 51.84 -15.32 -14.67
N LEU H 222 52.44 -14.77 -15.73
CA LEU H 222 53.79 -14.19 -15.67
C LEU H 222 54.01 -13.23 -14.50
N SER H 223 53.08 -12.30 -14.29
CA SER H 223 53.18 -11.42 -13.13
C SER H 223 52.97 -12.15 -11.81
N ALA H 224 52.12 -13.17 -11.77
CA ALA H 224 51.89 -13.89 -10.52
C ALA H 224 53.18 -14.51 -9.96
N LYS H 225 54.14 -14.81 -10.83
CA LYS H 225 55.41 -15.38 -10.39
C LYS H 225 56.13 -14.41 -9.46
N GLY H 226 55.92 -13.12 -9.68
CA GLY H 226 56.66 -12.14 -8.90
C GLY H 226 56.09 -11.80 -7.53
N VAL H 227 54.92 -12.37 -7.18
CA VAL H 227 54.33 -12.14 -5.86
C VAL H 227 54.82 -13.18 -4.87
N GLY H 228 55.40 -12.75 -3.76
CA GLY H 228 55.81 -13.70 -2.73
C GLY H 228 54.62 -14.52 -2.26
N GLY H 229 54.81 -15.83 -2.06
CA GLY H 229 53.74 -16.70 -1.54
C GLY H 229 52.61 -17.05 -2.48
N PHE H 230 52.75 -16.74 -3.76
CA PHE H 230 51.67 -17.02 -4.71
C PHE H 230 51.20 -18.46 -4.63
N ASN H 231 52.15 -19.39 -4.67
CA ASN H 231 51.79 -20.79 -4.76
C ASN H 231 51.01 -21.27 -3.54
N THR H 232 51.44 -20.85 -2.36
CA THR H 232 50.79 -21.24 -1.13
C THR H 232 49.37 -20.74 -1.18
N ILE H 233 49.15 -19.55 -1.74
CA ILE H 233 47.79 -19.04 -1.83
C ILE H 233 47.01 -19.87 -2.84
N LEU H 234 47.60 -20.11 -4.01
CA LEU H 234 47.02 -20.99 -5.02
C LEU H 234 46.40 -22.25 -4.38
N LYS H 235 47.17 -22.89 -3.52
CA LYS H 235 46.81 -24.19 -2.97
C LYS H 235 45.78 -24.11 -1.85
N GLU H 236 45.84 -23.07 -1.02
CA GLU H 236 44.81 -22.93 0.02
C GLU H 236 43.43 -22.52 -0.53
N ILE H 237 43.37 -21.96 -1.73
CA ILE H 237 42.07 -21.74 -2.36
C ILE H 237 41.34 -23.06 -2.56
N GLU H 238 42.01 -24.03 -3.20
CA GLU H 238 41.48 -25.38 -3.38
C GLU H 238 40.88 -25.93 -2.09
N GLU H 239 41.56 -25.69 -0.97
CA GLU H 239 41.10 -26.24 0.30
C GLU H 239 39.94 -25.46 0.89
N ARG H 240 39.95 -24.14 0.73
CA ARG H 240 39.12 -23.27 1.56
C ARG H 240 37.90 -22.68 0.86
N ALA H 241 38.03 -22.36 -0.42
CA ALA H 241 36.97 -21.63 -1.14
C ALA H 241 35.74 -22.55 -1.25
N PRO H 242 34.51 -22.01 -1.19
CA PRO H 242 33.32 -22.83 -1.35
C PRO H 242 33.35 -23.82 -2.53
N LEU H 243 33.91 -23.45 -3.66
CA LEU H 243 33.80 -24.33 -4.82
C LEU H 243 34.98 -25.29 -4.80
N LYS H 244 35.89 -25.04 -3.87
CA LYS H 244 36.99 -25.95 -3.59
C LYS H 244 37.92 -26.12 -4.75
N ARG H 245 37.97 -25.16 -5.67
CA ARG H 245 38.92 -25.30 -6.79
C ARG H 245 39.42 -23.88 -7.05
N ASN H 246 40.50 -23.75 -7.82
CA ASN H 246 40.85 -22.46 -8.33
C ASN H 246 40.05 -22.09 -9.58
N VAL H 247 40.09 -20.82 -9.95
CA VAL H 247 39.44 -20.33 -11.16
C VAL H 247 40.50 -20.23 -12.28
N ASP H 248 40.06 -20.04 -13.51
CA ASP H 248 41.01 -19.73 -14.56
C ASP H 248 40.61 -18.52 -15.41
N GLN H 249 41.50 -18.17 -16.34
CA GLN H 249 41.44 -16.93 -17.12
C GLN H 249 40.15 -16.84 -17.96
N VAL H 250 39.73 -17.99 -18.49
CA VAL H 250 38.49 -18.06 -19.26
C VAL H 250 37.25 -17.76 -18.39
N GLU H 251 37.29 -18.16 -17.12
CA GLU H 251 36.19 -17.84 -16.20
C GLU H 251 36.10 -16.33 -15.90
N VAL H 252 37.25 -15.65 -15.86
CA VAL H 252 37.27 -14.18 -15.80
C VAL H 252 36.72 -13.59 -17.12
N GLY H 253 37.21 -14.08 -18.26
CA GLY H 253 36.63 -13.75 -19.55
C GLY H 253 35.12 -13.87 -19.66
N LYS H 254 34.51 -14.93 -19.14
CA LYS H 254 33.05 -15.05 -19.16
C LYS H 254 32.32 -14.01 -18.29
N THR H 255 32.90 -13.62 -17.17
CA THR H 255 32.36 -12.51 -16.41
C THR H 255 32.66 -11.16 -17.11
N ALA H 256 33.82 -11.03 -17.74
CA ALA H 256 34.12 -9.87 -18.57
C ALA H 256 33.09 -9.74 -19.69
N ALA H 257 32.77 -10.84 -20.37
CA ALA H 257 31.74 -10.81 -21.42
C ALA H 257 30.41 -10.27 -20.86
N TYR H 258 30.04 -10.67 -19.64
CA TYR H 258 28.79 -10.15 -19.04
C TYR H 258 28.84 -8.63 -18.80
N LEU H 259 29.86 -8.19 -18.08
CA LEU H 259 30.07 -6.78 -17.78
C LEU H 259 30.22 -5.92 -19.04
N LEU H 260 30.76 -6.48 -20.12
CA LEU H 260 31.05 -5.70 -21.31
C LEU H 260 29.81 -5.59 -22.22
N SER H 261 28.76 -6.34 -21.93
CA SER H 261 27.61 -6.44 -22.83
C SER H 261 26.40 -5.81 -22.17
N ASP H 262 25.28 -5.90 -22.87
CA ASP H 262 24.02 -5.33 -22.39
C ASP H 262 23.41 -6.23 -21.32
N LEU H 263 23.95 -7.44 -21.12
CA LEU H 263 23.42 -8.25 -20.04
C LEU H 263 23.57 -7.49 -18.71
N SER H 264 24.59 -6.65 -18.58
CA SER H 264 24.81 -6.00 -17.30
C SER H 264 24.40 -4.54 -17.31
N SER H 265 23.41 -4.21 -18.16
N SER H 265 23.50 -4.19 -18.23
CA SER H 265 22.98 -2.84 -18.40
CA SER H 265 22.78 -2.92 -18.10
C SER H 265 22.71 -1.98 -17.15
C SER H 265 22.18 -2.85 -16.70
N GLY H 266 22.16 -2.58 -16.09
N GLY H 266 22.26 -1.69 -16.07
CA GLY H 266 21.86 -1.85 -14.86
CA GLY H 266 21.87 -1.59 -14.68
C GLY H 266 22.94 -1.83 -13.79
C GLY H 266 23.04 -1.67 -13.72
N VAL H 267 24.13 -2.34 -14.13
CA VAL H 267 25.20 -2.63 -13.19
C VAL H 267 26.38 -1.71 -13.43
N THR H 268 26.71 -0.91 -12.41
CA THR H 268 27.88 -0.05 -12.48
C THR H 268 28.44 0.21 -11.07
N GLY H 269 29.75 0.48 -11.01
CA GLY H 269 30.51 0.71 -9.77
C GLY H 269 30.60 -0.58 -8.97
N GLU H 270 30.38 -1.71 -9.65
CA GLU H 270 30.33 -3.01 -8.98
C GLU H 270 31.69 -3.71 -9.08
N ASN H 271 31.96 -4.59 -8.12
CA ASN H 271 33.14 -5.45 -8.09
C ASN H 271 32.66 -6.89 -8.06
N ILE H 272 32.81 -7.67 -9.13
CA ILE H 272 32.30 -9.05 -9.10
C ILE H 272 33.49 -9.98 -8.83
N HIS H 273 33.38 -10.80 -7.78
CA HIS H 273 34.46 -11.71 -7.45
C HIS H 273 34.33 -12.96 -8.28
N VAL H 274 35.38 -13.25 -9.04
CA VAL H 274 35.42 -14.51 -9.78
C VAL H 274 36.55 -15.32 -9.13
N ASP H 275 36.22 -15.95 -7.99
CA ASP H 275 37.23 -16.41 -7.05
C ASP H 275 36.76 -17.63 -6.24
N SER H 276 35.91 -18.44 -6.86
CA SER H 276 35.42 -19.65 -6.26
C SER H 276 34.68 -19.43 -4.94
N GLY H 277 34.22 -18.22 -4.65
CA GLY H 277 33.54 -17.88 -3.36
C GLY H 277 34.43 -17.41 -2.20
N PHE H 278 35.74 -17.42 -2.39
CA PHE H 278 36.70 -17.15 -1.30
C PHE H 278 36.41 -15.84 -0.59
N HIS H 279 36.05 -14.81 -1.34
CA HIS H 279 35.69 -13.53 -0.76
C HIS H 279 34.60 -13.60 0.32
N ALA H 280 33.70 -14.58 0.25
CA ALA H 280 32.52 -14.55 1.10
C ALA H 280 32.79 -15.32 2.39
N ILE H 281 33.91 -16.01 2.45
CA ILE H 281 34.16 -16.82 3.63
C ILE H 281 35.30 -16.26 4.45
N LYS H 282 35.52 -16.85 5.60
CA LYS H 282 36.53 -16.36 6.51
C LYS H 282 36.89 -17.48 7.51
O17 TCU I . -13.09 0.30 3.48
C6 TCU I . -12.19 1.28 3.25
C1 TCU I . -12.50 2.38 2.47
C2 TCU I . -11.53 3.38 2.27
C16 TCU I . -11.88 4.56 1.40
C17 TCU I . -11.97 4.13 -0.06
C18 TCU I . -11.24 5.07 -1.03
C19 TCU I . -11.71 4.71 -2.46
C20 TCU I . -10.53 4.22 -3.28
C21 TCU I . -10.98 3.57 -4.57
C3 TCU I . -10.24 3.26 2.80
C4 TCU I . -9.93 2.14 3.59
C5 TCU I . -10.91 1.16 3.82
O7 TCU I . -10.68 0.06 4.63
C8 TCU I . -10.12 -1.06 4.10
C9 TCU I . -9.96 -1.22 2.71
C10 TCU I . -9.36 -2.36 2.20
C11 TCU I . -8.91 -3.32 3.11
C12 TCU I . -9.02 -3.15 4.50
C13 TCU I . -9.66 -2.01 4.99
C14 TCU I . -9.83 -1.79 6.48
PA NAP J . -7.35 0.19 10.04
O1A NAP J . -6.90 1.19 11.04
O2A NAP J . -6.34 -0.51 9.22
O5B NAP J . -8.29 -0.86 10.77
C5B NAP J . -8.58 -2.08 10.15
C4B NAP J . -8.73 -3.07 11.30
O4B NAP J . -9.28 -4.29 10.83
C3B NAP J . -7.40 -3.34 11.99
O3B NAP J . -7.48 -3.00 13.36
C2B NAP J . -7.24 -4.82 11.81
O2B NAP J . -6.63 -5.45 12.90
C1B NAP J . -8.71 -5.24 11.68
N9A NAP J . -8.82 -6.58 11.13
C8A NAP J . -8.63 -6.99 9.84
N7A NAP J . -8.87 -8.31 9.81
C5A NAP J . -9.16 -8.76 11.08
C6A NAP J . -9.46 -10.02 11.61
N6A NAP J . -9.47 -11.12 10.84
N1A NAP J . -9.81 -10.10 12.95
C2A NAP J . -9.80 -8.98 13.77
N3A NAP J . -9.46 -7.75 13.23
C4A NAP J . -9.17 -7.66 11.91
O3 NAP J . -8.30 0.84 8.92
PN NAP J . -9.65 1.69 9.01
O1N NAP J . -9.55 2.39 7.72
O2N NAP J . -9.70 2.42 10.32
O5D NAP J . -10.76 0.52 9.06
C5D NAP J . -11.84 0.52 9.97
C4D NAP J . -13.15 0.31 9.22
O4D NAP J . -13.48 1.48 8.50
C3D NAP J . -13.15 -0.77 8.13
O3D NAP J . -14.47 -1.29 8.07
C2D NAP J . -12.93 -0.03 6.84
O2D NAP J . -13.42 -0.71 5.71
C1D NAP J . -13.83 1.15 7.18
N1N NAP J . -13.72 2.33 6.29
C2N NAP J . -12.51 2.94 6.12
C3N NAP J . -12.43 4.08 5.34
C7N NAP J . -11.14 4.85 5.24
O7N NAP J . -11.15 5.88 4.32
N7N NAP J . -10.07 4.62 6.01
C4N NAP J . -13.58 4.61 4.73
C5N NAP J . -14.80 3.98 4.91
C6N NAP J . -14.86 2.82 5.69
P2B NAP J . -5.10 -5.93 12.83
O1X NAP J . -4.76 -6.41 14.20
O2X NAP J . -4.97 -7.02 11.79
O3X NAP J . -4.19 -4.78 12.41
N GLU K . -41.47 -20.90 7.52
CA GLU K . -41.91 -22.28 7.27
C GLU K . -42.81 -22.32 6.02
O GLU K . -42.44 -23.07 5.09
CB GLU K . -42.65 -22.82 8.50
CG GLU K . -41.80 -22.82 9.80
CD GLU K . -40.38 -22.24 9.66
OE1 GLU K . -39.79 -22.40 8.58
OE2 GLU K . -39.89 -21.70 10.68
OXT GLU K . -43.82 -21.58 5.99
PA NAP L . -34.61 -23.08 -9.45
O1A NAP L . -35.56 -23.51 -10.50
O2A NAP L . -34.42 -23.95 -8.28
O5B NAP L . -33.17 -22.76 -10.05
C5B NAP L . -32.06 -22.60 -9.21
C4B NAP L . -30.86 -23.03 -10.04
O4B NAP L . -29.68 -22.89 -9.29
C3B NAP L . -30.94 -24.52 -10.37
O3B NAP L . -30.89 -24.68 -11.75
C2B NAP L . -29.66 -25.08 -9.78
O2B NAP L . -29.13 -26.14 -10.52
C1B NAP L . -28.78 -23.84 -9.80
N9A NAP L . -27.63 -23.98 -8.91
C8A NAP L . -27.60 -23.88 -7.54
N7A NAP L . -26.33 -24.06 -7.15
C5A NAP L . -25.54 -24.24 -8.26
C6A NAP L . -24.18 -24.50 -8.42
N6A NAP L . -23.40 -24.58 -7.33
N1A NAP L . -23.67 -24.66 -9.69
C2A NAP L . -24.50 -24.58 -10.80
N3A NAP L . -25.85 -24.36 -10.64
C4A NAP L . -26.35 -24.19 -9.39
O3 NAP L . -35.12 -21.72 -8.76
PN NAP L . -35.33 -20.24 -9.33
O1N NAP L . -36.34 -19.65 -8.43
O2N NAP L . -35.50 -20.38 -10.82
O5D NAP L . -33.88 -19.56 -9.13
C5D NAP L . -33.26 -18.84 -10.18
C4D NAP L . -32.76 -17.49 -9.68
O4D NAP L . -33.87 -16.69 -9.37
C3D NAP L . -31.95 -17.54 -8.40
O3D NAP L . -30.83 -16.73 -8.58
C2D NAP L . -32.86 -16.98 -7.32
O2D NAP L . -32.15 -16.46 -6.21
C1D NAP L . -33.64 -15.99 -8.18
N1N NAP L . -34.97 -15.57 -7.73
C2N NAP L . -35.98 -16.47 -7.53
C3N NAP L . -37.22 -16.00 -7.14
C7N NAP L . -38.43 -16.89 -7.06
O7N NAP L . -39.53 -16.33 -6.39
N7N NAP L . -38.48 -18.08 -7.64
C4N NAP L . -37.47 -14.64 -7.02
C5N NAP L . -36.44 -13.74 -7.21
C6N NAP L . -35.20 -14.23 -7.60
P2B NAP L . -29.22 -27.67 -9.96
O1X NAP L . -28.61 -28.49 -11.07
O2X NAP L . -28.44 -27.81 -8.66
O3X NAP L . -30.68 -28.03 -9.73
O17 TCU M . -33.91 -15.98 -4.56
C6 TCU M . -35.17 -16.44 -4.34
C1 TCU M . -36.21 -15.58 -3.98
C2 TCU M . -37.51 -16.07 -3.83
C16 TCU M . -38.65 -15.16 -3.43
C17 TCU M . -38.61 -14.89 -1.92
C18 TCU M . -40.05 -14.96 -1.41
C19 TCU M . -40.26 -14.32 -0.03
C20 TCU M . -39.09 -14.54 0.92
C21 TCU M . -39.53 -14.28 2.36
C3 TCU M . -37.74 -17.44 -3.93
C4 TCU M . -36.71 -18.29 -4.32
C5 TCU M . -35.42 -17.80 -4.50
O7 TCU M . -34.41 -18.63 -4.89
C8 TCU M . -33.63 -19.22 -3.95
C9 TCU M . -33.80 -19.03 -2.58
C10 TCU M . -32.98 -19.70 -1.67
C11 TCU M . -31.97 -20.53 -2.12
C12 TCU M . -31.81 -20.74 -3.49
C13 TCU M . -32.64 -20.09 -4.40
C14 TCU M . -32.45 -20.28 -5.89
N GLU N . -24.34 28.33 -19.71
CA GLU N . -22.87 28.29 -19.68
C GLU N . -22.34 26.89 -20.05
O GLU N . -23.10 26.18 -20.75
CB GLU N . -22.41 28.64 -18.26
CG GLU N . -23.35 29.69 -17.68
CD GLU N . -22.80 30.23 -16.37
OE1 GLU N . -21.58 30.46 -16.30
OE2 GLU N . -23.64 30.43 -15.47
OXT GLU N . -21.21 26.56 -19.63
PA NAP O . -36.57 19.54 -26.12
O1A NAP O . -36.34 18.89 -27.44
O2A NAP O . -36.19 20.96 -26.02
O5B NAP O . -38.05 19.23 -25.60
C5B NAP O . -38.56 19.91 -24.48
C4B NAP O . -40.05 19.90 -24.77
O4B NAP O . -40.79 20.43 -23.69
C3B NAP O . -40.42 20.72 -26.00
O3B NAP O . -41.01 19.90 -26.99
C2B NAP O . -41.46 21.69 -25.48
O2B NAP O . -42.47 22.04 -26.40
C1B NAP O . -41.97 20.93 -24.27
N9A NAP O . -42.68 21.80 -23.33
C8A NAP O . -42.12 22.65 -22.42
N7A NAP O . -43.12 23.23 -21.73
C5A NAP O . -44.30 22.81 -22.26
C6A NAP O . -45.62 23.11 -21.94
N6A NAP O . -45.87 23.97 -20.94
N1A NAP O . -46.63 22.47 -22.63
C2A NAP O . -46.32 21.53 -23.60
N3A NAP O . -45.02 21.29 -23.94
C4A NAP O . -44.03 21.90 -23.26
O3 NAP O . -35.58 18.88 -25.02
PN NAP O . -35.32 17.37 -24.55
O1N NAP O . -33.95 17.37 -24.01
O2N NAP O . -35.77 16.46 -25.62
O5D NAP O . -36.35 17.20 -23.31
C5D NAP O . -37.36 16.20 -23.27
C4D NAP O . -37.52 15.55 -21.89
O4D NAP O . -36.31 14.86 -21.65
C3D NAP O . -37.69 16.52 -20.72
O3D NAP O . -38.54 15.98 -19.75
C2D NAP O . -36.29 16.67 -20.17
O2D NAP O . -36.33 16.98 -18.79
C1D NAP O . -35.82 15.25 -20.40
N1N NAP O . -34.37 15.03 -20.35
C2N NAP O . -33.50 15.68 -21.16
C3N NAP O . -32.15 15.36 -21.02
C7N NAP O . -31.11 15.76 -22.01
O7N NAP O . -29.79 15.61 -21.59
N7N NAP O . -31.38 16.20 -23.23
C4N NAP O . -31.74 14.42 -20.10
C5N NAP O . -32.63 13.78 -19.27
C6N NAP O . -33.97 14.10 -19.43
P2B NAP O . -42.43 23.51 -27.14
O1X NAP O . -43.48 23.41 -28.23
O2X NAP O . -42.73 24.61 -26.12
O3X NAP O . -41.07 23.71 -27.77
O17 TCU P . -33.93 17.65 -18.06
C6 TCU P . -32.81 17.87 -18.78
C1 TCU P . -31.60 17.29 -18.41
C2 TCU P . -30.47 17.48 -19.21
C16 TCU P . -29.16 16.86 -18.76
C17 TCU P . -28.39 17.93 -18.00
C18 TCU P . -26.93 17.52 -17.82
C19 TCU P . -26.18 18.58 -17.00
C20 TCU P . -26.93 18.99 -15.73
C21 TCU P . -26.02 19.89 -14.91
C3 TCU P . -30.53 18.28 -20.35
C4 TCU P . -31.76 18.81 -20.74
C5 TCU P . -32.89 18.67 -19.92
O7 TCU P . -34.10 19.16 -20.30
C8 TCU P . -34.51 20.35 -19.80
C9 TCU P . -33.77 21.10 -18.88
C10 TCU P . -34.22 22.34 -18.43
C11 TCU P . -35.43 22.86 -18.91
C12 TCU P . -36.16 22.13 -19.86
C13 TCU P . -35.71 20.88 -20.28
C14 TCU P . -36.50 20.08 -21.27
PA NAP Q . -48.73 19.47 12.96
O1A NAP Q . -48.52 19.33 14.42
O2A NAP Q . -50.15 19.70 12.64
O5B NAP Q . -47.73 20.57 12.41
C5B NAP Q . -47.63 20.92 11.05
C4B NAP Q . -47.35 22.42 11.04
O4B NAP Q . -47.34 22.91 9.72
C3B NAP Q . -48.39 23.24 11.82
O3B NAP Q . -47.77 24.09 12.77
C2B NAP Q . -49.04 24.04 10.71
O2B NAP Q . -49.56 25.31 11.03
C1B NAP Q . -47.80 24.22 9.87
N9A NAP Q . -48.19 24.83 8.60
C8A NAP Q . -49.11 24.38 7.69
N7A NAP Q . -49.15 25.29 6.70
C5A NAP Q . -48.29 26.31 6.99
C6A NAP Q . -47.98 27.52 6.35
N6A NAP Q . -48.56 27.81 5.18
N1A NAP Q . -47.07 28.37 6.94
C2A NAP Q . -46.48 28.06 8.14
N3A NAP Q . -46.81 26.89 8.79
C4A NAP Q . -47.71 26.04 8.21
O3 NAP Q . -48.22 18.16 12.16
PN NAP Q . -46.89 17.29 12.39
O1N NAP Q . -47.37 15.90 12.20
O2N NAP Q . -46.18 17.75 13.61
O5D NAP Q . -46.07 17.75 11.09
C5D NAP Q . -44.81 18.39 11.17
C4D NAP Q . -43.93 17.91 10.03
O4D NAP Q . -43.63 16.54 10.18
C3D NAP Q . -44.58 18.01 8.66
O3D NAP Q . -43.56 18.39 7.76
C2D NAP Q . -45.06 16.62 8.31
O2D NAP Q . -45.19 16.41 6.91
C1D NAP Q . -43.93 15.83 8.98
N1N NAP Q . -44.17 14.41 9.29
C2N NAP Q . -45.21 14.06 10.12
C3N NAP Q . -45.43 12.73 10.49
C7N NAP Q . -46.50 12.34 11.49
O7N NAP Q . -46.85 11.00 11.59
N7N NAP Q . -47.10 13.23 12.28
C4N NAP Q . -44.52 11.77 10.02
C5N NAP Q . -43.47 12.14 9.17
C6N NAP Q . -43.30 13.48 8.81
P2B NAP Q . -51.14 25.52 11.35
O1X NAP Q . -51.23 27.01 11.55
O2X NAP Q . -52.05 25.13 10.22
O3X NAP Q . -51.55 24.79 12.61
O17 TCU R . -46.43 14.34 6.38
C6 TCU R . -47.13 13.64 7.31
C1 TCU R . -46.98 12.26 7.36
C2 TCU R . -47.72 11.51 8.27
C16 TCU R . -47.56 10.01 8.30
C17 TCU R . -48.89 9.32 8.03
C18 TCU R . -48.84 8.65 6.68
C19 TCU R . -49.51 7.29 6.79
C20 TCU R . -50.82 7.36 6.05
C21 TCU R . -50.66 7.11 4.56
C3 TCU R . -48.58 12.14 9.17
C4 TCU R . -48.70 13.52 9.16
C5 TCU R . -48.01 14.26 8.21
O7 TCU R . -48.13 15.62 8.21
C8 TCU R . -49.05 16.18 7.37
C9 TCU R . -49.84 15.40 6.52
C10 TCU R . -50.76 15.99 5.66
C11 TCU R . -50.87 17.38 5.62
C12 TCU R . -50.07 18.17 6.47
C13 TCU R . -49.16 17.58 7.34
C14 TCU R . -48.27 18.46 8.25
N GLU S . 4.49 7.49 0.69
CA GLU S . 4.05 6.84 1.94
C GLU S . 2.75 6.06 1.71
O GLU S . 2.81 5.04 0.98
CB GLU S . 3.93 7.91 3.04
CG GLU S . 3.04 7.48 4.21
CD GLU S . 3.80 6.67 5.29
OE1 GLU S . 5.04 6.72 5.27
OE2 GLU S . 3.10 6.03 6.10
OXT GLU S . 1.69 6.47 2.24
PA NAP T . 5.80 -9.13 -5.91
O1A NAP T . 5.51 -9.19 -7.37
O2A NAP T . 4.73 -8.70 -5.01
O5B NAP T . 6.43 -10.54 -5.46
C5B NAP T . 6.42 -10.99 -4.13
C4B NAP T . 6.16 -12.49 -4.25
O4B NAP T . 6.35 -13.11 -2.99
C3B NAP T . 4.74 -12.86 -4.71
O3B NAP T . 4.83 -13.63 -5.89
C2B NAP T . 4.21 -13.63 -3.54
O2B NAP T . 3.27 -14.65 -3.82
C1B NAP T . 5.48 -14.20 -2.94
N9A NAP T . 5.23 -14.66 -1.57
C8A NAP T . 5.01 -13.91 -0.45
N7A NAP T . 4.81 -14.73 0.60
C5A NAP T . 4.90 -15.99 0.17
C6A NAP T . 4.78 -17.23 0.83
N6A NAP T . 4.56 -17.31 2.14
N1A NAP T . 4.95 -18.37 0.08
C2A NAP T . 5.28 -18.32 -1.25
N3A NAP T . 5.34 -17.11 -1.89
C4A NAP T . 5.18 -15.97 -1.18
O3 NAP T . 7.01 -8.16 -5.54
PN NAP T . 8.52 -8.09 -6.07
O1N NAP T . 8.90 -6.68 -5.83
O2N NAP T . 8.61 -8.66 -7.44
O5D NAP T . 9.29 -9.07 -5.04
C5D NAP T . 10.21 -10.06 -5.50
C4D NAP T . 11.47 -10.06 -4.65
O4D NAP T . 12.31 -8.96 -4.97
C3D NAP T . 11.18 -9.86 -3.17
O3D NAP T . 12.21 -10.51 -2.47
C2D NAP T . 11.45 -8.41 -2.87
O2D NAP T . 11.87 -8.32 -1.55
C1D NAP T . 12.64 -8.24 -3.79
N1N NAP T . 13.00 -6.83 -4.09
C2N NAP T . 12.08 -6.02 -4.69
C3N NAP T . 12.41 -4.72 -5.04
C7N NAP T . 11.37 -3.83 -5.66
O7N NAP T . 11.66 -2.49 -5.68
N7N NAP T . 10.21 -4.25 -6.16
C4N NAP T . 13.69 -4.23 -4.78
C5N NAP T . 14.64 -5.07 -4.21
C6N NAP T . 14.27 -6.36 -3.83
P2B NAP T . 1.68 -14.45 -3.60
O1X NAP T . 1.09 -15.60 -4.35
O2X NAP T . 1.26 -14.37 -2.15
O3X NAP T . 1.26 -13.13 -4.19
O17 TCU U . 12.24 -5.82 -0.85
C6 TCU U . 11.65 -4.79 -1.54
C1 TCU U . 12.34 -3.60 -1.72
C2 TCU U . 11.77 -2.55 -2.44
C16 TCU U . 12.58 -1.28 -2.58
C17 TCU U . 12.19 -0.43 -1.38
C18 TCU U . 12.27 1.06 -1.67
C19 TCU U . 12.76 1.76 -0.39
C20 TCU U . 11.60 2.04 0.54
C21 TCU U . 12.12 2.63 1.84
C3 TCU U . 10.47 -2.67 -2.95
C4 TCU U . 9.78 -3.87 -2.78
C5 TCU U . 10.35 -4.92 -2.07
O7 TCU U . 9.67 -6.10 -1.88
C8 TCU U . 8.94 -6.31 -0.74
C9 TCU U . 8.86 -5.34 0.26
C10 TCU U . 8.07 -5.53 1.38
C11 TCU U . 7.34 -6.70 1.52
C12 TCU U . 7.43 -7.68 0.52
C13 TCU U . 8.23 -7.49 -0.59
C14 TCU U . 8.27 -8.56 -1.66
N GLU V . 34.14 -30.38 15.44
CA GLU V . 33.45 -30.25 16.74
C GLU V . 34.45 -29.89 17.85
O GLU V . 33.98 -29.68 18.99
CB GLU V . 32.71 -31.55 17.08
CG GLU V . 32.31 -32.33 15.83
CD GLU V . 31.29 -31.56 14.98
OE1 GLU V . 31.73 -30.74 14.14
OE2 GLU V . 30.08 -31.79 15.19
OXT GLU V . 35.66 -29.80 17.51
PA NAP W . 27.78 -17.17 27.64
O1A NAP W . 28.52 -16.93 28.92
O2A NAP W . 27.32 -18.56 27.47
O5B NAP W . 26.57 -16.14 27.47
C5B NAP W . 25.38 -16.52 26.82
C4B NAP W . 24.28 -15.81 27.57
O4B NAP W . 23.09 -15.88 26.81
C3B NAP W . 23.98 -16.51 28.89
O3B NAP W . 24.18 -15.64 29.97
C2B NAP W . 22.51 -16.84 28.75
O2B NAP W . 21.81 -16.80 29.97
C1B NAP W . 22.03 -15.83 27.72
N9A NAP W . 20.77 -16.23 27.08
C8A NAP W . 20.56 -17.19 26.12
N7A NAP W . 19.23 -17.22 25.84
C5A NAP W . 18.59 -16.32 26.63
C6A NAP W . 17.26 -15.97 26.81
N6A NAP W . 16.29 -16.58 26.11
N1A NAP W . 16.91 -14.97 27.69
C2A NAP W . 17.89 -14.34 28.44
N3A NAP W . 19.21 -14.72 28.26
C4A NAP W . 19.56 -15.68 27.40
O3 NAP W . 28.67 -16.96 26.32
PN NAP W . 29.29 -15.68 25.61
O1N NAP W . 30.29 -16.20 24.64
O2N NAP W . 29.67 -14.75 26.70
O5D NAP W . 28.00 -15.04 24.88
C5D NAP W . 27.68 -13.67 25.02
C4D NAP W . 27.54 -12.95 23.68
O4D NAP W . 28.80 -12.96 23.06
C3D NAP W . 26.62 -13.64 22.69
O3D NAP W . 25.84 -12.65 22.08
C2D NAP W . 27.57 -14.33 21.71
O2D NAP W . 26.97 -14.47 20.44
C1D NAP W . 28.68 -13.30 21.72
N1N NAP W . 30.00 -13.73 21.24
C2N NAP W . 30.69 -14.71 21.86
C3N NAP W . 31.93 -15.07 21.35
C7N NAP W . 32.81 -16.06 22.06
O7N NAP W . 33.90 -16.48 21.31
N7N NAP W . 32.61 -16.47 23.32
C4N NAP W . 32.46 -14.40 20.26
C5N NAP W . 31.75 -13.40 19.63
C6N NAP W . 30.51 -13.08 20.15
P2B NAP W . 21.38 -18.15 30.78
O1X NAP W . 20.76 -17.67 32.08
O2X NAP W . 20.34 -18.93 30.03
O3X NAP W . 22.64 -18.93 31.08
O17 TCU X . 28.48 -16.00 19.12
C6 TCU X . 29.51 -16.76 19.53
C1 TCU X . 30.73 -16.77 18.82
C2 TCU X . 31.79 -17.58 19.23
C16 TCU X . 33.05 -17.63 18.42
C17 TCU X . 32.76 -18.58 17.25
C18 TCU X . 33.94 -19.54 17.15
C19 TCU X . 34.31 -19.95 15.73
C20 TCU X . 33.34 -20.98 15.18
C21 TCU X . 33.67 -21.27 13.71
C3 TCU X . 31.63 -18.41 20.33
C4 TCU X . 30.44 -18.37 21.05
C5 TCU X . 29.35 -17.61 20.63
O7 TCU X . 28.20 -17.57 21.36
C8 TCU X . 27.19 -18.45 21.12
C9 TCU X . 27.25 -19.34 20.06
C10 TCU X . 26.19 -20.22 19.85
C11 TCU X . 25.10 -20.23 20.71
C12 TCU X . 25.03 -19.33 21.78
C13 TCU X . 26.08 -18.44 21.97
C14 TCU X . 25.96 -17.43 23.10
N GLU Y . 30.46 25.40 -7.36
CA GLU Y . 31.90 25.37 -7.05
C GLU Y . 32.49 24.12 -7.70
O GLU Y . 32.03 23.02 -7.33
CB GLU Y . 32.17 25.32 -5.54
CG GLU Y . 30.97 24.75 -4.77
CD GLU Y . 31.08 25.18 -3.30
OE1 GLU Y . 32.23 25.17 -2.81
OE2 GLU Y . 30.04 25.56 -2.72
OXT GLU Y . 33.38 24.30 -8.57
PA NAP Z . 43.48 21.10 7.94
O1A NAP Z . 43.24 21.71 9.29
O2A NAP Z . 43.60 21.97 6.78
O5B NAP Z . 44.76 20.16 7.96
C5B NAP Z . 45.32 19.65 6.79
C4B NAP Z . 46.74 19.46 7.26
O4B NAP Z . 47.45 18.74 6.30
C3B NAP Z . 47.46 20.79 7.47
O3B NAP Z . 47.97 20.88 8.80
C2B NAP Z . 48.63 20.66 6.52
O2B NAP Z . 49.78 21.28 7.04
C1B NAP Z . 48.78 19.16 6.36
N9A NAP Z . 49.54 18.81 5.15
C8A NAP Z . 49.19 18.84 3.83
N7A NAP Z . 50.26 18.44 3.09
C5A NAP Z . 51.30 18.20 3.94
C6A NAP Z . 52.63 17.81 3.74
N6A NAP Z . 53.09 17.57 2.50
N1A NAP Z . 53.46 17.66 4.83
C2A NAP Z . 52.96 17.87 6.10
N3A NAP Z . 51.67 18.29 6.30
C4A NAP Z . 50.85 18.43 5.23
O3 NAP Z . 42.22 20.15 7.58
PN NAP Z . 41.60 18.86 8.32
O1N NAP Z . 40.25 18.77 7.77
O2N NAP Z . 41.80 19.02 9.79
O5D NAP Z . 42.59 17.70 7.80
C5D NAP Z . 43.04 16.65 8.63
C4D NAP Z . 42.71 15.26 8.13
O4D NAP Z . 41.33 15.02 8.30
C3D NAP Z . 42.97 15.09 6.64
O3D NAP Z . 43.60 13.85 6.46
C2D NAP Z . 41.60 15.09 5.99
O2D NAP Z . 41.62 14.30 4.84
C1D NAP Z . 40.80 14.46 7.12
N1N NAP Z . 39.33 14.66 7.11
C2N NAP Z . 38.74 15.89 7.10
C3N NAP Z . 37.36 15.96 7.12
C7N NAP Z . 36.66 17.26 7.38
O7N NAP Z . 35.30 17.28 7.11
N7N NAP Z . 37.29 18.34 7.82
C4N NAP Z . 36.56 14.83 7.12
C5N NAP Z . 37.17 13.59 7.10
C6N NAP Z . 38.55 13.54 7.10
P2B NAP Z . 50.30 22.71 6.45
O1X NAP Z . 51.46 23.10 7.35
O2X NAP Z . 50.79 22.48 5.03
O3X NAP Z . 49.23 23.76 6.54
O17 TCU AA . 39.32 14.69 3.57
C6 TCU AA . 38.48 15.73 3.82
C1 TCU AA . 37.11 15.48 3.85
C2 TCU AA . 36.21 16.50 4.12
C16 TCU AA . 34.72 16.19 4.11
C17 TCU AA . 34.26 16.24 2.66
C18 TCU AA . 32.81 16.68 2.64
C19 TCU AA . 32.17 16.04 1.42
C20 TCU AA . 32.44 16.80 0.13
C21 TCU AA . 32.12 15.91 -1.09
C3 TCU AA . 36.68 17.81 4.28
C4 TCU AA . 38.05 18.03 4.29
C5 TCU AA . 38.97 17.01 4.01
O7 TCU AA . 40.31 17.25 4.04
C8 TCU AA . 40.93 17.55 2.85
C9 TCU AA . 40.23 17.54 1.65
C10 TCU AA . 40.88 17.86 0.45
C11 TCU AA . 42.24 18.18 0.45
C12 TCU AA . 42.95 18.18 1.66
C13 TCU AA . 42.29 17.88 2.86
C14 TCU AA . 43.06 17.91 4.16
PA NAP BA . 50.28 -10.52 -16.86
O1A NAP BA . 49.87 -11.55 -17.85
O2A NAP BA . 51.71 -10.53 -16.53
O5B NAP BA . 49.73 -9.15 -17.44
C5B NAP BA . 50.02 -7.89 -16.88
C4B NAP BA . 50.03 -6.92 -18.04
O4B NAP BA . 50.19 -5.61 -17.58
C3B NAP BA . 51.17 -7.25 -19.01
O3B NAP BA . 50.68 -7.44 -20.32
C2B NAP BA . 52.05 -6.03 -18.92
O2B NAP BA . 52.63 -5.69 -20.16
C1B NAP BA . 51.00 -5.00 -18.54
N9A NAP BA . 51.67 -3.79 -18.04
C8A NAP BA . 52.47 -3.65 -16.95
N7A NAP BA . 52.90 -2.36 -16.92
C5A NAP BA . 52.39 -1.68 -17.99
C6A NAP BA . 52.52 -0.37 -18.44
N6A NAP BA . 53.26 0.54 -17.78
N1A NAP BA . 51.82 0.01 -19.57
C2A NAP BA . 51.06 -0.91 -20.27
N3A NAP BA . 50.94 -2.23 -19.83
C4A NAP BA . 51.61 -2.59 -18.70
O3 NAP BA . 49.51 -10.70 -15.44
PN NAP BA . 47.96 -10.97 -15.16
O1N NAP BA . 47.99 -11.68 -13.88
O2N NAP BA . 47.28 -11.56 -16.34
O5D NAP BA . 47.47 -9.45 -14.92
C5D NAP BA . 46.23 -8.98 -15.40
C4D NAP BA . 45.49 -8.19 -14.32
O4D NAP BA . 44.93 -9.11 -13.42
C3D NAP BA . 46.36 -7.29 -13.46
O3D NAP BA . 45.62 -6.11 -13.16
C2D NAP BA . 46.52 -8.06 -12.18
O2D NAP BA . 46.76 -7.20 -11.12
C1D NAP BA . 45.13 -8.67 -12.08
N1N NAP BA . 44.97 -9.82 -11.17
C2N NAP BA . 45.75 -10.92 -11.36
C3N NAP BA . 45.61 -12.03 -10.57
C7N NAP BA . 46.36 -13.28 -10.92
O7N NAP BA . 46.22 -14.35 -10.04
N7N NAP BA . 47.10 -13.41 -12.03
C4N NAP BA . 44.61 -12.06 -9.58
C5N NAP BA . 43.78 -10.95 -9.43
C6N NAP BA . 43.99 -9.83 -10.21
P2B NAP BA . 54.15 -5.99 -20.66
O1X NAP BA . 53.98 -5.84 -22.15
O2X NAP BA . 55.17 -5.02 -20.13
O3X NAP BA . 54.66 -7.34 -20.21
O17 TCU CA . 47.25 -8.45 -8.89
C6 TCU CA . 47.71 -9.73 -8.91
C1 TCU CA . 47.19 -10.62 -7.99
C2 TCU CA . 47.57 -11.96 -8.00
C16 TCU CA . 47.05 -12.91 -6.93
C17 TCU CA . 47.93 -12.76 -5.67
C18 TCU CA . 48.27 -14.11 -5.08
C19 TCU CA . 48.82 -14.13 -3.63
C20 TCU CA . 48.94 -12.81 -2.93
C21 TCU CA . 49.96 -13.00 -1.77
C3 TCU CA . 48.51 -12.39 -8.93
C4 TCU CA . 49.03 -11.50 -9.87
C5 TCU CA . 48.66 -10.17 -9.85
O7 TCU CA . 49.16 -9.34 -10.81
C8 TCU CA . 50.28 -8.62 -10.56
C9 TCU CA . 50.93 -8.69 -9.35
C10 TCU CA . 52.11 -7.99 -9.11
C11 TCU CA . 52.64 -7.18 -10.11
C12 TCU CA . 52.01 -7.12 -11.35
C13 TCU CA . 50.83 -7.83 -11.57
C14 TCU CA . 50.17 -7.73 -12.95
#